data_7KLM
#
_entry.id   7KLM
#
_cell.length_a   53.680
_cell.length_b   289.270
_cell.length_c   67.430
_cell.angle_alpha   90.000
_cell.angle_beta   90.580
_cell.angle_gamma   90.000
#
_symmetry.space_group_name_H-M   'P 1 21 1'
#
loop_
_entity.id
_entity.type
_entity.pdbx_description
1 polymer Arginase-1
2 non-polymer 'MANGANESE (II) ION'
3 non-polymer 3-[(2~{S},3~{R},4~{R})-4-[[(2~{S})-2-azanyl-3-methyl-butanoyl]amino]-2-carboxy-pyrrolidin-3-yl]propyl-$l^{3}-oxidanyl-bis(oxidanyl)boron
4 water water
#
_entity_poly.entity_id   1
_entity_poly.type   'polypeptide(L)'
_entity_poly.pdbx_seq_one_letter_code
;MSAKSRTIGIIGAPFSKGQPRGGVEEGPTVLRKAGLLEKLKEQECDVKDYGDLPFADIPNDSPFQIVKNPRSVGKASEQL
AGKVAEVKKNGRISLVLGGDHSLAIGSISGHARVHPDLGVIWVDAHTDINTPLTTTSGNLHGQPVSFLLKELKGKIPDVP
GFSWVTPCISAKDIVYIGLRDVDPGEHYILKTLGIKYFSMTEVDRLGIGKVMEETLSYLLGRKKRPIHLSFDVDGLDPSF
TPATGTPVVGGLTYREGLYITEEIYKTGLLSGLDIMEVNPSLGKTPEEVTRTVNTAVAITLACFGLAREGNHKPIDYLNP
PK
;
_entity_poly.pdbx_strand_id   A,B,C,D,E,F
#
# COMPACT_ATOMS: atom_id res chain seq x y z
N ALA A 3 -44.02 -22.35 4.80
CA ALA A 3 -43.12 -21.25 4.44
C ALA A 3 -41.93 -21.76 3.64
N LYS A 4 -41.40 -20.93 2.73
CA LYS A 4 -40.25 -21.26 1.84
C LYS A 4 -39.01 -21.79 2.59
N SER A 5 -38.70 -21.20 3.77
CA SER A 5 -37.56 -21.60 4.60
C SER A 5 -37.84 -22.85 5.45
N ARG A 6 -39.09 -23.35 5.46
CA ARG A 6 -39.46 -24.58 6.17
C ARG A 6 -40.03 -25.64 5.19
N THR A 7 -39.56 -25.61 3.93
CA THR A 7 -39.93 -26.54 2.83
C THR A 7 -38.64 -27.27 2.41
N ILE A 8 -38.51 -28.53 2.86
CA ILE A 8 -37.31 -29.36 2.75
C ILE A 8 -37.37 -30.67 1.90
N GLY A 9 -36.27 -30.91 1.18
CA GLY A 9 -35.98 -32.12 0.41
C GLY A 9 -34.84 -32.89 1.08
N ILE A 10 -35.16 -34.01 1.75
CA ILE A 10 -34.20 -34.87 2.48
C ILE A 10 -33.41 -35.77 1.56
N ILE A 11 -32.08 -35.62 1.55
CA ILE A 11 -31.24 -36.53 0.79
C ILE A 11 -30.27 -37.21 1.77
N GLY A 12 -30.25 -38.53 1.75
CA GLY A 12 -29.27 -39.28 2.52
C GLY A 12 -28.10 -39.65 1.62
N ALA A 13 -26.88 -39.44 2.12
CA ALA A 13 -25.66 -39.77 1.40
C ALA A 13 -24.79 -40.74 2.23
N PRO A 14 -25.10 -42.05 2.20
CA PRO A 14 -24.29 -43.01 2.97
C PRO A 14 -22.96 -43.35 2.27
N PHE A 15 -22.01 -42.37 2.26
CA PHE A 15 -20.71 -42.47 1.58
C PHE A 15 -19.52 -42.11 2.48
N SER A 16 -18.47 -42.95 2.50
CA SER A 16 -17.28 -42.78 3.32
C SER A 16 -15.92 -42.80 2.59
N LYS A 17 -15.87 -43.04 1.25
CA LYS A 17 -14.58 -43.16 0.53
C LYS A 17 -13.76 -41.84 0.29
N GLY A 18 -14.24 -40.71 0.82
CA GLY A 18 -13.53 -39.42 0.78
C GLY A 18 -12.54 -39.31 1.93
N GLN A 19 -12.57 -40.30 2.85
CA GLN A 19 -11.67 -40.40 4.01
C GLN A 19 -11.36 -41.90 4.37
N PRO A 20 -10.35 -42.23 5.21
CA PRO A 20 -10.06 -43.64 5.47
C PRO A 20 -10.84 -44.34 6.59
N ARG A 21 -11.47 -43.59 7.50
CA ARG A 21 -12.16 -44.11 8.70
C ARG A 21 -13.61 -44.60 8.44
N GLY A 22 -13.82 -45.92 8.56
CA GLY A 22 -15.13 -46.55 8.38
C GLY A 22 -16.15 -46.15 9.42
N GLY A 23 -17.39 -45.97 9.00
CA GLY A 23 -18.50 -45.60 9.90
C GLY A 23 -19.25 -44.32 9.60
N VAL A 24 -18.63 -43.38 8.82
CA VAL A 24 -19.27 -42.09 8.47
C VAL A 24 -20.47 -42.33 7.51
N GLU A 25 -20.49 -43.50 6.79
CA GLU A 25 -21.59 -43.88 5.91
C GLU A 25 -22.88 -44.20 6.70
N GLU A 26 -22.78 -44.33 8.03
CA GLU A 26 -23.95 -44.63 8.88
C GLU A 26 -24.52 -43.38 9.51
N GLY A 27 -24.01 -42.23 9.09
CA GLY A 27 -24.50 -40.91 9.48
C GLY A 27 -25.96 -40.71 9.10
N PRO A 28 -26.37 -40.99 7.82
CA PRO A 28 -27.81 -40.90 7.48
C PRO A 28 -28.70 -41.82 8.33
N THR A 29 -28.24 -43.05 8.64
CA THR A 29 -28.97 -44.03 9.47
C THR A 29 -29.30 -43.47 10.88
N VAL A 30 -28.28 -43.01 11.60
CA VAL A 30 -28.33 -42.55 12.97
C VAL A 30 -29.12 -41.21 13.11
N LEU A 31 -29.00 -40.26 12.15
CA LEU A 31 -29.75 -38.99 12.13
C LEU A 31 -31.23 -39.26 11.92
N ARG A 32 -31.55 -40.24 11.04
CA ARG A 32 -32.91 -40.70 10.77
C ARG A 32 -33.49 -41.40 12.02
N LYS A 33 -32.70 -42.30 12.66
CA LYS A 33 -33.08 -43.04 13.87
C LYS A 33 -33.38 -42.12 15.06
N ALA A 34 -32.65 -41.00 15.17
CA ALA A 34 -32.84 -39.97 16.20
C ALA A 34 -34.13 -39.16 15.93
N GLY A 35 -34.81 -39.49 14.82
CA GLY A 35 -36.07 -38.89 14.42
C GLY A 35 -36.03 -37.47 13.92
N LEU A 36 -35.03 -37.12 13.09
CA LEU A 36 -34.89 -35.78 12.50
C LEU A 36 -36.12 -35.35 11.67
N LEU A 37 -36.64 -36.27 10.83
CA LEU A 37 -37.78 -36.02 9.94
C LEU A 37 -39.09 -35.78 10.68
N GLU A 38 -39.32 -36.53 11.77
CA GLU A 38 -40.50 -36.44 12.63
C GLU A 38 -40.44 -35.12 13.40
N LYS A 39 -39.24 -34.71 13.87
CA LYS A 39 -39.02 -33.46 14.61
C LYS A 39 -39.18 -32.22 13.70
N LEU A 40 -38.83 -32.34 12.40
CA LEU A 40 -38.98 -31.24 11.43
C LEU A 40 -40.46 -30.97 11.15
N LYS A 41 -41.27 -32.03 10.91
CA LYS A 41 -42.72 -31.91 10.64
C LYS A 41 -43.49 -31.29 11.84
N GLU A 42 -43.02 -31.54 13.08
CA GLU A 42 -43.57 -30.96 14.32
C GLU A 42 -43.21 -29.45 14.45
N GLN A 43 -42.24 -28.99 13.65
CA GLN A 43 -41.70 -27.62 13.62
C GLN A 43 -42.34 -26.79 12.49
N GLU A 44 -43.47 -27.30 11.94
CA GLU A 44 -44.28 -26.73 10.84
C GLU A 44 -43.58 -26.81 9.46
N CYS A 45 -42.69 -27.81 9.29
CA CYS A 45 -41.96 -28.04 8.04
C CYS A 45 -42.72 -28.94 7.03
N ASP A 46 -42.59 -28.62 5.71
CA ASP A 46 -43.12 -29.40 4.59
C ASP A 46 -41.91 -30.26 4.17
N VAL A 47 -41.94 -31.53 4.58
CA VAL A 47 -40.82 -32.45 4.37
C VAL A 47 -41.14 -33.60 3.42
N LYS A 48 -40.35 -33.70 2.33
CA LYS A 48 -40.40 -34.78 1.34
C LYS A 48 -39.08 -35.55 1.47
N ASP A 49 -39.16 -36.87 1.48
CA ASP A 49 -37.99 -37.74 1.62
C ASP A 49 -37.54 -38.29 0.25
N TYR A 50 -36.30 -37.97 -0.14
CA TYR A 50 -35.78 -38.40 -1.45
C TYR A 50 -34.93 -39.66 -1.35
N GLY A 51 -34.92 -40.24 -0.15
CA GLY A 51 -34.23 -41.48 0.17
C GLY A 51 -32.73 -41.39 0.22
N ASP A 52 -32.08 -42.50 0.65
CA ASP A 52 -30.63 -42.57 0.76
C ASP A 52 -30.03 -43.10 -0.55
N LEU A 53 -29.22 -42.26 -1.23
CA LEU A 53 -28.58 -42.56 -2.51
C LEU A 53 -27.82 -43.88 -2.55
N PRO A 54 -28.03 -44.74 -3.59
CA PRO A 54 -27.25 -45.98 -3.67
C PRO A 54 -25.91 -45.74 -4.38
N PHE A 55 -24.79 -46.00 -3.70
CA PHE A 55 -23.48 -45.80 -4.31
C PHE A 55 -22.87 -47.10 -4.75
N ALA A 56 -22.78 -47.28 -6.07
CA ALA A 56 -22.23 -48.48 -6.70
C ALA A 56 -20.73 -48.60 -6.42
N ASP A 57 -20.33 -49.71 -5.78
CA ASP A 57 -18.96 -50.05 -5.42
C ASP A 57 -18.15 -50.25 -6.70
N ILE A 58 -17.15 -49.37 -6.91
CA ILE A 58 -16.32 -49.33 -8.11
C ILE A 58 -15.08 -50.22 -7.99
N PRO A 59 -15.00 -51.29 -8.81
CA PRO A 59 -13.80 -52.14 -8.79
C PRO A 59 -12.67 -51.51 -9.61
N ASN A 60 -11.41 -51.80 -9.22
CA ASN A 60 -10.17 -51.30 -9.82
C ASN A 60 -10.07 -49.76 -9.73
N ASP A 61 -10.48 -49.21 -8.57
CA ASP A 61 -10.41 -47.76 -8.36
C ASP A 61 -8.99 -47.39 -7.99
N SER A 62 -8.14 -47.31 -9.02
CA SER A 62 -6.73 -46.97 -8.95
C SER A 62 -6.57 -45.52 -8.48
N PRO A 63 -5.62 -45.24 -7.57
CA PRO A 63 -5.47 -43.85 -7.11
C PRO A 63 -4.85 -42.94 -8.16
N PHE A 64 -5.16 -41.63 -8.07
CA PHE A 64 -4.53 -40.65 -8.95
C PHE A 64 -3.45 -40.07 -8.04
N GLN A 65 -2.17 -40.41 -8.31
CA GLN A 65 -1.01 -40.00 -7.49
C GLN A 65 -1.20 -40.55 -6.03
N ILE A 66 -1.43 -39.67 -5.05
CA ILE A 66 -1.66 -40.06 -3.65
C ILE A 66 -3.17 -40.09 -3.30
N VAL A 67 -4.01 -39.53 -4.19
CA VAL A 67 -5.48 -39.38 -4.07
C VAL A 67 -6.21 -40.74 -4.17
N LYS A 68 -6.71 -41.23 -3.01
CA LYS A 68 -7.40 -42.52 -2.89
C LYS A 68 -8.85 -42.50 -3.39
N ASN A 69 -9.24 -43.56 -4.14
CA ASN A 69 -10.59 -43.79 -4.72
C ASN A 69 -11.17 -42.57 -5.51
N PRO A 70 -10.54 -42.08 -6.61
CA PRO A 70 -11.10 -40.89 -7.30
C PRO A 70 -12.43 -41.11 -8.04
N ARG A 71 -12.61 -42.31 -8.62
CA ARG A 71 -13.83 -42.66 -9.35
C ARG A 71 -15.04 -42.80 -8.42
N SER A 72 -14.84 -43.41 -7.23
CA SER A 72 -15.89 -43.58 -6.21
C SER A 72 -16.40 -42.23 -5.69
N VAL A 73 -15.46 -41.36 -5.25
CA VAL A 73 -15.72 -39.99 -4.77
C VAL A 73 -16.33 -39.14 -5.89
N GLY A 74 -15.80 -39.27 -7.09
CA GLY A 74 -16.27 -38.55 -8.27
C GLY A 74 -17.66 -38.93 -8.73
N LYS A 75 -18.02 -40.22 -8.66
CA LYS A 75 -19.36 -40.68 -9.07
C LYS A 75 -20.40 -40.35 -8.01
N ALA A 76 -20.06 -40.50 -6.71
CA ALA A 76 -20.95 -40.21 -5.59
C ALA A 76 -21.36 -38.73 -5.57
N SER A 77 -20.42 -37.81 -5.91
CA SER A 77 -20.71 -36.37 -6.01
C SER A 77 -21.54 -36.11 -7.26
N GLU A 78 -21.19 -36.78 -8.38
CA GLU A 78 -21.95 -36.70 -9.64
C GLU A 78 -23.43 -37.10 -9.42
N GLN A 79 -23.66 -38.17 -8.65
CA GLN A 79 -24.97 -38.69 -8.30
C GLN A 79 -25.75 -37.67 -7.42
N LEU A 80 -25.08 -37.13 -6.37
CA LEU A 80 -25.67 -36.15 -5.46
C LEU A 80 -25.96 -34.83 -6.18
N ALA A 81 -25.12 -34.42 -7.13
CA ALA A 81 -25.33 -33.20 -7.91
C ALA A 81 -26.66 -33.24 -8.67
N GLY A 82 -27.00 -34.44 -9.18
CA GLY A 82 -28.24 -34.68 -9.90
C GLY A 82 -29.46 -34.54 -9.01
N LYS A 83 -29.42 -35.22 -7.86
CA LYS A 83 -30.43 -35.28 -6.81
C LYS A 83 -30.71 -33.91 -6.19
N VAL A 84 -29.66 -33.12 -5.90
CA VAL A 84 -29.79 -31.76 -5.35
C VAL A 84 -30.47 -30.84 -6.36
N ALA A 85 -30.05 -30.87 -7.65
CA ALA A 85 -30.62 -30.05 -8.73
C ALA A 85 -32.13 -30.32 -8.84
N GLU A 86 -32.49 -31.62 -8.76
CA GLU A 86 -33.84 -32.15 -8.79
C GLU A 86 -34.64 -31.59 -7.64
N VAL A 87 -34.06 -31.58 -6.40
CA VAL A 87 -34.69 -31.03 -5.18
C VAL A 87 -34.90 -29.52 -5.32
N LYS A 88 -33.86 -28.82 -5.82
CA LYS A 88 -33.89 -27.38 -6.02
C LYS A 88 -34.96 -26.96 -7.03
N LYS A 89 -35.08 -27.73 -8.13
CA LYS A 89 -36.07 -27.52 -9.18
C LYS A 89 -37.51 -27.63 -8.67
N ASN A 90 -37.75 -28.52 -7.70
CA ASN A 90 -39.07 -28.67 -7.09
C ASN A 90 -39.33 -27.73 -5.84
N GLY A 91 -38.65 -26.58 -5.81
CA GLY A 91 -38.80 -25.51 -4.81
C GLY A 91 -38.55 -25.85 -3.36
N ARG A 92 -37.66 -26.80 -3.10
CA ARG A 92 -37.34 -27.23 -1.76
C ARG A 92 -35.90 -26.93 -1.42
N ILE A 93 -35.62 -26.85 -0.13
CA ILE A 93 -34.28 -26.66 0.40
C ILE A 93 -33.73 -28.08 0.52
N SER A 94 -32.64 -28.35 -0.19
CA SER A 94 -31.97 -29.64 -0.15
C SER A 94 -31.18 -29.79 1.14
N LEU A 95 -31.48 -30.84 1.90
CA LEU A 95 -30.85 -31.19 3.17
C LEU A 95 -30.17 -32.56 3.05
N VAL A 96 -28.84 -32.50 2.91
CA VAL A 96 -27.98 -33.66 2.73
C VAL A 96 -27.45 -34.15 4.09
N LEU A 97 -27.71 -35.46 4.36
CA LEU A 97 -27.29 -36.20 5.54
C LEU A 97 -26.12 -37.10 5.12
N GLY A 98 -24.90 -36.68 5.46
CA GLY A 98 -23.69 -37.43 5.15
C GLY A 98 -23.31 -38.37 6.28
N GLY A 99 -22.20 -39.12 6.11
CA GLY A 99 -21.33 -39.11 4.94
C GLY A 99 -20.25 -38.04 5.01
N ASP A 100 -19.03 -38.36 4.52
CA ASP A 100 -17.86 -37.47 4.53
C ASP A 100 -18.07 -36.18 3.74
N HIS A 101 -17.26 -35.14 4.01
CA HIS A 101 -17.36 -33.80 3.39
C HIS A 101 -16.99 -33.69 1.90
N SER A 102 -16.41 -34.73 1.25
CA SER A 102 -16.10 -34.66 -0.19
C SER A 102 -17.37 -34.47 -1.02
N LEU A 103 -18.51 -34.93 -0.46
CA LEU A 103 -19.84 -34.87 -1.09
C LEU A 103 -20.34 -33.45 -1.30
N ALA A 104 -19.66 -32.46 -0.70
CA ALA A 104 -19.99 -31.05 -0.89
C ALA A 104 -19.68 -30.61 -2.34
N ILE A 105 -18.77 -31.33 -3.05
CA ILE A 105 -18.51 -31.07 -4.49
C ILE A 105 -19.87 -31.15 -5.21
N GLY A 106 -20.53 -32.30 -5.07
CA GLY A 106 -21.82 -32.57 -5.70
C GLY A 106 -22.97 -31.77 -5.13
N SER A 107 -22.95 -31.54 -3.81
CA SER A 107 -24.00 -30.78 -3.15
C SER A 107 -24.12 -29.34 -3.67
N ILE A 108 -22.99 -28.61 -3.65
CA ILE A 108 -22.86 -27.21 -4.07
C ILE A 108 -23.02 -27.05 -5.59
N SER A 109 -22.42 -27.98 -6.39
CA SER A 109 -22.50 -27.98 -7.86
C SER A 109 -23.94 -28.10 -8.29
N GLY A 110 -24.65 -29.06 -7.69
CA GLY A 110 -26.06 -29.33 -7.92
C GLY A 110 -26.94 -28.13 -7.63
N HIS A 111 -26.71 -27.51 -6.47
CA HIS A 111 -27.42 -26.31 -6.00
C HIS A 111 -27.16 -25.11 -6.93
N ALA A 112 -25.87 -24.90 -7.36
CA ALA A 112 -25.48 -23.81 -8.27
C ALA A 112 -26.04 -23.97 -9.70
N ARG A 113 -26.44 -25.19 -10.09
CA ARG A 113 -27.04 -25.46 -11.41
C ARG A 113 -28.41 -24.76 -11.50
N VAL A 114 -29.13 -24.70 -10.36
CA VAL A 114 -30.46 -24.10 -10.26
C VAL A 114 -30.37 -22.65 -9.73
N HIS A 115 -29.47 -22.41 -8.75
CA HIS A 115 -29.24 -21.06 -8.20
C HIS A 115 -27.77 -20.62 -8.38
N PRO A 116 -27.34 -20.23 -9.62
CA PRO A 116 -25.92 -19.86 -9.83
C PRO A 116 -25.37 -18.65 -9.06
N ASP A 117 -26.24 -17.88 -8.40
CA ASP A 117 -25.89 -16.70 -7.58
C ASP A 117 -25.70 -17.03 -6.09
N LEU A 118 -25.66 -18.35 -5.72
CA LEU A 118 -25.53 -18.80 -4.32
C LEU A 118 -24.27 -18.30 -3.59
N GLY A 119 -24.41 -18.12 -2.29
CA GLY A 119 -23.34 -17.74 -1.37
C GLY A 119 -23.10 -18.85 -0.36
N VAL A 120 -21.83 -19.22 -0.13
CA VAL A 120 -21.47 -20.35 0.75
C VAL A 120 -20.92 -19.94 2.13
N ILE A 121 -21.48 -20.54 3.18
CA ILE A 121 -20.98 -20.46 4.56
C ILE A 121 -20.46 -21.87 4.81
N TRP A 122 -19.16 -21.99 5.15
CA TRP A 122 -18.50 -23.26 5.42
C TRP A 122 -18.11 -23.26 6.89
N VAL A 123 -18.87 -23.98 7.73
CA VAL A 123 -18.63 -24.08 9.16
C VAL A 123 -17.84 -25.36 9.40
N ASP A 124 -16.58 -25.19 9.85
CA ASP A 124 -15.63 -26.27 9.94
C ASP A 124 -14.36 -25.83 10.67
N ALA A 125 -13.63 -26.82 11.25
CA ALA A 125 -12.31 -26.63 11.88
C ALA A 125 -11.29 -26.50 10.75
N HIS A 126 -11.66 -27.01 9.56
CA HIS A 126 -10.81 -27.08 8.38
C HIS A 126 -11.30 -26.25 7.18
N THR A 127 -10.35 -25.94 6.28
CA THR A 127 -10.59 -25.21 5.03
C THR A 127 -11.00 -26.15 3.87
N ASP A 128 -10.59 -27.44 3.92
CA ASP A 128 -10.89 -28.48 2.90
C ASP A 128 -10.66 -28.00 1.45
N ILE A 129 -9.68 -27.12 1.25
CA ILE A 129 -9.36 -26.41 0.00
C ILE A 129 -8.07 -26.94 -0.66
N ASN A 130 -7.56 -28.10 -0.17
CA ASN A 130 -6.37 -28.76 -0.72
C ASN A 130 -6.62 -29.15 -2.16
N THR A 131 -5.62 -29.04 -3.01
CA THR A 131 -5.81 -29.47 -4.40
C THR A 131 -5.33 -30.90 -4.49
N PRO A 132 -5.69 -31.70 -5.54
CA PRO A 132 -5.13 -33.05 -5.66
C PRO A 132 -3.60 -33.12 -5.69
N LEU A 133 -2.93 -31.96 -5.83
CA LEU A 133 -1.47 -31.85 -5.84
C LEU A 133 -0.88 -31.30 -4.53
N THR A 134 -1.62 -30.44 -3.79
CA THR A 134 -1.11 -29.91 -2.50
C THR A 134 -1.31 -30.88 -1.33
N THR A 135 -2.20 -31.88 -1.51
CA THR A 135 -2.51 -32.90 -0.48
C THR A 135 -1.31 -33.80 -0.16
N THR A 136 -1.18 -34.17 1.13
CA THR A 136 -0.16 -35.09 1.64
C THR A 136 -0.87 -36.34 2.20
N SER A 137 -2.21 -36.27 2.38
CA SER A 137 -3.01 -37.38 2.91
C SER A 137 -3.64 -38.22 1.79
N GLY A 138 -4.01 -37.56 0.69
CA GLY A 138 -4.67 -38.17 -0.45
C GLY A 138 -6.16 -38.40 -0.26
N ASN A 139 -6.72 -37.83 0.83
CA ASN A 139 -8.14 -37.93 1.20
C ASN A 139 -8.94 -36.79 0.57
N LEU A 140 -9.92 -37.12 -0.30
CA LEU A 140 -10.73 -36.12 -1.03
C LEU A 140 -11.71 -35.29 -0.16
N HIS A 141 -11.97 -35.71 1.10
CA HIS A 141 -12.83 -34.94 2.01
C HIS A 141 -12.13 -33.65 2.47
N GLY A 142 -10.80 -33.58 2.30
CA GLY A 142 -9.96 -32.43 2.60
C GLY A 142 -9.62 -31.60 1.38
N GLN A 143 -10.33 -31.85 0.26
CA GLN A 143 -10.13 -31.18 -1.04
C GLN A 143 -11.39 -30.59 -1.77
N PRO A 144 -12.67 -30.64 -1.28
CA PRO A 144 -13.79 -30.21 -2.14
C PRO A 144 -13.81 -28.76 -2.59
N VAL A 145 -13.38 -27.81 -1.74
CA VAL A 145 -13.41 -26.37 -2.11
C VAL A 145 -12.50 -26.11 -3.32
N SER A 146 -11.37 -26.83 -3.46
CA SER A 146 -10.48 -26.60 -4.61
C SER A 146 -11.13 -26.88 -5.97
N PHE A 147 -12.01 -27.92 -6.01
CA PHE A 147 -12.75 -28.35 -7.20
C PHE A 147 -13.87 -27.38 -7.58
N LEU A 148 -14.48 -26.69 -6.57
CA LEU A 148 -15.61 -25.76 -6.70
C LEU A 148 -15.20 -24.33 -7.07
N LEU A 149 -13.97 -23.90 -6.68
CA LEU A 149 -13.49 -22.53 -6.90
C LEU A 149 -13.07 -22.23 -8.33
N LYS A 150 -13.64 -21.16 -8.93
CA LYS A 150 -13.35 -20.72 -10.32
C LYS A 150 -11.88 -20.34 -10.52
N GLU A 151 -11.30 -19.61 -9.55
CA GLU A 151 -9.92 -19.09 -9.53
C GLU A 151 -8.85 -20.18 -9.56
N LEU A 152 -9.22 -21.41 -9.17
CA LEU A 152 -8.30 -22.53 -9.18
C LEU A 152 -8.37 -23.35 -10.46
N LYS A 153 -9.14 -22.88 -11.49
CA LYS A 153 -9.19 -23.60 -12.78
C LYS A 153 -7.82 -23.44 -13.46
N GLY A 154 -7.17 -24.57 -13.71
CA GLY A 154 -5.81 -24.61 -14.24
C GLY A 154 -4.84 -25.14 -13.20
N LYS A 155 -5.25 -25.13 -11.91
CA LYS A 155 -4.48 -25.63 -10.75
C LYS A 155 -5.00 -27.00 -10.33
N ILE A 156 -6.07 -27.49 -11.00
CA ILE A 156 -6.65 -28.80 -10.74
C ILE A 156 -6.47 -29.63 -12.01
N PRO A 157 -5.72 -30.76 -11.96
CA PRO A 157 -5.53 -31.57 -13.17
C PRO A 157 -6.71 -32.51 -13.46
N ASP A 158 -6.62 -33.31 -14.56
CA ASP A 158 -7.65 -34.26 -14.95
C ASP A 158 -7.67 -35.42 -13.94
N VAL A 159 -8.61 -35.38 -12.98
CA VAL A 159 -8.72 -36.45 -11.98
C VAL A 159 -9.86 -37.38 -12.40
N PRO A 160 -9.60 -38.72 -12.53
CA PRO A 160 -10.67 -39.66 -12.92
C PRO A 160 -11.86 -39.58 -11.97
N GLY A 161 -13.07 -39.51 -12.56
CA GLY A 161 -14.33 -39.38 -11.84
C GLY A 161 -14.85 -37.94 -11.72
N PHE A 162 -14.03 -36.94 -12.10
CA PHE A 162 -14.39 -35.52 -11.95
C PHE A 162 -14.43 -34.65 -13.24
N SER A 163 -14.49 -35.26 -14.42
CA SER A 163 -14.53 -34.50 -15.68
C SER A 163 -15.83 -33.68 -15.87
N TRP A 164 -16.94 -34.12 -15.25
CA TRP A 164 -18.29 -33.50 -15.27
C TRP A 164 -18.33 -32.19 -14.46
N VAL A 165 -17.37 -32.01 -13.53
CA VAL A 165 -17.21 -30.88 -12.61
C VAL A 165 -16.84 -29.63 -13.40
N THR A 166 -17.53 -28.54 -13.09
CA THR A 166 -17.30 -27.19 -13.61
C THR A 166 -17.27 -26.27 -12.36
N PRO A 167 -16.12 -25.60 -12.05
CA PRO A 167 -16.08 -24.72 -10.86
C PRO A 167 -17.18 -23.67 -10.92
N CYS A 168 -18.00 -23.59 -9.87
CA CYS A 168 -19.20 -22.76 -9.87
C CYS A 168 -19.21 -21.58 -8.90
N ILE A 169 -18.20 -21.44 -8.01
CA ILE A 169 -18.21 -20.31 -7.08
C ILE A 169 -16.90 -19.50 -7.16
N SER A 170 -16.97 -18.20 -6.88
CA SER A 170 -15.74 -17.39 -6.86
C SER A 170 -15.20 -17.38 -5.43
N ALA A 171 -13.88 -17.18 -5.27
CA ALA A 171 -13.21 -17.11 -3.97
C ALA A 171 -13.85 -16.10 -2.98
N LYS A 172 -14.62 -15.12 -3.53
CA LYS A 172 -15.34 -14.07 -2.83
C LYS A 172 -16.76 -14.44 -2.42
N ASP A 173 -17.25 -15.61 -2.88
CA ASP A 173 -18.59 -16.12 -2.64
C ASP A 173 -18.65 -17.12 -1.46
N ILE A 174 -17.58 -17.17 -0.63
CA ILE A 174 -17.47 -18.11 0.48
C ILE A 174 -16.95 -17.44 1.77
N VAL A 175 -17.51 -17.86 2.92
CA VAL A 175 -17.10 -17.43 4.26
C VAL A 175 -16.89 -18.67 5.13
N TYR A 176 -15.69 -18.83 5.66
CA TYR A 176 -15.32 -19.90 6.59
C TYR A 176 -15.56 -19.45 8.05
N ILE A 177 -16.13 -20.35 8.90
CA ILE A 177 -16.30 -20.10 10.35
C ILE A 177 -15.82 -21.32 11.17
N GLY A 178 -14.88 -21.11 12.08
CA GLY A 178 -14.39 -22.14 12.99
C GLY A 178 -12.95 -22.63 12.85
N LEU A 179 -12.21 -22.16 11.81
CA LEU A 179 -10.85 -22.58 11.46
C LEU A 179 -9.85 -22.52 12.62
N ARG A 180 -9.05 -23.59 12.76
CA ARG A 180 -8.03 -23.77 13.78
C ARG A 180 -7.02 -24.89 13.40
N ASP A 181 -7.19 -25.53 12.20
CA ASP A 181 -6.34 -26.62 11.71
C ASP A 181 -6.19 -26.57 10.16
N VAL A 182 -5.36 -25.61 9.69
CA VAL A 182 -5.11 -25.30 8.27
C VAL A 182 -3.71 -25.70 7.80
N ASP A 183 -3.64 -26.51 6.74
CA ASP A 183 -2.39 -26.97 6.16
C ASP A 183 -1.70 -25.79 5.45
N PRO A 184 -0.35 -25.76 5.39
CA PRO A 184 0.36 -24.63 4.76
C PRO A 184 -0.12 -24.19 3.36
N GLY A 185 -0.33 -25.16 2.45
CA GLY A 185 -0.80 -24.88 1.09
C GLY A 185 -2.21 -24.31 1.06
N GLU A 186 -3.07 -24.76 2.01
CA GLU A 186 -4.44 -24.28 2.15
C GLU A 186 -4.41 -22.82 2.65
N HIS A 187 -3.49 -22.52 3.61
CA HIS A 187 -3.27 -21.18 4.18
C HIS A 187 -2.75 -20.24 3.11
N TYR A 188 -1.88 -20.76 2.21
CA TYR A 188 -1.30 -20.06 1.08
C TYR A 188 -2.39 -19.57 0.11
N ILE A 189 -3.30 -20.50 -0.29
CA ILE A 189 -4.44 -20.28 -1.18
C ILE A 189 -5.39 -19.22 -0.56
N LEU A 190 -5.63 -19.34 0.77
CA LEU A 190 -6.49 -18.48 1.59
C LEU A 190 -5.98 -17.04 1.55
N LYS A 191 -4.65 -16.85 1.63
CA LYS A 191 -4.00 -15.55 1.56
C LYS A 191 -3.98 -14.96 0.13
N THR A 192 -3.48 -15.72 -0.88
CA THR A 192 -3.33 -15.24 -2.28
C THR A 192 -4.67 -15.00 -3.02
N LEU A 193 -5.77 -15.72 -2.65
CA LEU A 193 -7.08 -15.50 -3.30
C LEU A 193 -8.02 -14.60 -2.51
N GLY A 194 -7.54 -14.03 -1.40
CA GLY A 194 -8.28 -13.12 -0.53
C GLY A 194 -9.64 -13.61 -0.07
N ILE A 195 -9.67 -14.85 0.46
CA ILE A 195 -10.88 -15.53 0.94
C ILE A 195 -11.25 -14.98 2.32
N LYS A 196 -12.55 -14.68 2.53
CA LYS A 196 -13.06 -14.21 3.82
C LYS A 196 -13.15 -15.39 4.81
N TYR A 197 -12.59 -15.22 6.00
CA TYR A 197 -12.62 -16.26 7.03
C TYR A 197 -12.66 -15.72 8.45
N PHE A 198 -13.33 -16.45 9.34
CA PHE A 198 -13.37 -16.16 10.76
C PHE A 198 -12.85 -17.43 11.39
N SER A 199 -11.57 -17.41 11.76
CA SER A 199 -10.93 -18.56 12.41
C SER A 199 -11.32 -18.48 13.88
N MET A 200 -10.92 -19.45 14.72
CA MET A 200 -11.24 -19.35 16.15
C MET A 200 -10.67 -18.08 16.79
N THR A 201 -9.58 -17.56 16.19
CA THR A 201 -8.90 -16.33 16.60
C THR A 201 -9.84 -15.14 16.43
N GLU A 202 -10.52 -15.02 15.24
CA GLU A 202 -11.48 -13.95 14.97
C GLU A 202 -12.74 -14.18 15.81
N VAL A 203 -13.15 -15.45 16.04
CA VAL A 203 -14.30 -15.77 16.90
C VAL A 203 -14.05 -15.29 18.35
N ASP A 204 -12.84 -15.54 18.89
CA ASP A 204 -12.47 -15.09 20.25
C ASP A 204 -12.35 -13.58 20.33
N ARG A 205 -11.81 -12.94 19.27
CA ARG A 205 -11.60 -11.48 19.16
C ARG A 205 -12.90 -10.71 19.08
N LEU A 206 -13.82 -11.15 18.20
CA LEU A 206 -15.06 -10.46 17.88
C LEU A 206 -16.33 -10.95 18.57
N GLY A 207 -16.37 -12.22 19.00
CA GLY A 207 -17.58 -12.81 19.55
C GLY A 207 -18.48 -13.26 18.41
N ILE A 208 -19.18 -14.39 18.55
CA ILE A 208 -20.03 -14.96 17.49
C ILE A 208 -21.13 -13.98 16.93
N GLY A 209 -21.42 -12.91 17.68
CA GLY A 209 -22.39 -11.90 17.26
C GLY A 209 -21.93 -11.11 16.05
N LYS A 210 -20.74 -10.49 16.18
CA LYS A 210 -20.01 -9.70 15.18
C LYS A 210 -19.61 -10.61 14.01
N VAL A 211 -19.25 -11.87 14.31
CA VAL A 211 -18.92 -12.85 13.27
C VAL A 211 -20.13 -13.03 12.32
N MET A 212 -21.34 -13.22 12.87
CA MET A 212 -22.57 -13.39 12.10
C MET A 212 -23.06 -12.14 11.41
N GLU A 213 -22.74 -10.96 12.00
CA GLU A 213 -23.11 -9.68 11.40
C GLU A 213 -22.35 -9.51 10.10
N GLU A 214 -21.01 -9.67 10.17
CA GLU A 214 -20.05 -9.54 9.07
C GLU A 214 -20.22 -10.60 7.99
N THR A 215 -20.59 -11.85 8.38
CA THR A 215 -20.82 -12.98 7.46
C THR A 215 -21.98 -12.68 6.50
N LEU A 216 -23.15 -12.32 7.05
CA LEU A 216 -24.35 -12.01 6.26
C LEU A 216 -24.20 -10.69 5.50
N SER A 217 -23.62 -9.66 6.14
CA SER A 217 -23.32 -8.35 5.51
C SER A 217 -22.40 -8.53 4.28
N TYR A 218 -21.36 -9.35 4.41
CA TYR A 218 -20.39 -9.63 3.35
C TYR A 218 -21.03 -10.35 2.14
N LEU A 219 -21.93 -11.30 2.42
CA LEU A 219 -22.58 -12.10 1.38
C LEU A 219 -23.85 -11.49 0.81
N LEU A 220 -24.64 -10.78 1.64
CA LEU A 220 -25.93 -10.22 1.25
C LEU A 220 -25.98 -8.71 1.05
N GLY A 221 -24.90 -7.99 1.35
CA GLY A 221 -24.82 -6.54 1.27
C GLY A 221 -25.49 -5.87 0.07
N ARG A 222 -25.06 -6.23 -1.14
CA ARG A 222 -25.56 -5.65 -2.39
C ARG A 222 -27.03 -5.96 -2.71
N LYS A 223 -27.50 -7.17 -2.37
CA LYS A 223 -28.86 -7.68 -2.59
C LYS A 223 -29.03 -9.06 -1.98
N LYS A 224 -30.28 -9.50 -1.80
CA LYS A 224 -30.57 -10.83 -1.29
C LYS A 224 -30.13 -11.87 -2.34
N ARG A 225 -29.42 -12.90 -1.90
CA ARG A 225 -28.96 -14.04 -2.72
C ARG A 225 -29.17 -15.34 -1.91
N PRO A 226 -29.28 -16.55 -2.53
CA PRO A 226 -29.53 -17.76 -1.75
C PRO A 226 -28.32 -18.23 -0.96
N ILE A 227 -28.52 -18.80 0.24
CA ILE A 227 -27.40 -19.27 1.07
C ILE A 227 -27.30 -20.81 1.12
N HIS A 228 -26.06 -21.32 0.93
CA HIS A 228 -25.70 -22.72 1.05
C HIS A 228 -24.82 -22.85 2.30
N LEU A 229 -25.25 -23.67 3.26
CA LEU A 229 -24.47 -23.88 4.46
C LEU A 229 -23.84 -25.29 4.48
N SER A 230 -22.51 -25.35 4.46
CA SER A 230 -21.80 -26.62 4.53
C SER A 230 -21.28 -26.77 5.96
N PHE A 231 -21.97 -27.64 6.71
CA PHE A 231 -21.72 -27.89 8.11
C PHE A 231 -21.02 -29.22 8.41
N ASP A 232 -19.76 -29.15 8.80
CA ASP A 232 -18.97 -30.29 9.25
C ASP A 232 -19.02 -30.24 10.79
N VAL A 233 -19.53 -31.31 11.41
CA VAL A 233 -19.69 -31.41 12.87
C VAL A 233 -18.38 -31.13 13.66
N ASP A 234 -17.19 -31.35 13.04
CA ASP A 234 -15.89 -31.09 13.65
C ASP A 234 -15.56 -29.58 13.80
N GLY A 235 -16.39 -28.69 13.22
CA GLY A 235 -16.28 -27.25 13.39
C GLY A 235 -16.58 -26.89 14.84
N LEU A 236 -17.40 -27.73 15.50
CA LEU A 236 -17.73 -27.60 16.92
C LEU A 236 -16.68 -28.37 17.75
N ASP A 237 -16.51 -27.99 19.02
CA ASP A 237 -15.53 -28.63 19.90
C ASP A 237 -15.82 -30.13 20.14
N PRO A 238 -14.77 -31.01 20.23
CA PRO A 238 -15.02 -32.46 20.46
C PRO A 238 -15.72 -32.80 21.79
N SER A 239 -15.95 -31.79 22.65
CA SER A 239 -16.69 -31.97 23.90
C SER A 239 -18.19 -32.11 23.59
N PHE A 240 -18.66 -31.54 22.45
CA PHE A 240 -20.04 -31.63 21.96
C PHE A 240 -20.21 -32.60 20.79
N THR A 241 -19.23 -32.70 19.85
CA THR A 241 -19.36 -33.66 18.72
C THR A 241 -18.14 -34.61 18.63
N PRO A 242 -17.92 -35.50 19.64
CA PRO A 242 -16.76 -36.43 19.60
C PRO A 242 -16.75 -37.50 18.48
N ALA A 243 -17.93 -38.12 18.16
CA ALA A 243 -18.03 -39.16 17.13
C ALA A 243 -17.89 -38.57 15.71
N THR A 244 -16.64 -38.15 15.35
CA THR A 244 -16.23 -37.53 14.09
C THR A 244 -14.77 -37.96 13.76
N GLY A 245 -14.43 -37.96 12.47
CA GLY A 245 -13.13 -38.40 11.97
C GLY A 245 -11.92 -37.52 12.25
N THR A 246 -12.07 -36.18 12.15
CA THR A 246 -10.94 -35.27 12.38
C THR A 246 -11.25 -34.23 13.46
N PRO A 247 -11.27 -34.65 14.75
CA PRO A 247 -11.55 -33.69 15.82
C PRO A 247 -10.34 -32.81 16.16
N VAL A 248 -10.61 -31.55 16.56
CA VAL A 248 -9.62 -30.54 16.96
C VAL A 248 -10.15 -29.77 18.19
N VAL A 249 -9.30 -29.65 19.25
CA VAL A 249 -9.59 -28.91 20.49
C VAL A 249 -9.77 -27.40 20.21
N GLY A 250 -10.51 -26.72 21.10
CA GLY A 250 -10.77 -25.29 21.00
C GLY A 250 -11.78 -24.90 19.93
N GLY A 251 -12.77 -25.76 19.68
CA GLY A 251 -13.78 -25.49 18.66
C GLY A 251 -14.91 -24.57 19.05
N LEU A 252 -15.89 -24.41 18.15
CA LEU A 252 -17.07 -23.60 18.42
C LEU A 252 -17.93 -24.33 19.47
N THR A 253 -18.54 -23.58 20.37
CA THR A 253 -19.39 -24.15 21.41
C THR A 253 -20.74 -24.59 20.80
N TYR A 254 -21.51 -25.39 21.55
CA TYR A 254 -22.85 -25.83 21.25
C TYR A 254 -23.71 -24.55 21.00
N ARG A 255 -23.53 -23.55 21.88
CA ARG A 255 -24.21 -22.26 21.82
C ARG A 255 -23.89 -21.46 20.56
N GLU A 256 -22.61 -21.39 20.15
CA GLU A 256 -22.17 -20.66 18.94
C GLU A 256 -22.67 -21.31 17.67
N GLY A 257 -22.76 -22.65 17.68
CA GLY A 257 -23.27 -23.44 16.56
C GLY A 257 -24.73 -23.11 16.32
N LEU A 258 -25.54 -23.19 17.40
CA LEU A 258 -26.98 -22.85 17.39
C LEU A 258 -27.19 -21.41 16.94
N TYR A 259 -26.38 -20.48 17.46
CA TYR A 259 -26.42 -19.06 17.10
C TYR A 259 -26.20 -18.80 15.59
N ILE A 260 -25.23 -19.48 14.96
CA ILE A 260 -24.92 -19.33 13.52
C ILE A 260 -26.15 -19.74 12.69
N THR A 261 -26.72 -20.89 13.03
CA THR A 261 -27.85 -21.47 12.34
C THR A 261 -29.11 -20.61 12.57
N GLU A 262 -29.44 -20.25 13.84
CA GLU A 262 -30.58 -19.35 14.17
C GLU A 262 -30.52 -18.06 13.33
N GLU A 263 -29.32 -17.45 13.23
CA GLU A 263 -29.04 -16.26 12.42
C GLU A 263 -29.29 -16.51 10.92
N ILE A 264 -28.85 -17.67 10.37
CA ILE A 264 -29.06 -18.02 8.93
C ILE A 264 -30.55 -18.20 8.62
N TYR A 265 -31.29 -18.89 9.54
CA TYR A 265 -32.71 -19.12 9.37
C TYR A 265 -33.45 -17.79 9.34
N LYS A 266 -33.08 -16.86 10.25
CA LYS A 266 -33.73 -15.55 10.38
C LYS A 266 -33.73 -14.74 9.08
N THR A 267 -32.77 -14.99 8.16
CA THR A 267 -32.68 -14.32 6.86
C THR A 267 -33.75 -14.83 5.89
N GLY A 268 -34.15 -16.10 6.07
CA GLY A 268 -35.13 -16.80 5.24
C GLY A 268 -34.56 -17.17 3.88
N LEU A 269 -33.22 -17.16 3.79
CA LEU A 269 -32.48 -17.39 2.56
C LEU A 269 -31.72 -18.70 2.50
N LEU A 270 -31.91 -19.62 3.48
CA LEU A 270 -31.25 -20.93 3.42
C LEU A 270 -31.86 -21.70 2.25
N SER A 271 -31.01 -22.18 1.32
CA SER A 271 -31.48 -22.91 0.13
C SER A 271 -30.77 -24.26 -0.05
N GLY A 272 -29.65 -24.43 0.65
CA GLY A 272 -28.84 -25.64 0.64
C GLY A 272 -28.18 -25.88 1.97
N LEU A 273 -28.26 -27.14 2.45
CA LEU A 273 -27.68 -27.55 3.72
C LEU A 273 -27.03 -28.94 3.63
N ASP A 274 -25.86 -29.08 4.26
CA ASP A 274 -25.06 -30.31 4.38
C ASP A 274 -24.71 -30.51 5.83
N ILE A 275 -25.17 -31.62 6.43
CA ILE A 275 -24.87 -32.00 7.82
C ILE A 275 -23.87 -33.15 7.65
N MET A 276 -22.58 -32.83 7.80
CA MET A 276 -21.49 -33.75 7.47
C MET A 276 -20.62 -34.22 8.64
N GLU A 277 -19.83 -35.27 8.34
CA GLU A 277 -18.79 -35.94 9.10
C GLU A 277 -19.23 -36.58 10.45
N VAL A 278 -20.52 -36.90 10.64
CA VAL A 278 -20.92 -37.64 11.85
C VAL A 278 -20.54 -39.12 11.63
N ASN A 279 -19.67 -39.68 12.50
CA ASN A 279 -19.26 -41.10 12.42
C ASN A 279 -19.67 -41.81 13.72
N PRO A 280 -20.85 -42.48 13.72
CA PRO A 280 -21.30 -43.20 14.93
C PRO A 280 -20.41 -44.37 15.41
N SER A 281 -19.39 -44.76 14.62
CA SER A 281 -18.48 -45.81 15.06
C SER A 281 -17.21 -45.24 15.75
N LEU A 282 -17.14 -43.90 15.96
CA LEU A 282 -15.97 -43.21 16.54
C LEU A 282 -16.17 -42.66 17.96
N GLY A 283 -17.30 -42.98 18.57
CA GLY A 283 -17.53 -42.59 19.95
C GLY A 283 -16.94 -43.62 20.90
N LYS A 284 -16.17 -43.16 21.91
CA LYS A 284 -15.55 -44.00 22.95
C LYS A 284 -16.59 -44.77 23.79
N THR A 285 -17.72 -44.12 24.07
CA THR A 285 -18.86 -44.67 24.81
C THR A 285 -20.12 -44.51 23.94
N PRO A 286 -21.24 -45.24 24.21
CA PRO A 286 -22.49 -44.97 23.47
C PRO A 286 -23.03 -43.54 23.68
N GLU A 287 -22.75 -42.91 24.84
CA GLU A 287 -23.19 -41.54 25.11
C GLU A 287 -22.49 -40.49 24.20
N GLU A 288 -21.21 -40.72 23.84
CA GLU A 288 -20.46 -39.83 22.94
C GLU A 288 -21.13 -39.78 21.55
N VAL A 289 -21.65 -40.93 21.10
CA VAL A 289 -22.36 -41.09 19.83
C VAL A 289 -23.68 -40.31 19.91
N THR A 290 -24.50 -40.56 20.94
CA THR A 290 -25.77 -39.84 21.10
C THR A 290 -25.56 -38.32 21.23
N ARG A 291 -24.51 -37.87 21.98
CA ARG A 291 -24.21 -36.44 22.17
C ARG A 291 -23.94 -35.75 20.84
N THR A 292 -23.19 -36.41 19.94
CA THR A 292 -22.82 -35.93 18.61
C THR A 292 -24.07 -35.77 17.75
N VAL A 293 -24.85 -36.84 17.69
CA VAL A 293 -26.08 -37.00 16.91
C VAL A 293 -27.11 -35.98 17.40
N ASN A 294 -27.32 -35.85 18.73
CA ASN A 294 -28.25 -34.88 19.30
C ASN A 294 -27.78 -33.47 18.92
N THR A 295 -26.44 -33.21 18.96
CA THR A 295 -25.91 -31.90 18.56
C THR A 295 -26.20 -31.63 17.09
N ALA A 296 -25.92 -32.63 16.22
CA ALA A 296 -26.20 -32.52 14.78
C ALA A 296 -27.69 -32.29 14.51
N VAL A 297 -28.59 -32.97 15.28
CA VAL A 297 -30.06 -32.84 15.18
C VAL A 297 -30.49 -31.40 15.50
N ALA A 298 -30.03 -30.87 16.65
CA ALA A 298 -30.26 -29.51 17.15
C ALA A 298 -29.77 -28.43 16.18
N ILE A 299 -28.64 -28.67 15.49
CA ILE A 299 -28.06 -27.76 14.50
C ILE A 299 -29.02 -27.65 13.29
N THR A 300 -29.53 -28.81 12.82
CA THR A 300 -30.46 -28.92 11.70
C THR A 300 -31.82 -28.27 12.05
N LEU A 301 -32.26 -28.38 13.31
CA LEU A 301 -33.54 -27.83 13.77
C LEU A 301 -33.57 -26.30 13.80
N ALA A 302 -32.44 -25.70 14.15
CA ALA A 302 -32.23 -24.25 14.22
C ALA A 302 -32.24 -23.64 12.83
N CYS A 303 -31.70 -24.36 11.81
CA CYS A 303 -31.67 -23.97 10.38
C CYS A 303 -33.10 -23.84 9.85
N PHE A 304 -34.04 -24.65 10.42
CA PHE A 304 -35.43 -24.65 9.96
C PHE A 304 -36.43 -24.07 11.00
N GLY A 305 -35.97 -23.12 11.82
CA GLY A 305 -36.84 -22.36 12.70
C GLY A 305 -36.83 -22.57 14.19
N LEU A 306 -36.28 -23.68 14.71
CA LEU A 306 -36.27 -23.92 16.14
C LEU A 306 -35.38 -22.90 16.85
N ALA A 307 -35.97 -22.17 17.80
CA ALA A 307 -35.33 -21.05 18.52
C ALA A 307 -35.38 -21.21 20.02
N ARG A 308 -34.25 -20.85 20.65
CA ARG A 308 -34.02 -20.94 22.10
C ARG A 308 -34.92 -20.01 22.92
N GLU A 309 -35.44 -18.91 22.32
CA GLU A 309 -36.40 -18.02 23.00
C GLU A 309 -37.80 -18.66 23.01
N GLY A 310 -38.00 -19.64 22.14
CA GLY A 310 -39.25 -20.37 21.99
C GLY A 310 -39.90 -20.16 20.65
N ASN A 311 -40.86 -21.04 20.35
CA ASN A 311 -41.66 -21.06 19.12
C ASN A 311 -43.15 -21.29 19.48
N HIS A 312 -44.08 -20.96 18.57
CA HIS A 312 -45.52 -21.18 18.71
C HIS A 312 -46.27 -21.10 17.38
N LYS A 313 -47.42 -21.80 17.28
CA LYS A 313 -48.30 -21.79 16.10
C LYS A 313 -49.05 -20.42 16.03
N PRO A 314 -49.44 -19.91 14.82
CA PRO A 314 -50.08 -18.58 14.77
C PRO A 314 -51.54 -18.53 15.27
N ILE A 315 -51.76 -19.06 16.47
CA ILE A 315 -53.05 -19.15 17.17
C ILE A 315 -52.97 -18.47 18.55
N ASP A 316 -54.14 -18.13 19.13
CA ASP A 316 -54.24 -17.53 20.46
C ASP A 316 -54.22 -18.64 21.53
N TYR A 317 -53.16 -18.68 22.36
CA TYR A 317 -53.01 -19.67 23.42
C TYR A 317 -53.81 -19.31 24.69
N LEU A 318 -54.22 -18.04 24.83
CA LEU A 318 -55.03 -17.56 25.97
C LEU A 318 -56.57 -17.72 25.76
N ASN A 319 -56.98 -18.34 24.62
CA ASN A 319 -58.37 -18.59 24.29
C ASN A 319 -58.59 -19.98 23.70
N ALA B 3 15.17 -15.35 12.99
CA ALA B 3 14.06 -14.42 13.22
C ALA B 3 13.85 -14.19 14.72
N LYS B 4 14.01 -12.93 15.17
CA LYS B 4 13.97 -12.46 16.56
C LYS B 4 12.85 -13.07 17.44
N SER B 5 11.61 -13.06 16.96
CA SER B 5 10.46 -13.58 17.70
C SER B 5 10.41 -15.13 17.76
N ARG B 6 11.28 -15.80 16.99
CA ARG B 6 11.37 -17.25 16.92
C ARG B 6 12.76 -17.81 17.31
N THR B 7 13.59 -16.98 17.99
CA THR B 7 14.92 -17.34 18.50
C THR B 7 14.75 -17.58 20.01
N ILE B 8 15.01 -18.82 20.45
CA ILE B 8 14.74 -19.25 21.83
C ILE B 8 15.91 -19.93 22.55
N GLY B 9 16.04 -19.59 23.83
CA GLY B 9 16.98 -20.19 24.78
C GLY B 9 16.15 -20.81 25.87
N ILE B 10 16.22 -22.12 26.01
CA ILE B 10 15.42 -22.88 26.99
C ILE B 10 16.17 -23.02 28.28
N ILE B 11 15.51 -22.73 29.39
CA ILE B 11 16.07 -22.93 30.70
C ILE B 11 15.06 -23.77 31.45
N GLY B 12 15.53 -24.93 31.92
CA GLY B 12 14.78 -25.81 32.80
C GLY B 12 15.04 -25.31 34.19
N ALA B 13 14.00 -25.00 34.93
CA ALA B 13 14.19 -24.54 36.30
C ALA B 13 13.48 -25.52 37.24
N PRO B 14 14.08 -26.73 37.47
CA PRO B 14 13.44 -27.73 38.34
C PRO B 14 13.44 -27.36 39.84
N PHE B 15 12.63 -26.37 40.24
CA PHE B 15 12.57 -25.94 41.64
C PHE B 15 11.19 -26.04 42.23
N SER B 16 11.09 -26.60 43.45
CA SER B 16 9.78 -26.81 44.09
C SER B 16 9.59 -26.14 45.47
N LYS B 17 10.67 -25.70 46.14
CA LYS B 17 10.64 -25.20 47.52
C LYS B 17 9.94 -23.81 47.73
N GLY B 18 9.27 -23.29 46.70
CA GLY B 18 8.47 -22.07 46.84
C GLY B 18 7.04 -22.37 47.24
N GLN B 19 6.67 -23.67 47.25
CA GLN B 19 5.33 -24.17 47.63
C GLN B 19 5.42 -25.53 48.39
N PRO B 20 4.32 -26.03 49.03
CA PRO B 20 4.42 -27.27 49.83
C PRO B 20 4.29 -28.62 49.12
N ARG B 21 3.92 -28.65 47.83
CA ARG B 21 3.68 -29.94 47.19
C ARG B 21 4.79 -30.34 46.25
N GLY B 22 5.32 -31.56 46.44
CA GLY B 22 6.35 -32.16 45.60
C GLY B 22 5.82 -32.49 44.22
N GLY B 23 6.71 -32.46 43.23
CA GLY B 23 6.35 -32.79 41.87
C GLY B 23 6.56 -31.69 40.84
N VAL B 24 6.33 -30.42 41.22
CA VAL B 24 6.43 -29.28 40.30
C VAL B 24 7.84 -29.17 39.67
N GLU B 25 8.87 -29.73 40.35
CA GLU B 25 10.26 -29.75 39.88
C GLU B 25 10.44 -30.67 38.65
N GLU B 26 9.41 -31.53 38.35
CA GLU B 26 9.36 -32.45 37.22
C GLU B 26 8.78 -31.79 35.97
N GLY B 27 8.27 -30.58 36.14
CA GLY B 27 7.75 -29.74 35.06
C GLY B 27 8.69 -29.69 33.86
N PRO B 28 10.00 -29.32 34.02
CA PRO B 28 10.91 -29.32 32.87
C PRO B 28 11.04 -30.69 32.17
N THR B 29 10.89 -31.80 32.92
CA THR B 29 11.00 -33.16 32.39
C THR B 29 9.82 -33.52 31.49
N VAL B 30 8.59 -33.39 32.02
CA VAL B 30 7.36 -33.79 31.33
C VAL B 30 7.07 -32.90 30.10
N LEU B 31 7.42 -31.59 30.16
CA LEU B 31 7.25 -30.65 29.05
C LEU B 31 8.20 -30.96 27.92
N ARG B 32 9.42 -31.46 28.24
CA ARG B 32 10.44 -31.86 27.25
C ARG B 32 10.05 -33.15 26.58
N LYS B 33 9.62 -34.15 27.38
CA LYS B 33 9.19 -35.47 26.91
C LYS B 33 7.99 -35.36 25.97
N ALA B 34 7.18 -34.29 26.12
CA ALA B 34 6.03 -33.98 25.27
C ALA B 34 6.45 -33.60 23.81
N GLY B 35 7.72 -33.26 23.61
CA GLY B 35 8.28 -32.90 22.31
C GLY B 35 8.22 -31.43 21.98
N LEU B 36 8.24 -30.56 23.04
CA LEU B 36 8.21 -29.09 22.93
C LEU B 36 9.29 -28.56 22.01
N LEU B 37 10.58 -28.97 22.25
CA LEU B 37 11.77 -28.58 21.48
C LEU B 37 11.56 -28.87 20.01
N GLU B 38 11.25 -30.15 19.68
CA GLU B 38 11.00 -30.65 18.32
C GLU B 38 9.85 -29.90 17.64
N LYS B 39 8.73 -29.68 18.38
CA LYS B 39 7.55 -28.93 17.91
C LYS B 39 7.89 -27.49 17.56
N LEU B 40 8.79 -26.84 18.35
CA LEU B 40 9.26 -25.47 18.12
C LEU B 40 10.12 -25.38 16.85
N LYS B 41 10.97 -26.40 16.59
CA LYS B 41 11.82 -26.49 15.38
C LYS B 41 10.98 -26.74 14.09
N GLU B 42 9.86 -27.47 14.21
CA GLU B 42 8.90 -27.74 13.12
C GLU B 42 8.18 -26.43 12.73
N GLN B 43 8.13 -25.50 13.69
CA GLN B 43 7.49 -24.19 13.66
C GLN B 43 8.45 -23.07 13.17
N GLU B 44 9.55 -23.43 12.50
CA GLU B 44 10.57 -22.51 11.96
C GLU B 44 11.32 -21.72 13.06
N CYS B 45 11.45 -22.31 14.27
CA CYS B 45 12.16 -21.71 15.40
C CYS B 45 13.64 -22.14 15.47
N ASP B 46 14.50 -21.23 15.94
CA ASP B 46 15.93 -21.43 16.19
C ASP B 46 16.03 -21.59 17.69
N VAL B 47 16.16 -22.85 18.14
CA VAL B 47 16.15 -23.17 19.57
C VAL B 47 17.51 -23.65 20.09
N LYS B 48 17.88 -23.20 21.28
CA LYS B 48 19.04 -23.63 22.03
C LYS B 48 18.54 -24.07 23.41
N ASP B 49 19.00 -25.24 23.90
CA ASP B 49 18.62 -25.75 25.21
C ASP B 49 19.80 -25.61 26.16
N TYR B 50 19.65 -24.75 27.17
CA TYR B 50 20.70 -24.47 28.15
C TYR B 50 20.69 -25.52 29.29
N GLY B 51 19.77 -26.47 29.19
CA GLY B 51 19.59 -27.57 30.13
C GLY B 51 18.94 -27.14 31.43
N ASP B 52 18.91 -28.07 32.39
CA ASP B 52 18.32 -27.83 33.70
C ASP B 52 19.35 -27.31 34.68
N LEU B 53 18.97 -26.27 35.44
CA LEU B 53 19.81 -25.71 36.48
C LEU B 53 19.88 -26.68 37.63
N PRO B 54 21.11 -26.93 38.13
CA PRO B 54 21.25 -27.78 39.31
C PRO B 54 21.05 -26.90 40.56
N PHE B 55 20.06 -27.20 41.40
CA PHE B 55 19.89 -26.34 42.57
C PHE B 55 20.36 -27.15 43.75
N ALA B 56 21.69 -27.14 43.97
CA ALA B 56 22.35 -27.88 45.05
C ALA B 56 21.59 -27.71 46.35
N ASP B 57 21.44 -28.82 47.09
CA ASP B 57 20.69 -28.84 48.35
C ASP B 57 21.15 -27.75 49.30
N ILE B 58 20.18 -27.05 49.91
CA ILE B 58 20.49 -26.05 50.91
C ILE B 58 19.97 -26.60 52.27
N PRO B 59 20.72 -27.52 52.90
CA PRO B 59 20.31 -27.96 54.25
C PRO B 59 20.59 -26.79 55.21
N ASN B 60 19.84 -26.69 56.32
CA ASN B 60 19.97 -25.55 57.25
C ASN B 60 19.33 -24.35 56.52
N ASP B 61 18.02 -24.37 56.49
CA ASP B 61 17.21 -23.36 55.82
C ASP B 61 15.92 -23.17 56.60
N SER B 62 16.08 -22.77 57.87
CA SER B 62 15.00 -22.54 58.83
C SER B 62 14.08 -21.38 58.39
N PRO B 63 12.80 -21.32 58.84
CA PRO B 63 11.92 -20.23 58.39
C PRO B 63 12.30 -18.81 58.86
N PHE B 64 11.92 -17.80 58.05
CA PHE B 64 12.06 -16.40 58.38
C PHE B 64 10.63 -16.03 58.73
N GLN B 65 10.28 -16.03 60.05
CA GLN B 65 8.89 -15.86 60.53
C GLN B 65 8.06 -17.09 60.06
N ILE B 66 7.09 -16.93 59.14
CA ILE B 66 6.27 -18.05 58.63
C ILE B 66 6.77 -18.50 57.22
N VAL B 67 7.67 -17.69 56.62
CA VAL B 67 8.26 -17.89 55.29
C VAL B 67 9.14 -19.16 55.23
N LYS B 68 8.68 -20.16 54.45
CA LYS B 68 9.35 -21.45 54.26
C LYS B 68 10.38 -21.40 53.13
N ASN B 69 11.54 -22.06 53.39
CA ASN B 69 12.70 -22.24 52.52
C ASN B 69 13.18 -20.93 51.89
N PRO B 70 13.44 -19.85 52.69
CA PRO B 70 13.84 -18.57 52.07
C PRO B 70 15.18 -18.59 51.34
N ARG B 71 16.22 -19.25 51.92
CA ARG B 71 17.56 -19.33 51.30
C ARG B 71 17.53 -20.15 50.01
N SER B 72 16.78 -21.28 49.99
CA SER B 72 16.57 -22.12 48.80
C SER B 72 15.87 -21.34 47.65
N VAL B 73 14.77 -20.63 47.98
CA VAL B 73 13.99 -19.80 47.04
C VAL B 73 14.84 -18.64 46.53
N GLY B 74 15.54 -17.99 47.45
CA GLY B 74 16.44 -16.88 47.16
C GLY B 74 17.56 -17.24 46.20
N LYS B 75 18.30 -18.33 46.51
CA LYS B 75 19.43 -18.78 45.69
C LYS B 75 19.01 -19.34 44.32
N ALA B 76 17.89 -20.08 44.26
CA ALA B 76 17.41 -20.63 42.98
C ALA B 76 17.10 -19.49 41.98
N SER B 77 16.43 -18.41 42.46
CA SER B 77 16.07 -17.22 41.69
C SER B 77 17.31 -16.46 41.28
N GLU B 78 18.27 -16.30 42.21
CA GLU B 78 19.53 -15.62 41.95
C GLU B 78 20.30 -16.33 40.81
N GLN B 79 20.37 -17.68 40.84
CA GLN B 79 21.05 -18.49 39.79
C GLN B 79 20.24 -18.40 38.48
N LEU B 80 18.89 -18.37 38.60
CA LEU B 80 18.04 -18.22 37.42
C LEU B 80 18.22 -16.83 36.80
N ALA B 81 18.45 -15.81 37.65
CA ALA B 81 18.67 -14.44 37.18
C ALA B 81 19.94 -14.36 36.35
N GLY B 82 21.00 -15.03 36.79
CA GLY B 82 22.29 -15.05 36.09
C GLY B 82 22.17 -15.73 34.74
N LYS B 83 21.44 -16.85 34.72
CA LYS B 83 21.18 -17.68 33.54
C LYS B 83 20.28 -17.00 32.52
N VAL B 84 19.20 -16.31 32.98
CA VAL B 84 18.28 -15.59 32.07
C VAL B 84 19.03 -14.42 31.36
N ALA B 85 19.81 -13.64 32.13
CA ALA B 85 20.61 -12.51 31.65
C ALA B 85 21.61 -13.00 30.59
N GLU B 86 22.28 -14.16 30.84
CA GLU B 86 23.24 -14.81 29.95
C GLU B 86 22.56 -15.13 28.59
N VAL B 87 21.39 -15.82 28.60
CA VAL B 87 20.57 -16.16 27.42
C VAL B 87 20.18 -14.85 26.66
N LYS B 88 19.82 -13.80 27.42
CA LYS B 88 19.46 -12.48 26.88
C LYS B 88 20.63 -11.78 26.13
N LYS B 89 21.88 -11.95 26.60
CA LYS B 89 23.07 -11.37 25.99
C LYS B 89 23.32 -12.01 24.63
N ASN B 90 23.05 -13.33 24.55
CA ASN B 90 23.19 -14.19 23.37
C ASN B 90 22.11 -13.95 22.29
N GLY B 91 21.30 -12.88 22.47
CA GLY B 91 20.23 -12.47 21.57
C GLY B 91 19.08 -13.45 21.41
N ARG B 92 18.72 -14.15 22.49
CA ARG B 92 17.63 -15.14 22.47
C ARG B 92 16.50 -14.79 23.43
N ILE B 93 15.25 -15.20 23.12
CA ILE B 93 14.09 -15.01 23.99
C ILE B 93 14.23 -16.11 25.05
N SER B 94 14.32 -15.75 26.35
CA SER B 94 14.47 -16.72 27.43
C SER B 94 13.15 -17.46 27.70
N LEU B 95 13.23 -18.79 27.78
CA LEU B 95 12.09 -19.66 28.03
C LEU B 95 12.36 -20.50 29.28
N VAL B 96 11.76 -20.09 30.40
CA VAL B 96 11.86 -20.79 31.68
C VAL B 96 10.71 -21.78 31.84
N LEU B 97 11.07 -23.05 31.98
CA LEU B 97 10.14 -24.14 32.22
C LEU B 97 10.27 -24.45 33.69
N GLY B 98 9.24 -24.12 34.46
CA GLY B 98 9.24 -24.36 35.90
C GLY B 98 8.64 -25.71 36.25
N GLY B 99 8.61 -26.05 37.53
CA GLY B 99 9.04 -25.21 38.64
C GLY B 99 7.93 -24.34 39.15
N ASP B 100 8.00 -23.94 40.43
CA ASP B 100 6.96 -23.09 40.99
C ASP B 100 7.16 -21.59 40.60
N HIS B 101 6.11 -20.74 40.76
CA HIS B 101 6.10 -19.33 40.34
C HIS B 101 7.00 -18.38 41.17
N SER B 102 7.72 -18.87 42.21
CA SER B 102 8.65 -18.03 42.97
C SER B 102 9.87 -17.69 42.12
N LEU B 103 10.19 -18.58 41.16
CA LEU B 103 11.29 -18.46 40.21
C LEU B 103 11.21 -17.20 39.31
N ALA B 104 10.00 -16.60 39.19
CA ALA B 104 9.70 -15.37 38.47
C ALA B 104 10.52 -14.18 39.00
N ILE B 105 10.92 -14.20 40.30
CA ILE B 105 11.81 -13.18 40.89
C ILE B 105 13.17 -13.23 40.13
N GLY B 106 13.69 -14.44 39.90
CA GLY B 106 14.93 -14.63 39.16
C GLY B 106 14.79 -14.30 37.70
N SER B 107 13.76 -14.87 37.05
CA SER B 107 13.45 -14.67 35.64
C SER B 107 13.29 -13.21 35.22
N ILE B 108 12.52 -12.43 35.98
CA ILE B 108 12.27 -11.01 35.67
C ILE B 108 13.51 -10.14 36.02
N SER B 109 14.18 -10.40 37.16
CA SER B 109 15.41 -9.68 37.54
C SER B 109 16.50 -9.86 36.49
N GLY B 110 16.72 -11.11 36.06
CA GLY B 110 17.70 -11.46 35.04
C GLY B 110 17.40 -10.85 33.69
N HIS B 111 16.12 -10.92 33.28
CA HIS B 111 15.62 -10.31 32.03
C HIS B 111 15.77 -8.76 32.08
N ALA B 112 15.41 -8.13 33.22
CA ALA B 112 15.50 -6.68 33.44
C ALA B 112 16.93 -6.16 33.49
N ARG B 113 17.91 -7.01 33.89
CA ARG B 113 19.33 -6.67 33.96
C ARG B 113 19.86 -6.29 32.59
N VAL B 114 19.29 -6.89 31.53
CA VAL B 114 19.64 -6.71 30.12
C VAL B 114 18.67 -5.73 29.44
N HIS B 115 17.37 -5.81 29.75
CA HIS B 115 16.33 -4.94 29.19
C HIS B 115 15.56 -4.24 30.33
N PRO B 116 16.12 -3.15 30.94
CA PRO B 116 15.45 -2.53 32.10
C PRO B 116 14.06 -1.92 31.82
N ASP B 117 13.73 -1.72 30.53
CA ASP B 117 12.47 -1.14 30.05
C ASP B 117 11.35 -2.17 29.83
N LEU B 118 11.55 -3.42 30.26
CA LEU B 118 10.53 -4.46 30.05
C LEU B 118 9.18 -4.19 30.76
N GLY B 119 8.12 -4.76 30.18
CA GLY B 119 6.76 -4.75 30.70
C GLY B 119 6.31 -6.17 31.00
N VAL B 120 5.49 -6.36 32.03
CA VAL B 120 5.03 -7.69 32.48
C VAL B 120 3.52 -7.90 32.22
N ILE B 121 3.19 -9.04 31.59
CA ILE B 121 1.84 -9.58 31.39
C ILE B 121 1.90 -10.83 32.31
N TRP B 122 1.07 -10.85 33.36
CA TRP B 122 1.05 -11.91 34.35
C TRP B 122 -0.25 -12.70 34.23
N VAL B 123 -0.18 -13.90 33.64
CA VAL B 123 -1.37 -14.73 33.44
C VAL B 123 -1.46 -15.67 34.65
N ASP B 124 -2.47 -15.45 35.53
CA ASP B 124 -2.64 -16.22 36.76
C ASP B 124 -4.02 -15.98 37.37
N ALA B 125 -4.49 -16.93 38.21
CA ALA B 125 -5.74 -16.84 38.96
C ALA B 125 -5.46 -15.97 40.18
N HIS B 126 -4.18 -15.96 40.57
CA HIS B 126 -3.65 -15.26 41.73
C HIS B 126 -2.77 -14.10 41.34
N THR B 127 -2.69 -13.09 42.22
CA THR B 127 -1.85 -11.91 42.01
C THR B 127 -0.39 -12.20 42.38
N ASP B 128 -0.13 -13.13 43.34
CA ASP B 128 1.23 -13.53 43.82
C ASP B 128 2.02 -12.31 44.34
N ILE B 129 1.31 -11.38 44.99
CA ILE B 129 1.82 -10.11 45.44
C ILE B 129 1.81 -9.98 46.98
N ASN B 130 1.66 -11.11 47.72
CA ASN B 130 1.74 -11.05 49.17
C ASN B 130 3.16 -10.69 49.52
N THR B 131 3.35 -9.90 50.57
CA THR B 131 4.68 -9.55 51.05
C THR B 131 4.97 -10.61 52.13
N PRO B 132 6.25 -10.82 52.57
CA PRO B 132 6.52 -11.78 53.66
C PRO B 132 5.75 -11.53 54.98
N LEU B 133 5.08 -10.38 55.09
CA LEU B 133 4.29 -9.95 56.25
C LEU B 133 2.78 -10.07 56.00
N THR B 134 2.32 -9.88 54.77
CA THR B 134 0.88 -10.02 54.50
C THR B 134 0.53 -11.52 54.31
N THR B 135 1.50 -12.32 53.86
CA THR B 135 1.34 -13.76 53.66
C THR B 135 0.89 -14.53 54.94
N THR B 136 -0.07 -15.46 54.79
CA THR B 136 -0.59 -16.32 55.85
C THR B 136 -0.06 -17.74 55.68
N SER B 137 0.19 -18.16 54.42
CA SER B 137 0.70 -19.47 54.06
C SER B 137 2.21 -19.60 54.33
N GLY B 138 2.97 -18.54 54.02
CA GLY B 138 4.42 -18.51 54.11
C GLY B 138 5.09 -18.99 52.85
N ASN B 139 4.28 -19.43 51.83
CA ASN B 139 4.72 -19.99 50.56
C ASN B 139 5.15 -18.90 49.59
N LEU B 140 6.44 -18.93 49.19
CA LEU B 140 7.06 -17.87 48.38
C LEU B 140 6.56 -17.80 46.93
N HIS B 141 5.90 -18.85 46.39
CA HIS B 141 5.33 -18.84 45.02
C HIS B 141 4.14 -17.84 44.89
N GLY B 142 3.65 -17.36 46.04
CA GLY B 142 2.57 -16.38 46.16
C GLY B 142 3.07 -15.01 46.59
N GLN B 143 4.37 -14.77 46.45
CA GLN B 143 5.05 -13.52 46.80
C GLN B 143 5.98 -12.94 45.68
N PRO B 144 6.17 -13.55 44.46
CA PRO B 144 7.18 -13.01 43.52
C PRO B 144 7.09 -11.51 43.19
N VAL B 145 5.87 -11.02 42.88
CA VAL B 145 5.56 -9.62 42.53
C VAL B 145 5.94 -8.61 43.63
N SER B 146 5.76 -8.96 44.92
CA SER B 146 6.11 -8.05 46.02
C SER B 146 7.62 -7.61 46.01
N PHE B 147 8.53 -8.57 45.84
CA PHE B 147 9.97 -8.38 45.79
C PHE B 147 10.43 -7.60 44.53
N LEU B 148 9.64 -7.66 43.44
CA LEU B 148 9.94 -7.01 42.16
C LEU B 148 9.38 -5.58 42.03
N LEU B 149 8.28 -5.27 42.72
CA LEU B 149 7.66 -3.95 42.64
C LEU B 149 8.45 -2.86 43.34
N LYS B 150 8.81 -1.78 42.62
CA LYS B 150 9.56 -0.65 43.17
C LYS B 150 8.79 0.07 44.30
N GLU B 151 7.46 0.21 44.13
CA GLU B 151 6.56 0.88 45.08
C GLU B 151 6.46 0.17 46.43
N LEU B 152 6.83 -1.12 46.49
CA LEU B 152 6.80 -1.88 47.72
C LEU B 152 8.12 -1.86 48.49
N LYS B 153 9.12 -1.05 48.02
CA LYS B 153 10.41 -0.94 48.73
C LYS B 153 10.12 -0.24 50.06
N GLY B 154 10.57 -0.87 51.15
CA GLY B 154 10.29 -0.44 52.51
C GLY B 154 9.21 -1.26 53.16
N LYS B 155 8.66 -2.26 52.42
CA LYS B 155 7.58 -3.15 52.88
C LYS B 155 8.05 -4.60 52.85
N ILE B 156 9.14 -4.86 52.11
CA ILE B 156 9.75 -6.19 52.03
C ILE B 156 10.89 -6.18 53.08
N PRO B 157 10.84 -7.03 54.15
CA PRO B 157 11.93 -6.99 55.14
C PRO B 157 13.16 -7.75 54.65
N ASP B 158 14.18 -7.87 55.51
CA ASP B 158 15.44 -8.55 55.20
C ASP B 158 15.28 -10.05 55.37
N VAL B 159 14.91 -10.71 54.28
CA VAL B 159 14.65 -12.15 54.21
C VAL B 159 15.97 -12.85 53.78
N PRO B 160 16.49 -13.86 54.54
CA PRO B 160 17.77 -14.49 54.15
C PRO B 160 17.66 -15.15 52.78
N GLY B 161 18.64 -14.90 51.94
CA GLY B 161 18.68 -15.40 50.58
C GLY B 161 18.30 -14.36 49.53
N PHE B 162 17.68 -13.25 49.95
CA PHE B 162 17.21 -12.23 48.99
C PHE B 162 17.96 -10.89 49.01
N SER B 163 19.19 -10.82 49.60
CA SER B 163 19.95 -9.56 49.65
C SER B 163 20.34 -9.02 48.30
N TRP B 164 20.37 -9.92 47.30
CA TRP B 164 20.73 -9.58 45.93
C TRP B 164 19.58 -8.86 45.20
N VAL B 165 18.33 -8.98 45.71
CA VAL B 165 17.15 -8.39 45.04
C VAL B 165 17.16 -6.85 45.15
N THR B 166 16.91 -6.20 44.00
CA THR B 166 16.71 -4.77 43.79
C THR B 166 15.44 -4.74 42.92
N PRO B 167 14.30 -4.19 43.41
CA PRO B 167 13.08 -4.18 42.56
C PRO B 167 13.30 -3.52 41.21
N CYS B 168 12.78 -4.13 40.15
CA CYS B 168 13.02 -3.65 38.79
C CYS B 168 11.77 -3.20 38.02
N ILE B 169 10.55 -3.54 38.52
CA ILE B 169 9.31 -3.16 37.83
C ILE B 169 8.44 -2.19 38.66
N SER B 170 8.04 -1.08 38.01
CA SER B 170 7.14 -0.11 38.59
C SER B 170 5.75 -0.69 38.41
N ALA B 171 4.84 -0.35 39.32
CA ALA B 171 3.47 -0.82 39.35
C ALA B 171 2.75 -0.56 38.02
N LYS B 172 3.09 0.54 37.34
CA LYS B 172 2.51 0.95 36.04
C LYS B 172 2.97 0.05 34.87
N ASP B 173 3.99 -0.79 35.08
CA ASP B 173 4.60 -1.60 34.04
C ASP B 173 4.23 -3.10 34.08
N ILE B 174 3.12 -3.44 34.79
CA ILE B 174 2.56 -4.79 34.92
C ILE B 174 1.03 -4.81 34.66
N VAL B 175 0.53 -5.87 33.98
CA VAL B 175 -0.89 -6.13 33.69
C VAL B 175 -1.21 -7.59 34.13
N TYR B 176 -2.20 -7.75 35.00
CA TYR B 176 -2.68 -9.04 35.47
C TYR B 176 -3.87 -9.47 34.61
N ILE B 177 -3.91 -10.76 34.23
CA ILE B 177 -5.03 -11.34 33.47
C ILE B 177 -5.40 -12.74 34.05
N GLY B 178 -6.68 -12.92 34.40
CA GLY B 178 -7.21 -14.20 34.84
C GLY B 178 -7.58 -14.34 36.30
N LEU B 179 -7.42 -13.25 37.07
CA LEU B 179 -7.63 -13.21 38.52
C LEU B 179 -9.00 -13.62 38.97
N ARG B 180 -9.06 -14.46 40.02
CA ARG B 180 -10.30 -14.97 40.59
C ARG B 180 -10.15 -15.45 42.06
N ASP B 181 -8.91 -15.45 42.62
CA ASP B 181 -8.62 -15.88 44.00
C ASP B 181 -7.49 -15.00 44.56
N VAL B 182 -7.89 -13.86 45.15
CA VAL B 182 -7.00 -12.81 45.66
C VAL B 182 -7.19 -12.57 47.15
N ASP B 183 -6.08 -12.65 47.94
CA ASP B 183 -6.07 -12.45 49.39
C ASP B 183 -6.43 -11.00 49.77
N PRO B 184 -7.02 -10.76 50.97
CA PRO B 184 -7.37 -9.38 51.36
C PRO B 184 -6.21 -8.41 51.31
N GLY B 185 -5.05 -8.85 51.79
CA GLY B 185 -3.82 -8.08 51.79
C GLY B 185 -3.36 -7.76 50.38
N GLU B 186 -3.54 -8.73 49.47
CA GLU B 186 -3.17 -8.60 48.05
C GLU B 186 -4.11 -7.62 47.35
N HIS B 187 -5.45 -7.72 47.61
CA HIS B 187 -6.46 -6.83 47.00
C HIS B 187 -6.22 -5.37 47.37
N TYR B 188 -5.87 -5.12 48.66
CA TYR B 188 -5.51 -3.80 49.19
C TYR B 188 -4.29 -3.25 48.41
N ILE B 189 -3.22 -4.08 48.21
CA ILE B 189 -2.01 -3.70 47.47
C ILE B 189 -2.39 -3.34 46.05
N LEU B 190 -3.09 -4.26 45.38
CA LEU B 190 -3.59 -4.11 44.00
C LEU B 190 -4.29 -2.77 43.79
N LYS B 191 -5.23 -2.45 44.68
CA LYS B 191 -6.04 -1.24 44.61
C LYS B 191 -5.27 0.01 44.99
N THR B 192 -4.51 0.01 46.12
CA THR B 192 -3.76 1.21 46.55
C THR B 192 -2.69 1.65 45.56
N LEU B 193 -1.93 0.70 44.99
CA LEU B 193 -0.88 0.98 44.02
C LEU B 193 -1.41 1.22 42.58
N GLY B 194 -2.73 1.05 42.38
CA GLY B 194 -3.43 1.22 41.10
C GLY B 194 -2.91 0.38 39.94
N ILE B 195 -2.56 -0.89 40.21
CA ILE B 195 -2.05 -1.82 39.18
C ILE B 195 -3.14 -2.18 38.17
N LYS B 196 -2.80 -2.21 36.87
CA LYS B 196 -3.72 -2.58 35.80
C LYS B 196 -4.01 -4.06 35.87
N TYR B 197 -5.27 -4.40 35.98
CA TYR B 197 -5.67 -5.79 36.05
C TYR B 197 -6.96 -6.03 35.31
N PHE B 198 -7.14 -7.27 34.88
CA PHE B 198 -8.33 -7.76 34.22
C PHE B 198 -8.64 -9.10 34.92
N SER B 199 -9.44 -9.05 35.98
CA SER B 199 -9.86 -10.27 36.66
C SER B 199 -10.81 -11.05 35.71
N MET B 200 -11.32 -12.22 36.16
CA MET B 200 -12.29 -13.01 35.40
C MET B 200 -13.59 -12.19 35.12
N THR B 201 -13.92 -11.20 36.03
CA THR B 201 -15.06 -10.26 35.93
C THR B 201 -14.91 -9.37 34.69
N GLU B 202 -13.71 -8.78 34.49
CA GLU B 202 -13.37 -7.93 33.34
C GLU B 202 -13.35 -8.73 32.04
N VAL B 203 -12.80 -9.98 32.03
CA VAL B 203 -12.77 -10.82 30.81
C VAL B 203 -14.22 -11.16 30.38
N ASP B 204 -15.10 -11.40 31.37
CA ASP B 204 -16.51 -11.69 31.16
C ASP B 204 -17.24 -10.48 30.57
N ARG B 205 -16.91 -9.27 31.09
CA ARG B 205 -17.49 -7.99 30.70
C ARG B 205 -17.13 -7.55 29.28
N LEU B 206 -15.88 -7.72 28.89
CA LEU B 206 -15.36 -7.20 27.63
C LEU B 206 -15.10 -8.20 26.53
N GLY B 207 -14.82 -9.44 26.94
CA GLY B 207 -14.39 -10.49 26.03
C GLY B 207 -12.89 -10.43 25.95
N ILE B 208 -12.22 -11.56 25.66
CA ILE B 208 -10.75 -11.57 25.59
C ILE B 208 -10.21 -10.63 24.47
N GLY B 209 -11.04 -10.32 23.47
CA GLY B 209 -10.68 -9.40 22.38
C GLY B 209 -10.26 -8.02 22.88
N LYS B 210 -11.16 -7.34 23.64
CA LYS B 210 -10.91 -6.02 24.22
C LYS B 210 -9.82 -6.06 25.30
N VAL B 211 -9.82 -7.12 26.16
CA VAL B 211 -8.81 -7.34 27.21
C VAL B 211 -7.39 -7.24 26.64
N MET B 212 -7.10 -7.97 25.56
CA MET B 212 -5.76 -7.97 24.96
C MET B 212 -5.42 -6.68 24.23
N GLU B 213 -6.42 -6.09 23.56
CA GLU B 213 -6.28 -4.80 22.87
C GLU B 213 -5.90 -3.73 23.92
N GLU B 214 -6.56 -3.74 25.09
CA GLU B 214 -6.29 -2.82 26.20
C GLU B 214 -4.93 -3.07 26.86
N THR B 215 -4.59 -4.35 27.14
CA THR B 215 -3.30 -4.78 27.74
C THR B 215 -2.10 -4.35 26.87
N LEU B 216 -2.18 -4.58 25.55
CA LEU B 216 -1.05 -4.26 24.67
C LEU B 216 -0.92 -2.77 24.41
N SER B 217 -2.05 -2.02 24.51
CA SER B 217 -2.05 -0.57 24.34
C SER B 217 -1.56 0.06 25.63
N TYR B 218 -1.92 -0.56 26.79
CA TYR B 218 -1.53 -0.09 28.11
C TYR B 218 -0.02 -0.17 28.33
N LEU B 219 0.60 -1.26 27.86
CA LEU B 219 2.03 -1.50 28.05
C LEU B 219 2.86 -0.90 26.96
N LEU B 220 2.38 -0.87 25.72
CA LEU B 220 3.19 -0.38 24.58
C LEU B 220 2.73 0.95 23.94
N GLY B 221 1.67 1.55 24.48
CA GLY B 221 1.08 2.80 23.99
C GLY B 221 2.05 3.98 23.92
N ARG B 222 2.80 4.22 25.02
CA ARG B 222 3.79 5.29 25.17
C ARG B 222 5.06 4.97 24.35
N LYS B 223 5.59 3.74 24.47
CA LYS B 223 6.77 3.29 23.71
C LYS B 223 6.85 1.77 23.57
N LYS B 224 7.31 1.29 22.42
CA LYS B 224 7.51 -0.12 22.14
C LYS B 224 8.72 -0.59 22.95
N ARG B 225 8.50 -1.55 23.85
CA ARG B 225 9.46 -2.10 24.81
C ARG B 225 9.40 -3.64 24.88
N PRO B 226 10.45 -4.36 25.39
CA PRO B 226 10.40 -5.83 25.48
C PRO B 226 9.30 -6.34 26.41
N ILE B 227 8.65 -7.46 26.03
CA ILE B 227 7.56 -8.06 26.81
C ILE B 227 8.01 -9.31 27.56
N HIS B 228 7.77 -9.34 28.89
CA HIS B 228 7.97 -10.50 29.72
C HIS B 228 6.60 -11.08 30.07
N LEU B 229 6.34 -12.31 29.58
CA LEU B 229 5.09 -13.00 29.89
C LEU B 229 5.38 -14.05 30.93
N SER B 230 4.73 -13.92 32.11
CA SER B 230 4.84 -14.93 33.16
C SER B 230 3.51 -15.67 33.18
N PHE B 231 3.48 -16.88 32.59
CA PHE B 231 2.27 -17.71 32.48
C PHE B 231 2.16 -18.78 33.56
N ASP B 232 1.20 -18.62 34.48
CA ASP B 232 0.98 -19.65 35.50
C ASP B 232 -0.11 -20.55 34.94
N VAL B 233 0.11 -21.89 34.85
CA VAL B 233 -0.90 -22.79 34.25
C VAL B 233 -2.24 -22.75 35.00
N ASP B 234 -2.28 -22.43 36.31
CA ASP B 234 -3.54 -22.29 37.07
C ASP B 234 -4.36 -21.05 36.60
N GLY B 235 -3.78 -20.22 35.72
CA GLY B 235 -4.45 -19.08 35.11
C GLY B 235 -5.59 -19.57 34.23
N LEU B 236 -5.36 -20.70 33.52
CA LEU B 236 -6.38 -21.37 32.71
C LEU B 236 -7.21 -22.26 33.61
N ASP B 237 -8.48 -22.51 33.20
CA ASP B 237 -9.45 -23.36 33.91
C ASP B 237 -8.90 -24.77 34.21
N PRO B 238 -9.15 -25.35 35.41
CA PRO B 238 -8.64 -26.71 35.70
C PRO B 238 -9.25 -27.84 34.86
N SER B 239 -10.18 -27.51 33.94
CA SER B 239 -10.73 -28.49 33.01
C SER B 239 -9.77 -28.63 31.78
N PHE B 240 -8.71 -27.78 31.74
CA PHE B 240 -7.67 -27.72 30.71
C PHE B 240 -6.26 -27.96 31.31
N THR B 241 -6.01 -27.41 32.52
CA THR B 241 -4.73 -27.55 33.23
C THR B 241 -4.98 -28.12 34.67
N PRO B 242 -5.53 -29.36 34.82
CA PRO B 242 -5.82 -29.88 36.18
C PRO B 242 -4.62 -30.16 37.07
N ALA B 243 -3.52 -30.68 36.49
CA ALA B 243 -2.32 -31.02 37.25
C ALA B 243 -1.50 -29.77 37.66
N THR B 244 -2.00 -29.07 38.68
CA THR B 244 -1.43 -27.84 39.24
C THR B 244 -1.79 -27.78 40.73
N GLY B 245 -0.86 -27.26 41.54
CA GLY B 245 -0.97 -27.15 42.99
C GLY B 245 -2.06 -26.29 43.60
N THR B 246 -2.41 -25.15 42.95
CA THR B 246 -3.46 -24.24 43.45
C THR B 246 -4.55 -23.99 42.38
N PRO B 247 -5.42 -24.99 42.07
CA PRO B 247 -6.45 -24.78 41.04
C PRO B 247 -7.68 -23.99 41.53
N VAL B 248 -8.28 -23.22 40.62
CA VAL B 248 -9.47 -22.40 40.89
C VAL B 248 -10.42 -22.49 39.69
N VAL B 249 -11.68 -22.90 39.95
CA VAL B 249 -12.75 -23.00 38.93
C VAL B 249 -13.06 -21.64 38.30
N GLY B 250 -13.73 -21.66 37.15
CA GLY B 250 -14.13 -20.47 36.40
C GLY B 250 -12.97 -19.72 35.77
N GLY B 251 -11.98 -20.46 35.29
CA GLY B 251 -10.79 -19.89 34.68
C GLY B 251 -10.86 -19.62 33.19
N LEU B 252 -9.73 -19.15 32.66
CA LEU B 252 -9.58 -18.88 31.24
C LEU B 252 -9.78 -20.16 30.42
N THR B 253 -10.48 -20.04 29.26
CA THR B 253 -10.73 -21.20 28.37
C THR B 253 -9.47 -21.49 27.54
N TYR B 254 -9.45 -22.65 26.85
CA TYR B 254 -8.34 -23.10 26.00
C TYR B 254 -8.11 -22.06 24.91
N ARG B 255 -9.23 -21.65 24.24
CA ARG B 255 -9.25 -20.64 23.19
C ARG B 255 -8.71 -19.33 23.69
N GLU B 256 -9.28 -18.79 24.80
CA GLU B 256 -8.81 -17.54 25.44
C GLU B 256 -7.31 -17.51 25.69
N GLY B 257 -6.76 -18.62 26.21
CA GLY B 257 -5.33 -18.78 26.44
C GLY B 257 -4.49 -18.70 25.19
N LEU B 258 -4.98 -19.33 24.09
CA LEU B 258 -4.32 -19.29 22.79
C LEU B 258 -4.48 -17.90 22.19
N TYR B 259 -5.56 -17.20 22.52
CA TYR B 259 -5.79 -15.84 22.04
C TYR B 259 -4.78 -14.83 22.61
N ILE B 260 -4.58 -14.87 23.93
CA ILE B 260 -3.61 -14.04 24.67
C ILE B 260 -2.20 -14.21 24.06
N THR B 261 -1.75 -15.46 23.88
CA THR B 261 -0.42 -15.81 23.40
C THR B 261 -0.21 -15.48 21.91
N GLU B 262 -1.23 -15.76 21.06
CA GLU B 262 -1.23 -15.45 19.64
C GLU B 262 -1.10 -13.94 19.45
N GLU B 263 -1.82 -13.15 20.27
CA GLU B 263 -1.80 -11.68 20.24
C GLU B 263 -0.48 -11.08 20.73
N ILE B 264 0.14 -11.69 21.76
CA ILE B 264 1.45 -11.28 22.29
C ILE B 264 2.51 -11.59 21.24
N TYR B 265 2.35 -12.73 20.51
CA TYR B 265 3.29 -13.12 19.46
C TYR B 265 3.34 -12.04 18.39
N LYS B 266 2.17 -11.66 17.86
CA LYS B 266 2.00 -10.68 16.78
C LYS B 266 2.71 -9.36 17.03
N THR B 267 2.84 -8.93 18.30
CA THR B 267 3.58 -7.71 18.67
C THR B 267 5.05 -7.77 18.21
N GLY B 268 5.59 -8.99 18.11
CA GLY B 268 6.95 -9.28 17.73
C GLY B 268 7.93 -8.91 18.81
N LEU B 269 7.40 -8.45 19.97
CA LEU B 269 8.14 -7.93 21.12
C LEU B 269 8.33 -8.87 22.28
N LEU B 270 7.79 -10.13 22.22
CA LEU B 270 8.03 -11.09 23.31
C LEU B 270 9.56 -11.27 23.52
N SER B 271 10.01 -11.25 24.79
CA SER B 271 11.44 -11.28 25.12
C SER B 271 11.77 -12.28 26.21
N GLY B 272 10.79 -12.54 27.07
CA GLY B 272 10.92 -13.48 28.18
C GLY B 272 9.63 -14.24 28.40
N LEU B 273 9.75 -15.56 28.57
CA LEU B 273 8.61 -16.44 28.80
C LEU B 273 8.87 -17.42 29.94
N ASP B 274 7.88 -17.52 30.85
CA ASP B 274 7.83 -18.41 32.02
C ASP B 274 6.60 -19.30 31.86
N ILE B 275 6.76 -20.64 31.88
CA ILE B 275 5.64 -21.60 31.81
C ILE B 275 5.71 -22.33 33.12
N MET B 276 5.02 -21.80 34.11
CA MET B 276 5.12 -22.25 35.48
C MET B 276 3.96 -23.07 35.99
N GLU B 277 4.23 -23.76 37.12
CA GLU B 277 3.36 -24.54 38.00
C GLU B 277 2.79 -25.84 37.41
N VAL B 278 3.44 -26.46 36.41
CA VAL B 278 2.95 -27.77 35.95
C VAL B 278 3.44 -28.83 36.95
N ASN B 279 2.51 -29.54 37.58
CA ASN B 279 2.83 -30.56 38.55
C ASN B 279 2.29 -31.94 38.11
N PRO B 280 3.14 -32.76 37.43
CA PRO B 280 2.71 -34.08 36.94
C PRO B 280 2.38 -35.17 37.97
N SER B 281 2.45 -34.86 39.28
CA SER B 281 2.10 -35.85 40.30
C SER B 281 0.79 -35.47 40.96
N LEU B 282 0.14 -34.37 40.48
CA LEU B 282 -1.14 -33.86 40.98
C LEU B 282 -2.33 -34.19 40.09
N GLY B 283 -2.14 -35.13 39.16
CA GLY B 283 -3.22 -35.60 38.32
C GLY B 283 -4.03 -36.65 39.05
N LYS B 284 -5.37 -36.57 38.98
CA LYS B 284 -6.25 -37.58 39.59
C LYS B 284 -6.25 -38.86 38.75
N THR B 285 -5.92 -38.73 37.45
CA THR B 285 -5.82 -39.83 36.47
C THR B 285 -4.61 -39.54 35.58
N PRO B 286 -3.98 -40.55 34.91
CA PRO B 286 -2.88 -40.25 33.99
C PRO B 286 -3.24 -39.28 32.84
N GLU B 287 -4.52 -39.30 32.39
CA GLU B 287 -5.05 -38.42 31.32
C GLU B 287 -5.00 -36.95 31.73
N GLU B 288 -5.31 -36.65 33.01
CA GLU B 288 -5.28 -35.29 33.56
C GLU B 288 -3.88 -34.71 33.44
N VAL B 289 -2.83 -35.56 33.62
CA VAL B 289 -1.41 -35.17 33.49
C VAL B 289 -1.08 -34.75 32.05
N THR B 290 -1.38 -35.64 31.08
CA THR B 290 -1.12 -35.40 29.64
C THR B 290 -1.87 -34.19 29.15
N ARG B 291 -3.13 -34.03 29.59
CA ARG B 291 -4.00 -32.90 29.26
C ARG B 291 -3.35 -31.58 29.69
N THR B 292 -2.73 -31.53 30.89
CA THR B 292 -2.06 -30.36 31.44
C THR B 292 -0.83 -29.96 30.61
N VAL B 293 0.09 -30.92 30.44
CA VAL B 293 1.31 -30.81 29.66
C VAL B 293 0.98 -30.38 28.20
N ASN B 294 -0.04 -31.00 27.57
CA ASN B 294 -0.48 -30.67 26.21
C ASN B 294 -1.01 -29.22 26.07
N THR B 295 -1.81 -28.72 27.04
CA THR B 295 -2.30 -27.34 27.06
C THR B 295 -1.11 -26.38 27.26
N ALA B 296 -0.18 -26.74 28.16
CA ALA B 296 1.05 -25.99 28.44
C ALA B 296 1.86 -25.85 27.14
N VAL B 297 2.10 -26.96 26.40
CA VAL B 297 2.85 -26.99 25.13
C VAL B 297 2.12 -26.21 24.01
N ALA B 298 0.78 -26.27 23.97
CA ALA B 298 -0.02 -25.53 22.98
C ALA B 298 0.03 -24.02 23.24
N ILE B 299 0.03 -23.60 24.52
CA ILE B 299 0.15 -22.18 24.92
C ILE B 299 1.55 -21.70 24.47
N THR B 300 2.59 -22.54 24.72
CA THR B 300 3.99 -22.23 24.36
C THR B 300 4.18 -22.04 22.86
N LEU B 301 3.60 -22.92 22.03
CA LEU B 301 3.73 -22.88 20.58
C LEU B 301 3.08 -21.67 19.95
N ALA B 302 1.98 -21.17 20.54
CA ALA B 302 1.32 -19.91 20.11
C ALA B 302 2.23 -18.70 20.41
N CYS B 303 3.03 -18.76 21.49
CA CYS B 303 3.97 -17.72 21.90
C CYS B 303 5.02 -17.49 20.81
N PHE B 304 5.36 -18.57 20.06
CA PHE B 304 6.43 -18.49 19.07
C PHE B 304 5.97 -18.65 17.61
N GLY B 305 4.72 -18.30 17.32
CA GLY B 305 4.26 -18.23 15.94
C GLY B 305 3.09 -19.04 15.45
N LEU B 306 2.75 -20.12 16.17
CA LEU B 306 1.65 -21.00 15.79
C LEU B 306 0.32 -20.26 15.80
N ALA B 307 -0.28 -20.11 14.61
CA ALA B 307 -1.53 -19.38 14.38
C ALA B 307 -2.66 -20.35 14.04
N ARG B 308 -3.85 -20.18 14.66
CA ARG B 308 -4.99 -21.07 14.36
C ARG B 308 -5.47 -20.98 12.91
N GLU B 309 -5.31 -19.80 12.26
CA GLU B 309 -5.70 -19.60 10.86
C GLU B 309 -4.82 -20.36 9.89
N GLY B 310 -3.68 -20.85 10.39
CA GLY B 310 -2.70 -21.58 9.61
C GLY B 310 -1.40 -20.79 9.49
N ASN B 311 -0.38 -21.42 8.91
CA ASN B 311 0.92 -20.81 8.65
C ASN B 311 1.44 -21.43 7.33
N HIS B 312 2.27 -20.69 6.58
CA HIS B 312 2.88 -21.15 5.32
C HIS B 312 4.25 -20.48 5.13
N LYS B 313 5.15 -21.13 4.39
CA LYS B 313 6.50 -20.63 4.13
C LYS B 313 6.48 -19.71 2.91
N PRO B 314 7.43 -18.76 2.72
CA PRO B 314 7.39 -17.89 1.52
C PRO B 314 7.85 -18.64 0.25
N ILE B 315 7.03 -19.60 -0.17
CA ILE B 315 7.22 -20.47 -1.33
C ILE B 315 5.88 -20.61 -2.05
N ASP B 316 5.91 -20.90 -3.37
CA ASP B 316 4.72 -21.06 -4.19
C ASP B 316 4.22 -22.50 -4.13
N TYR B 317 3.26 -22.77 -3.22
CA TYR B 317 2.66 -24.08 -2.96
C TYR B 317 1.86 -24.63 -4.14
N LEU B 318 1.46 -23.76 -5.09
CA LEU B 318 0.71 -24.18 -6.27
C LEU B 318 1.65 -24.62 -7.42
N ASN B 319 2.97 -24.38 -7.29
CA ASN B 319 3.99 -24.76 -8.26
C ASN B 319 5.16 -25.54 -7.61
N ALA C 3 40.09 -0.57 -13.04
CA ALA C 3 39.69 0.02 -11.77
C ALA C 3 38.35 -0.56 -11.31
N LYS C 4 37.96 -0.31 -10.03
CA LYS C 4 36.68 -0.78 -9.48
C LYS C 4 35.49 -0.20 -10.25
N SER C 5 35.58 1.09 -10.65
CA SER C 5 34.59 1.80 -11.45
C SER C 5 34.49 1.23 -12.89
N ARG C 6 35.48 0.43 -13.31
CA ARG C 6 35.52 -0.18 -14.64
C ARG C 6 35.45 -1.72 -14.62
N THR C 7 34.98 -2.35 -13.51
CA THR C 7 34.91 -3.82 -13.39
C THR C 7 33.45 -4.26 -13.52
N ILE C 8 33.07 -4.85 -14.67
CA ILE C 8 31.68 -5.21 -14.97
C ILE C 8 31.40 -6.73 -15.11
N GLY C 9 30.19 -7.10 -14.66
CA GLY C 9 29.58 -8.42 -14.76
C GLY C 9 28.30 -8.21 -15.55
N ILE C 10 28.25 -8.75 -16.80
CA ILE C 10 27.11 -8.57 -17.72
C ILE C 10 26.06 -9.65 -17.52
N ILE C 11 24.79 -9.22 -17.30
CA ILE C 11 23.65 -10.13 -17.20
C ILE C 11 22.57 -9.72 -18.22
N GLY C 12 22.29 -10.63 -19.14
CA GLY C 12 21.23 -10.51 -20.13
C GLY C 12 19.94 -11.05 -19.52
N ALA C 13 18.84 -10.36 -19.74
CA ALA C 13 17.54 -10.78 -19.23
C ALA C 13 16.47 -10.70 -20.32
N PRO C 14 16.34 -11.77 -21.16
CA PRO C 14 15.29 -11.76 -22.20
C PRO C 14 13.90 -12.02 -21.60
N PHE C 15 13.29 -10.96 -21.00
CA PHE C 15 11.99 -11.03 -20.34
C PHE C 15 11.03 -9.95 -20.85
N SER C 16 9.78 -10.34 -21.23
CA SER C 16 8.79 -9.41 -21.76
C SER C 16 7.44 -9.38 -21.04
N LYS C 17 7.20 -10.29 -20.08
CA LYS C 17 5.91 -10.48 -19.41
C LYS C 17 5.57 -9.48 -18.27
N GLY C 18 6.35 -8.41 -18.15
CA GLY C 18 6.06 -7.33 -17.21
C GLY C 18 5.16 -6.31 -17.90
N GLN C 19 5.05 -6.44 -19.23
CA GLN C 19 4.25 -5.58 -20.11
C GLN C 19 3.62 -6.39 -21.29
N PRO C 20 2.65 -5.85 -22.06
CA PRO C 20 2.02 -6.67 -23.10
C PRO C 20 2.63 -6.61 -24.51
N ARG C 21 3.67 -5.76 -24.75
CA ARG C 21 4.26 -5.62 -26.09
C ARG C 21 5.48 -6.55 -26.32
N GLY C 22 5.31 -7.52 -27.20
CA GLY C 22 6.36 -8.46 -27.56
C GLY C 22 7.54 -7.80 -28.26
N GLY C 23 8.73 -8.35 -28.03
CA GLY C 23 9.97 -7.86 -28.64
C GLY C 23 11.05 -7.38 -27.69
N VAL C 24 10.65 -6.88 -26.50
CA VAL C 24 11.56 -6.35 -25.46
C VAL C 24 12.53 -7.45 -24.96
N GLU C 25 12.15 -8.75 -25.15
CA GLU C 25 12.99 -9.89 -24.79
C GLU C 25 14.26 -9.92 -25.66
N GLU C 26 14.19 -9.35 -26.86
CA GLU C 26 15.31 -9.23 -27.80
C GLU C 26 16.31 -8.10 -27.42
N GLY C 27 15.97 -7.29 -26.41
CA GLY C 27 16.80 -6.20 -25.88
C GLY C 27 18.24 -6.59 -25.59
N PRO C 28 18.52 -7.67 -24.81
CA PRO C 28 19.91 -8.11 -24.62
C PRO C 28 20.63 -8.51 -25.93
N THR C 29 19.92 -9.22 -26.84
CA THR C 29 20.46 -9.69 -28.13
C THR C 29 20.98 -8.53 -28.99
N VAL C 30 20.14 -7.52 -29.22
CA VAL C 30 20.44 -6.39 -30.10
C VAL C 30 21.54 -5.49 -29.51
N LEU C 31 21.60 -5.34 -28.18
CA LEU C 31 22.66 -4.55 -27.53
C LEU C 31 24.01 -5.26 -27.66
N ARG C 32 24.01 -6.61 -27.64
CA ARG C 32 25.23 -7.43 -27.78
C ARG C 32 25.82 -7.29 -29.19
N LYS C 33 24.95 -7.43 -30.22
CA LYS C 33 25.22 -7.39 -31.66
C LYS C 33 25.78 -6.04 -32.10
N ALA C 34 25.43 -4.99 -31.34
CA ALA C 34 25.90 -3.63 -31.55
C ALA C 34 27.34 -3.47 -31.04
N GLY C 35 27.87 -4.55 -30.44
CA GLY C 35 29.24 -4.66 -29.93
C GLY C 35 29.47 -4.01 -28.59
N LEU C 36 28.43 -3.95 -27.72
CA LEU C 36 28.53 -3.35 -26.39
C LEU C 36 29.75 -3.79 -25.60
N LEU C 37 29.91 -5.12 -25.43
CA LEU C 37 30.97 -5.77 -24.66
C LEU C 37 32.40 -5.46 -25.15
N GLU C 38 32.60 -5.48 -26.47
CA GLU C 38 33.88 -5.23 -27.14
C GLU C 38 34.22 -3.74 -26.98
N LYS C 39 33.19 -2.85 -27.15
CA LYS C 39 33.30 -1.40 -26.97
C LYS C 39 33.65 -1.07 -25.50
N LEU C 40 33.17 -1.91 -24.56
CA LEU C 40 33.44 -1.77 -23.13
C LEU C 40 34.89 -2.17 -22.86
N LYS C 41 35.32 -3.32 -23.43
CA LYS C 41 36.67 -3.87 -23.31
C LYS C 41 37.75 -2.92 -23.84
N GLU C 42 37.42 -2.13 -24.90
CA GLU C 42 38.29 -1.11 -25.54
C GLU C 42 38.46 0.13 -24.63
N GLN C 43 37.59 0.26 -23.63
CA GLN C 43 37.51 1.37 -22.68
C GLN C 43 38.20 1.09 -21.34
N GLU C 44 39.07 0.06 -21.31
CA GLU C 44 39.86 -0.43 -20.17
C GLU C 44 38.96 -0.96 -19.04
N CYS C 45 37.91 -1.69 -19.45
CA CYS C 45 36.98 -2.37 -18.55
C CYS C 45 37.34 -3.83 -18.40
N ASP C 46 37.20 -4.36 -17.19
CA ASP C 46 37.41 -5.78 -16.89
C ASP C 46 36.00 -6.38 -17.02
N VAL C 47 35.70 -6.93 -18.21
CA VAL C 47 34.37 -7.47 -18.55
C VAL C 47 34.32 -9.00 -18.41
N LYS C 48 33.25 -9.49 -17.76
CA LYS C 48 32.91 -10.89 -17.54
C LYS C 48 31.42 -11.06 -17.82
N ASP C 49 31.10 -11.89 -18.81
CA ASP C 49 29.76 -12.22 -19.25
C ASP C 49 29.13 -13.40 -18.48
N TYR C 50 28.06 -13.12 -17.72
CA TYR C 50 27.32 -14.13 -16.95
C TYR C 50 26.20 -14.80 -17.78
N GLY C 51 26.16 -14.46 -19.07
CA GLY C 51 25.25 -14.99 -20.08
C GLY C 51 23.88 -14.33 -20.07
N ASP C 52 22.96 -14.92 -20.84
CA ASP C 52 21.57 -14.49 -20.88
C ASP C 52 20.80 -15.50 -20.04
N LEU C 53 20.09 -15.01 -19.00
CA LEU C 53 19.31 -15.84 -18.07
C LEU C 53 18.19 -16.60 -18.77
N PRO C 54 18.02 -17.91 -18.47
CA PRO C 54 16.93 -18.67 -19.10
C PRO C 54 15.65 -18.50 -18.29
N PHE C 55 14.60 -17.96 -18.90
CA PHE C 55 13.34 -17.73 -18.22
C PHE C 55 12.28 -18.74 -18.69
N ALA C 56 12.13 -19.82 -17.90
CA ALA C 56 11.22 -20.94 -18.19
C ALA C 56 9.77 -20.50 -18.21
N ASP C 57 9.04 -21.03 -19.22
CA ASP C 57 7.62 -20.76 -19.45
C ASP C 57 6.76 -21.38 -18.35
N ILE C 58 5.97 -20.56 -17.66
CA ILE C 58 5.09 -21.03 -16.60
C ILE C 58 3.67 -21.22 -17.14
N PRO C 59 3.20 -22.48 -17.29
CA PRO C 59 1.82 -22.68 -17.75
C PRO C 59 0.84 -22.47 -16.58
N ASN C 60 -0.32 -21.89 -16.89
CA ASN C 60 -1.42 -21.61 -15.96
C ASN C 60 -1.07 -20.52 -14.94
N ASP C 61 -0.39 -19.46 -15.41
CA ASP C 61 -0.06 -18.30 -14.59
C ASP C 61 -1.23 -17.32 -14.69
N SER C 62 -2.30 -17.66 -13.94
CA SER C 62 -3.55 -16.92 -13.87
C SER C 62 -3.35 -15.54 -13.21
N PRO C 63 -4.06 -14.50 -13.71
CA PRO C 63 -3.85 -13.15 -13.16
C PRO C 63 -4.26 -12.97 -11.70
N PHE C 64 -3.59 -12.04 -10.98
CA PHE C 64 -3.93 -11.68 -9.61
C PHE C 64 -4.78 -10.44 -9.81
N GLN C 65 -6.12 -10.57 -9.64
CA GLN C 65 -7.09 -9.51 -9.92
C GLN C 65 -6.88 -9.09 -11.41
N ILE C 66 -6.39 -7.86 -11.68
CA ILE C 66 -6.13 -7.37 -13.04
C ILE C 66 -4.65 -7.58 -13.49
N VAL C 67 -3.73 -7.81 -12.51
CA VAL C 67 -2.27 -8.00 -12.65
C VAL C 67 -1.94 -9.25 -13.49
N LYS C 68 -1.29 -9.05 -14.66
CA LYS C 68 -0.96 -10.11 -15.62
C LYS C 68 0.41 -10.81 -15.41
N ASN C 69 0.42 -12.16 -15.55
CA ASN C 69 1.58 -13.08 -15.41
C ASN C 69 2.40 -12.84 -14.11
N PRO C 70 1.78 -12.87 -12.90
CA PRO C 70 2.54 -12.61 -11.67
C PRO C 70 3.66 -13.60 -11.34
N ARG C 71 3.44 -14.91 -11.56
CA ARG C 71 4.42 -15.96 -11.30
C ARG C 71 5.61 -15.85 -12.24
N SER C 72 5.36 -15.49 -13.50
CA SER C 72 6.39 -15.31 -14.53
C SER C 72 7.27 -14.10 -14.18
N VAL C 73 6.64 -12.97 -13.82
CA VAL C 73 7.33 -11.73 -13.41
C VAL C 73 8.12 -11.98 -12.13
N GLY C 74 7.46 -12.59 -11.15
CA GLY C 74 8.05 -12.91 -9.86
C GLY C 74 9.25 -13.84 -9.93
N LYS C 75 9.14 -14.93 -10.73
CA LYS C 75 10.24 -15.90 -10.88
C LYS C 75 11.40 -15.32 -11.68
N ALA C 76 11.11 -14.46 -12.68
CA ALA C 76 12.16 -13.80 -13.48
C ALA C 76 12.92 -12.83 -12.61
N SER C 77 12.23 -12.18 -11.66
CA SER C 77 12.88 -11.26 -10.73
C SER C 77 13.69 -12.01 -9.67
N GLU C 78 13.16 -13.15 -9.19
CA GLU C 78 13.81 -14.02 -8.20
C GLU C 78 15.13 -14.57 -8.76
N GLN C 79 15.11 -15.07 -10.00
CA GLN C 79 16.26 -15.59 -10.73
C GLN C 79 17.34 -14.53 -10.90
N LEU C 80 16.93 -13.31 -11.28
CA LEU C 80 17.81 -12.18 -11.54
C LEU C 80 18.45 -11.68 -10.25
N ALA C 81 17.68 -11.65 -9.13
CA ALA C 81 18.19 -11.25 -7.81
C ALA C 81 19.38 -12.09 -7.36
N GLY C 82 19.26 -13.42 -7.53
CA GLY C 82 20.29 -14.40 -7.20
C GLY C 82 21.55 -14.24 -8.02
N LYS C 83 21.39 -13.84 -9.30
CA LYS C 83 22.50 -13.61 -10.23
C LYS C 83 23.19 -12.25 -10.01
N VAL C 84 22.44 -11.22 -9.60
CA VAL C 84 23.01 -9.88 -9.33
C VAL C 84 23.88 -9.94 -8.07
N ALA C 85 23.40 -10.69 -7.04
CA ALA C 85 24.11 -10.92 -5.77
C ALA C 85 25.43 -11.67 -6.03
N GLU C 86 25.42 -12.62 -6.99
CA GLU C 86 26.56 -13.41 -7.43
C GLU C 86 27.63 -12.46 -8.01
N VAL C 87 27.23 -11.57 -8.94
CA VAL C 87 28.10 -10.57 -9.61
C VAL C 87 28.68 -9.58 -8.58
N LYS C 88 27.87 -9.18 -7.57
CA LYS C 88 28.30 -8.27 -6.52
C LYS C 88 29.30 -8.94 -5.55
N LYS C 89 29.06 -10.22 -5.21
CA LYS C 89 29.95 -11.01 -4.38
C LYS C 89 31.35 -11.08 -5.03
N ASN C 90 31.39 -11.12 -6.37
CA ASN C 90 32.62 -11.17 -7.16
C ASN C 90 33.38 -9.84 -7.33
N GLY C 91 32.88 -8.76 -6.73
CA GLY C 91 33.49 -7.43 -6.79
C GLY C 91 33.27 -6.68 -8.09
N ARG C 92 32.25 -7.09 -8.87
CA ARG C 92 31.93 -6.45 -10.14
C ARG C 92 30.66 -5.61 -10.07
N ILE C 93 30.56 -4.62 -10.97
CA ILE C 93 29.41 -3.72 -11.15
C ILE C 93 28.45 -4.54 -12.03
N SER C 94 27.24 -4.87 -11.52
CA SER C 94 26.26 -5.65 -12.28
C SER C 94 25.58 -4.81 -13.34
N LEU C 95 25.76 -5.20 -14.61
CA LEU C 95 25.14 -4.54 -15.75
C LEU C 95 24.02 -5.42 -16.30
N VAL C 96 22.78 -5.01 -16.01
CA VAL C 96 21.56 -5.72 -16.42
C VAL C 96 21.10 -5.15 -17.75
N LEU C 97 20.92 -6.04 -18.76
CA LEU C 97 20.42 -5.71 -20.08
C LEU C 97 19.07 -6.39 -20.20
N GLY C 98 18.01 -5.60 -20.22
CA GLY C 98 16.65 -6.11 -20.34
C GLY C 98 16.10 -6.05 -21.76
N GLY C 99 14.80 -6.30 -21.93
CA GLY C 99 13.88 -6.66 -20.87
C GLY C 99 13.11 -5.49 -20.31
N ASP C 100 11.89 -5.74 -19.83
CA ASP C 100 11.00 -4.72 -19.25
C ASP C 100 11.48 -4.28 -17.86
N HIS C 101 11.00 -3.10 -17.37
CA HIS C 101 11.43 -2.55 -16.08
C HIS C 101 10.99 -3.35 -14.82
N SER C 102 10.05 -4.33 -14.95
CA SER C 102 9.65 -5.16 -13.81
C SER C 102 10.84 -5.91 -13.17
N LEU C 103 11.89 -6.21 -13.98
CA LEU C 103 13.14 -6.88 -13.63
C LEU C 103 13.98 -6.12 -12.60
N ALA C 104 13.72 -4.80 -12.43
CA ALA C 104 14.36 -3.96 -11.42
C ALA C 104 14.02 -4.45 -10.00
N ILE C 105 12.89 -5.20 -9.83
CA ILE C 105 12.54 -5.83 -8.53
C ILE C 105 13.72 -6.74 -8.21
N GLY C 106 14.17 -7.52 -9.20
CA GLY C 106 15.28 -8.46 -9.08
C GLY C 106 16.67 -7.85 -9.05
N SER C 107 16.90 -6.75 -9.77
CA SER C 107 18.20 -6.10 -9.81
C SER C 107 18.54 -5.39 -8.50
N ILE C 108 17.61 -4.54 -8.00
CA ILE C 108 17.78 -3.78 -6.77
C ILE C 108 17.79 -4.70 -5.52
N SER C 109 16.90 -5.74 -5.51
CA SER C 109 16.82 -6.75 -4.45
C SER C 109 18.16 -7.49 -4.24
N GLY C 110 18.72 -8.05 -5.33
CA GLY C 110 19.96 -8.80 -5.32
C GLY C 110 21.17 -7.98 -4.95
N HIS C 111 21.25 -6.77 -5.50
CA HIS C 111 22.28 -5.79 -5.23
C HIS C 111 22.25 -5.37 -3.73
N ALA C 112 21.05 -5.09 -3.16
CA ALA C 112 20.91 -4.72 -1.73
C ALA C 112 21.25 -5.85 -0.75
N ARG C 113 21.27 -7.12 -1.23
CA ARG C 113 21.65 -8.28 -0.42
C ARG C 113 23.14 -8.16 -0.08
N VAL C 114 23.94 -7.68 -1.03
CA VAL C 114 25.39 -7.47 -0.85
C VAL C 114 25.70 -6.09 -0.21
N HIS C 115 25.08 -5.01 -0.75
CA HIS C 115 25.24 -3.64 -0.25
C HIS C 115 23.89 -3.04 0.12
N PRO C 116 23.41 -3.25 1.37
CA PRO C 116 22.09 -2.71 1.74
C PRO C 116 22.00 -1.18 1.89
N ASP C 117 23.15 -0.48 1.92
CA ASP C 117 23.26 0.97 2.04
C ASP C 117 23.20 1.73 0.69
N LEU C 118 22.88 1.02 -0.42
CA LEU C 118 22.82 1.58 -1.77
C LEU C 118 21.75 2.72 -1.93
N GLY C 119 22.02 3.63 -2.87
CA GLY C 119 21.17 4.77 -3.20
C GLY C 119 20.76 4.66 -4.65
N VAL C 120 19.44 4.67 -4.91
CA VAL C 120 18.89 4.49 -6.27
C VAL C 120 18.66 5.80 -7.03
N ILE C 121 19.15 5.85 -8.29
CA ILE C 121 18.86 6.91 -9.26
C ILE C 121 18.00 6.22 -10.33
N TRP C 122 16.74 6.69 -10.49
CA TRP C 122 15.78 6.10 -11.40
C TRP C 122 15.52 7.04 -12.56
N VAL C 123 16.14 6.77 -13.73
CA VAL C 123 15.99 7.61 -14.92
C VAL C 123 14.89 7.01 -15.80
N ASP C 124 13.76 7.74 -15.85
CA ASP C 124 12.55 7.26 -16.49
C ASP C 124 11.57 8.41 -16.63
N ALA C 125 10.63 8.25 -17.57
CA ALA C 125 9.54 9.18 -17.82
C ALA C 125 8.39 8.94 -16.80
N HIS C 126 8.41 7.77 -16.14
CA HIS C 126 7.42 7.25 -15.21
C HIS C 126 8.05 6.86 -13.89
N THR C 127 7.25 6.81 -12.83
CA THR C 127 7.70 6.44 -11.49
C THR C 127 7.77 4.93 -11.26
N ASP C 128 6.95 4.13 -11.98
CA ASP C 128 6.85 2.65 -11.86
C ASP C 128 6.58 2.20 -10.42
N ILE C 129 5.75 2.97 -9.70
CA ILE C 129 5.44 2.84 -8.27
C ILE C 129 3.95 2.50 -7.97
N ASN C 130 3.20 2.12 -9.03
CA ASN C 130 1.83 1.65 -8.90
C ASN C 130 1.86 0.35 -8.11
N THR C 131 0.92 0.15 -7.21
CA THR C 131 0.94 -1.07 -6.42
C THR C 131 0.03 -2.08 -7.12
N PRO C 132 -0.02 -3.38 -6.72
CA PRO C 132 -0.97 -4.31 -7.36
C PRO C 132 -2.43 -3.87 -7.29
N LEU C 133 -2.76 -2.91 -6.39
CA LEU C 133 -4.10 -2.37 -6.17
C LEU C 133 -4.34 -0.97 -6.82
N THR C 134 -3.28 -0.16 -7.02
CA THR C 134 -3.47 1.16 -7.66
C THR C 134 -3.45 1.06 -9.19
N THR C 135 -2.74 0.04 -9.74
CA THR C 135 -2.58 -0.20 -11.17
C THR C 135 -3.91 -0.33 -11.90
N THR C 136 -3.95 0.24 -13.12
CA THR C 136 -5.12 0.20 -13.98
C THR C 136 -4.85 -0.72 -15.19
N SER C 137 -3.58 -0.86 -15.58
CA SER C 137 -3.15 -1.69 -16.72
C SER C 137 -2.97 -3.16 -16.34
N GLY C 138 -2.43 -3.42 -15.15
CA GLY C 138 -2.11 -4.78 -14.69
C GLY C 138 -0.78 -5.26 -15.20
N ASN C 139 0.06 -4.33 -15.71
CA ASN C 139 1.39 -4.61 -16.25
C ASN C 139 2.42 -4.27 -15.15
N LEU C 140 3.14 -5.28 -14.66
CA LEU C 140 4.11 -5.13 -13.56
C LEU C 140 5.36 -4.26 -13.89
N HIS C 141 5.62 -3.96 -15.18
CA HIS C 141 6.75 -3.10 -15.58
C HIS C 141 6.62 -1.65 -15.01
N GLY C 142 5.40 -1.25 -14.63
CA GLY C 142 5.07 0.01 -13.99
C GLY C 142 4.67 -0.18 -12.54
N GLN C 143 5.23 -1.22 -11.89
CA GLN C 143 4.98 -1.59 -10.50
C GLN C 143 6.27 -1.92 -9.66
N PRO C 144 7.51 -2.00 -10.23
CA PRO C 144 8.66 -2.47 -9.42
C PRO C 144 9.03 -1.70 -8.16
N VAL C 145 8.89 -0.36 -8.15
CA VAL C 145 9.31 0.44 -6.99
C VAL C 145 8.38 0.21 -5.78
N SER C 146 7.09 -0.11 -6.01
CA SER C 146 6.13 -0.37 -4.93
C SER C 146 6.55 -1.60 -4.09
N PHE C 147 7.09 -2.62 -4.75
CA PHE C 147 7.56 -3.85 -4.14
C PHE C 147 8.80 -3.63 -3.30
N LEU C 148 9.65 -2.68 -3.70
CA LEU C 148 10.93 -2.36 -3.05
C LEU C 148 10.84 -1.39 -1.88
N LEU C 149 9.84 -0.49 -1.88
CA LEU C 149 9.71 0.51 -0.81
C LEU C 149 9.24 -0.09 0.50
N LYS C 150 10.02 0.17 1.56
CA LYS C 150 9.75 -0.29 2.93
C LYS C 150 8.49 0.35 3.49
N GLU C 151 8.21 1.62 3.10
CA GLU C 151 7.02 2.39 3.52
C GLU C 151 5.73 1.84 2.95
N LEU C 152 5.82 1.10 1.83
CA LEU C 152 4.67 0.50 1.18
C LEU C 152 4.42 -0.94 1.66
N LYS C 153 5.08 -1.37 2.76
CA LYS C 153 4.88 -2.68 3.38
C LYS C 153 3.54 -2.63 4.10
N GLY C 154 2.62 -3.50 3.68
CA GLY C 154 1.25 -3.54 4.20
C GLY C 154 0.25 -3.05 3.17
N LYS C 155 0.76 -2.38 2.13
CA LYS C 155 0.05 -1.82 0.98
C LYS C 155 0.21 -2.73 -0.25
N ILE C 156 1.14 -3.71 -0.16
CA ILE C 156 1.39 -4.70 -1.21
C ILE C 156 0.81 -6.02 -0.69
N PRO C 157 -0.29 -6.52 -1.27
CA PRO C 157 -0.84 -7.80 -0.78
C PRO C 157 -0.05 -9.01 -1.29
N ASP C 158 -0.40 -10.23 -0.81
CA ASP C 158 0.26 -11.49 -1.22
C ASP C 158 -0.01 -11.79 -2.69
N VAL C 159 0.92 -11.39 -3.57
CA VAL C 159 0.80 -11.64 -5.00
C VAL C 159 1.58 -12.92 -5.32
N PRO C 160 0.96 -13.91 -6.03
CA PRO C 160 1.69 -15.15 -6.35
C PRO C 160 2.96 -14.86 -7.16
N GLY C 161 4.09 -15.40 -6.70
CA GLY C 161 5.40 -15.21 -7.31
C GLY C 161 6.31 -14.23 -6.63
N PHE C 162 5.79 -13.46 -5.65
CA PHE C 162 6.53 -12.41 -4.94
C PHE C 162 6.73 -12.64 -3.43
N SER C 163 6.56 -13.89 -2.98
CA SER C 163 6.70 -14.27 -1.57
C SER C 163 8.13 -14.09 -1.05
N TRP C 164 9.13 -14.30 -1.93
CA TRP C 164 10.56 -14.17 -1.66
C TRP C 164 10.98 -12.71 -1.38
N VAL C 165 10.23 -11.74 -1.91
CA VAL C 165 10.46 -10.29 -1.81
C VAL C 165 10.37 -9.77 -0.38
N THR C 166 11.30 -8.88 -0.05
CA THR C 166 11.41 -8.15 1.20
C THR C 166 11.80 -6.72 0.79
N PRO C 167 11.04 -5.68 1.18
CA PRO C 167 11.42 -4.31 0.80
C PRO C 167 12.81 -3.96 1.33
N CYS C 168 13.69 -3.51 0.43
CA CYS C 168 15.09 -3.24 0.75
C CYS C 168 15.48 -1.75 0.70
N ILE C 169 14.59 -0.87 0.21
CA ILE C 169 14.92 0.56 0.11
C ILE C 169 13.85 1.45 0.75
N SER C 170 14.27 2.47 1.52
CA SER C 170 13.36 3.47 2.11
C SER C 170 12.98 4.52 1.05
N ALA C 171 11.95 5.34 1.30
CA ALA C 171 11.49 6.36 0.36
C ALA C 171 12.54 7.45 0.09
N LYS C 172 13.43 7.70 1.08
CA LYS C 172 14.50 8.70 1.05
C LYS C 172 15.77 8.21 0.35
N ASP C 173 15.78 6.96 -0.15
CA ASP C 173 16.96 6.41 -0.82
C ASP C 173 16.86 6.33 -2.36
N ILE C 174 15.81 6.93 -2.93
CA ILE C 174 15.57 6.95 -4.38
C ILE C 174 15.40 8.39 -4.89
N VAL C 175 16.01 8.71 -6.04
CA VAL C 175 15.89 9.99 -6.73
C VAL C 175 15.47 9.68 -8.18
N TYR C 176 14.31 10.22 -8.60
CA TYR C 176 13.75 10.10 -9.95
C TYR C 176 14.24 11.24 -10.86
N ILE C 177 14.66 10.94 -12.10
CA ILE C 177 15.06 11.98 -13.07
C ILE C 177 14.36 11.73 -14.43
N GLY C 178 13.53 12.67 -14.88
CA GLY C 178 12.90 12.58 -16.20
C GLY C 178 11.39 12.48 -16.26
N LEU C 179 10.71 12.46 -15.08
CA LEU C 179 9.25 12.29 -14.96
C LEU C 179 8.43 13.29 -15.75
N ARG C 180 7.48 12.76 -16.52
CA ARG C 180 6.58 13.54 -17.33
C ARG C 180 5.23 12.85 -17.57
N ASP C 181 5.05 11.60 -17.03
CA ASP C 181 3.84 10.80 -17.25
C ASP C 181 3.55 9.87 -16.06
N VAL C 182 3.24 10.51 -14.91
CA VAL C 182 2.94 9.90 -13.60
C VAL C 182 1.40 9.73 -13.44
N ASP C 183 0.93 8.54 -12.99
CA ASP C 183 -0.50 8.24 -12.78
C ASP C 183 -1.00 8.92 -11.48
N PRO C 184 -2.34 9.17 -11.28
CA PRO C 184 -2.78 9.83 -10.04
C PRO C 184 -2.42 9.07 -8.76
N GLY C 185 -2.51 7.74 -8.81
CA GLY C 185 -2.13 6.88 -7.69
C GLY C 185 -0.68 7.02 -7.31
N GLU C 186 0.19 7.20 -8.33
CA GLU C 186 1.65 7.34 -8.20
C GLU C 186 2.06 8.70 -7.61
N HIS C 187 1.43 9.80 -8.12
CA HIS C 187 1.64 11.17 -7.66
C HIS C 187 1.27 11.28 -6.18
N TYR C 188 0.18 10.60 -5.75
CA TYR C 188 -0.25 10.56 -4.35
C TYR C 188 0.88 10.02 -3.48
N ILE C 189 1.45 8.84 -3.85
CA ILE C 189 2.53 8.15 -3.15
C ILE C 189 3.80 9.00 -3.12
N LEU C 190 4.20 9.55 -4.28
CA LEU C 190 5.36 10.43 -4.44
C LEU C 190 5.30 11.55 -3.39
N LYS C 191 4.12 12.17 -3.23
CA LYS C 191 3.80 13.26 -2.30
C LYS C 191 3.63 12.82 -0.81
N THR C 192 2.87 11.74 -0.52
CA THR C 192 2.64 11.27 0.87
C THR C 192 3.84 10.54 1.51
N LEU C 193 4.82 10.09 0.68
CA LEU C 193 6.02 9.38 1.14
C LEU C 193 7.28 10.25 1.14
N GLY C 194 7.15 11.49 0.64
CA GLY C 194 8.23 12.47 0.59
C GLY C 194 9.40 12.11 -0.30
N ILE C 195 9.11 11.39 -1.42
CA ILE C 195 10.12 10.96 -2.38
C ILE C 195 10.69 12.15 -3.15
N LYS C 196 12.03 12.22 -3.24
CA LYS C 196 12.77 13.21 -4.00
C LYS C 196 12.60 12.89 -5.48
N TYR C 197 12.34 13.90 -6.32
CA TYR C 197 12.16 13.72 -7.76
C TYR C 197 12.55 14.95 -8.54
N PHE C 198 12.96 14.75 -9.80
CA PHE C 198 13.31 15.79 -10.74
C PHE C 198 12.55 15.47 -12.02
N SER C 199 11.29 15.93 -12.08
CA SER C 199 10.43 15.75 -13.23
C SER C 199 10.99 16.65 -14.35
N MET C 200 10.48 16.55 -15.60
CA MET C 200 10.95 17.43 -16.67
C MET C 200 10.84 18.92 -16.30
N THR C 201 9.85 19.27 -15.43
CA THR C 201 9.62 20.64 -14.95
C THR C 201 10.85 21.19 -14.22
N GLU C 202 11.36 20.45 -13.22
CA GLU C 202 12.57 20.82 -12.45
C GLU C 202 13.78 20.84 -13.37
N VAL C 203 13.85 19.91 -14.34
CA VAL C 203 14.94 19.84 -15.32
C VAL C 203 14.94 21.12 -16.15
N ASP C 204 13.75 21.60 -16.50
CA ASP C 204 13.58 22.82 -17.27
C ASP C 204 14.01 24.04 -16.45
N ARG C 205 13.55 24.09 -15.19
CA ARG C 205 13.84 25.12 -14.20
C ARG C 205 15.30 25.30 -13.88
N LEU C 206 15.91 24.23 -13.38
CA LEU C 206 17.26 24.17 -12.85
C LEU C 206 18.36 23.94 -13.87
N GLY C 207 18.08 23.13 -14.88
CA GLY C 207 19.07 22.70 -15.87
C GLY C 207 19.63 21.36 -15.42
N ILE C 208 20.16 20.53 -16.36
CA ILE C 208 20.67 19.20 -16.01
C ILE C 208 21.86 19.24 -15.00
N GLY C 209 22.72 20.26 -15.09
CA GLY C 209 23.86 20.44 -14.21
C GLY C 209 23.48 20.56 -12.73
N LYS C 210 22.49 21.42 -12.43
CA LYS C 210 21.96 21.66 -11.08
C LYS C 210 21.24 20.41 -10.54
N VAL C 211 20.56 19.66 -11.42
CA VAL C 211 19.83 18.44 -11.12
C VAL C 211 20.79 17.41 -10.57
N MET C 212 21.92 17.20 -11.28
CA MET C 212 22.96 16.25 -10.89
C MET C 212 23.66 16.66 -9.60
N GLU C 213 23.89 17.95 -9.42
CA GLU C 213 24.56 18.50 -8.24
C GLU C 213 23.73 18.21 -6.99
N GLU C 214 22.39 18.33 -7.14
CA GLU C 214 21.41 18.09 -6.08
C GLU C 214 21.10 16.61 -5.89
N THR C 215 21.17 15.81 -6.97
CA THR C 215 20.93 14.38 -6.91
C THR C 215 22.04 13.70 -6.13
N LEU C 216 23.31 13.99 -6.48
CA LEU C 216 24.49 13.36 -5.88
C LEU C 216 24.69 13.76 -4.40
N SER C 217 24.55 15.05 -4.06
CA SER C 217 24.66 15.50 -2.66
C SER C 217 23.47 15.05 -1.77
N TYR C 218 22.32 14.68 -2.39
CA TYR C 218 21.14 14.18 -1.67
C TYR C 218 21.42 12.77 -1.10
N LEU C 219 22.04 11.90 -1.91
CA LEU C 219 22.37 10.52 -1.55
C LEU C 219 23.78 10.37 -0.93
N LEU C 220 24.75 11.20 -1.36
CA LEU C 220 26.15 11.11 -0.91
C LEU C 220 26.61 12.14 0.14
N GLY C 221 25.81 13.18 0.38
CA GLY C 221 26.10 14.28 1.30
C GLY C 221 26.68 13.91 2.66
N ARG C 222 26.04 12.95 3.37
CA ARG C 222 26.46 12.44 4.67
C ARG C 222 27.85 11.75 4.60
N LYS C 223 28.04 10.89 3.59
CA LYS C 223 29.24 10.07 3.31
C LYS C 223 28.99 9.27 2.02
N LYS C 224 30.08 8.70 1.45
CA LYS C 224 30.03 7.85 0.26
C LYS C 224 29.26 6.57 0.55
N ARG C 225 28.38 6.18 -0.38
CA ARG C 225 27.56 4.95 -0.35
C ARG C 225 27.39 4.45 -1.80
N PRO C 226 27.10 3.15 -2.05
CA PRO C 226 26.98 2.70 -3.44
C PRO C 226 25.73 3.22 -4.14
N ILE C 227 25.79 3.35 -5.50
CA ILE C 227 24.72 3.85 -6.33
C ILE C 227 24.24 2.80 -7.32
N HIS C 228 22.91 2.65 -7.40
CA HIS C 228 22.24 1.82 -8.36
C HIS C 228 21.55 2.75 -9.33
N LEU C 229 21.97 2.71 -10.59
CA LEU C 229 21.30 3.50 -11.59
C LEU C 229 20.41 2.58 -12.37
N SER C 230 19.09 2.85 -12.33
CA SER C 230 18.07 2.12 -13.07
C SER C 230 17.64 2.97 -14.26
N PHE C 231 18.14 2.64 -15.45
CA PHE C 231 17.87 3.44 -16.63
C PHE C 231 16.84 2.83 -17.59
N ASP C 232 15.68 3.50 -17.76
CA ASP C 232 14.67 3.12 -18.74
C ASP C 232 14.94 4.05 -19.89
N VAL C 233 15.06 3.51 -21.10
CA VAL C 233 15.34 4.26 -22.34
C VAL C 233 14.22 5.26 -22.69
N ASP C 234 13.00 5.06 -22.16
CA ASP C 234 11.89 6.00 -22.40
C ASP C 234 12.02 7.29 -21.54
N GLY C 235 13.07 7.38 -20.71
CA GLY C 235 13.41 8.57 -19.95
C GLY C 235 13.96 9.61 -20.91
N LEU C 236 14.63 9.12 -21.95
CA LEU C 236 15.13 9.93 -23.05
C LEU C 236 13.96 10.14 -24.01
N ASP C 237 13.97 11.27 -24.74
CA ASP C 237 12.92 11.65 -25.68
C ASP C 237 12.85 10.65 -26.85
N PRO C 238 11.64 10.21 -27.30
CA PRO C 238 11.57 9.21 -28.39
C PRO C 238 12.25 9.62 -29.72
N SER C 239 12.72 10.88 -29.84
CA SER C 239 13.47 11.32 -31.03
C SER C 239 14.88 10.71 -31.00
N PHE C 240 15.31 10.21 -29.81
CA PHE C 240 16.60 9.56 -29.54
C PHE C 240 16.44 8.04 -29.35
N THR C 241 15.41 7.61 -28.59
CA THR C 241 15.10 6.19 -28.33
C THR C 241 13.64 5.81 -28.81
N PRO C 242 13.31 5.79 -30.14
CA PRO C 242 11.94 5.43 -30.56
C PRO C 242 11.47 4.01 -30.24
N ALA C 243 12.35 3.00 -30.43
CA ALA C 243 12.08 1.59 -30.21
C ALA C 243 11.92 1.23 -28.70
N THR C 244 10.73 1.57 -28.15
CA THR C 244 10.31 1.34 -26.76
C THR C 244 8.76 1.35 -26.65
N GLY C 245 8.25 0.52 -25.73
CA GLY C 245 6.82 0.30 -25.49
C GLY C 245 5.98 1.47 -25.04
N THR C 246 6.54 2.39 -24.22
CA THR C 246 5.80 3.54 -23.70
C THR C 246 6.55 4.87 -23.97
N PRO C 247 6.59 5.36 -25.23
CA PRO C 247 7.25 6.64 -25.51
C PRO C 247 6.39 7.84 -25.08
N VAL C 248 7.04 8.92 -24.57
CA VAL C 248 6.40 10.18 -24.13
C VAL C 248 7.26 11.34 -24.62
N VAL C 249 6.63 12.34 -25.29
CA VAL C 249 7.32 13.55 -25.80
C VAL C 249 7.88 14.46 -24.68
N GLY C 250 8.80 15.36 -25.04
CA GLY C 250 9.43 16.29 -24.10
C GLY C 250 10.40 15.62 -23.14
N GLY C 251 11.05 14.56 -23.60
CA GLY C 251 12.00 13.79 -22.81
C GLY C 251 13.38 14.38 -22.70
N LEU C 252 14.21 13.75 -21.86
CA LEU C 252 15.60 14.13 -21.66
C LEU C 252 16.34 14.01 -23.00
N THR C 253 17.21 14.96 -23.29
CA THR C 253 17.96 14.91 -24.55
C THR C 253 19.10 13.87 -24.47
N TYR C 254 19.65 13.47 -25.65
CA TYR C 254 20.79 12.58 -25.79
C TYR C 254 21.95 13.17 -24.92
N ARG C 255 22.16 14.51 -25.03
CA ARG C 255 23.14 15.28 -24.26
C ARG C 255 22.90 15.21 -22.74
N GLU C 256 21.63 15.40 -22.28
CA GLU C 256 21.32 15.32 -20.85
C GLU C 256 21.57 13.91 -20.30
N GLY C 257 21.19 12.89 -21.06
CA GLY C 257 21.39 11.49 -20.70
C GLY C 257 22.86 11.13 -20.56
N LEU C 258 23.70 11.73 -21.46
CA LEU C 258 25.17 11.56 -21.44
C LEU C 258 25.75 12.26 -20.23
N TYR C 259 25.25 13.49 -19.90
CA TYR C 259 25.67 14.24 -18.73
C TYR C 259 25.35 13.50 -17.39
N ILE C 260 24.11 12.99 -17.20
CA ILE C 260 23.74 12.24 -15.98
C ILE C 260 24.77 11.08 -15.76
N THR C 261 24.95 10.25 -16.82
CA THR C 261 25.79 9.06 -16.79
C THR C 261 27.29 9.38 -16.64
N GLU C 262 27.77 10.50 -17.24
CA GLU C 262 29.16 10.94 -17.07
C GLU C 262 29.43 11.35 -15.60
N GLU C 263 28.47 12.10 -15.00
CA GLU C 263 28.55 12.54 -13.61
C GLU C 263 28.45 11.37 -12.61
N ILE C 264 27.69 10.31 -12.92
CA ILE C 264 27.61 9.15 -12.01
C ILE C 264 28.94 8.40 -12.02
N TYR C 265 29.62 8.31 -13.19
CA TYR C 265 30.92 7.66 -13.35
C TYR C 265 31.95 8.30 -12.43
N LYS C 266 32.12 9.64 -12.58
CA LYS C 266 33.05 10.51 -11.87
C LYS C 266 32.93 10.44 -10.34
N THR C 267 31.84 9.87 -9.79
CA THR C 267 31.71 9.68 -8.34
C THR C 267 32.59 8.50 -7.90
N GLY C 268 32.63 7.45 -8.75
CA GLY C 268 33.35 6.21 -8.51
C GLY C 268 32.56 5.27 -7.62
N LEU C 269 31.27 5.57 -7.43
CA LEU C 269 30.39 4.83 -6.55
C LEU C 269 29.31 3.98 -7.26
N LEU C 270 29.28 3.94 -8.63
CA LEU C 270 28.34 3.09 -9.37
C LEU C 270 28.62 1.61 -9.07
N SER C 271 27.56 0.81 -8.77
CA SER C 271 27.67 -0.61 -8.41
C SER C 271 26.63 -1.46 -9.11
N GLY C 272 25.52 -0.85 -9.49
CA GLY C 272 24.42 -1.51 -10.19
C GLY C 272 23.88 -0.66 -11.30
N LEU C 273 23.69 -1.27 -12.49
CA LEU C 273 23.17 -0.60 -13.68
C LEU C 273 22.18 -1.49 -14.41
N ASP C 274 21.05 -0.88 -14.81
CA ASP C 274 19.97 -1.49 -15.58
C ASP C 274 19.76 -0.65 -16.83
N ILE C 275 19.79 -1.28 -18.01
CA ILE C 275 19.54 -0.60 -19.29
C ILE C 275 18.33 -1.33 -19.84
N MET C 276 17.17 -0.79 -19.49
CA MET C 276 15.88 -1.41 -19.73
C MET C 276 15.04 -0.82 -20.84
N GLU C 277 14.05 -1.65 -21.29
CA GLU C 277 12.96 -1.35 -22.21
C GLU C 277 13.38 -1.07 -23.66
N VAL C 278 14.51 -1.61 -24.11
CA VAL C 278 14.93 -1.46 -25.51
C VAL C 278 14.15 -2.52 -26.31
N ASN C 279 13.14 -2.10 -27.10
CA ASN C 279 12.36 -3.06 -27.87
C ASN C 279 12.64 -2.93 -29.38
N PRO C 280 13.43 -3.86 -29.95
CA PRO C 280 13.80 -3.74 -31.37
C PRO C 280 12.68 -3.96 -32.40
N SER C 281 11.55 -4.56 -31.99
CA SER C 281 10.43 -4.77 -32.91
C SER C 281 9.44 -3.58 -32.89
N LEU C 282 9.81 -2.44 -32.23
CA LEU C 282 8.94 -1.27 -32.11
C LEU C 282 9.42 0.01 -32.82
N GLY C 283 10.35 -0.15 -33.75
CA GLY C 283 10.79 0.98 -34.57
C GLY C 283 9.95 1.03 -35.84
N LYS C 284 9.59 2.24 -36.31
CA LYS C 284 8.84 2.43 -37.57
C LYS C 284 9.73 2.09 -38.78
N THR C 285 11.04 2.35 -38.66
CA THR C 285 12.03 2.03 -39.70
C THR C 285 13.18 1.26 -39.03
N PRO C 286 14.02 0.49 -39.78
CA PRO C 286 15.17 -0.18 -39.12
C PRO C 286 16.17 0.85 -38.55
N GLU C 287 16.18 2.09 -39.12
CA GLU C 287 17.01 3.21 -38.68
C GLU C 287 16.65 3.63 -37.26
N GLU C 288 15.33 3.64 -36.92
CA GLU C 288 14.81 3.98 -35.59
C GLU C 288 15.26 2.96 -34.55
N VAL C 289 15.42 1.69 -34.97
CA VAL C 289 15.88 0.58 -34.11
C VAL C 289 17.37 0.74 -33.84
N THR C 290 18.18 0.98 -34.90
CA THR C 290 19.63 1.18 -34.76
C THR C 290 19.94 2.47 -33.97
N ARG C 291 19.02 3.45 -33.99
CA ARG C 291 19.15 4.72 -33.28
C ARG C 291 19.01 4.53 -31.76
N THR C 292 17.97 3.78 -31.33
CA THR C 292 17.67 3.49 -29.93
C THR C 292 18.79 2.69 -29.31
N VAL C 293 19.26 1.68 -30.05
CA VAL C 293 20.31 0.75 -29.66
C VAL C 293 21.63 1.48 -29.50
N ASN C 294 22.01 2.32 -30.48
CA ASN C 294 23.23 3.11 -30.38
C ASN C 294 23.15 4.08 -29.22
N THR C 295 22.01 4.78 -29.04
CA THR C 295 21.80 5.70 -27.90
C THR C 295 21.95 4.91 -26.60
N ALA C 296 21.34 3.71 -26.51
CA ALA C 296 21.39 2.82 -25.34
C ALA C 296 22.84 2.38 -25.01
N VAL C 297 23.61 1.96 -26.05
CA VAL C 297 25.03 1.60 -26.00
C VAL C 297 25.87 2.79 -25.52
N ALA C 298 25.62 3.98 -26.11
CA ALA C 298 26.31 5.23 -25.79
C ALA C 298 26.16 5.62 -24.32
N ILE C 299 24.94 5.46 -23.75
CA ILE C 299 24.63 5.75 -22.35
C ILE C 299 25.46 4.83 -21.45
N THR C 300 25.54 3.53 -21.81
CA THR C 300 26.27 2.49 -21.07
C THR C 300 27.79 2.79 -21.05
N LEU C 301 28.35 3.23 -22.20
CA LEU C 301 29.78 3.53 -22.30
C LEU C 301 30.18 4.72 -21.44
N ALA C 302 29.27 5.70 -21.30
CA ALA C 302 29.42 6.89 -20.48
C ALA C 302 29.37 6.50 -19.00
N CYS C 303 28.65 5.42 -18.66
CA CYS C 303 28.53 4.87 -17.30
C CYS C 303 29.83 4.23 -16.84
N PHE C 304 30.68 3.81 -17.80
CA PHE C 304 31.95 3.14 -17.54
C PHE C 304 33.19 3.99 -17.97
N GLY C 305 33.05 5.32 -17.99
CA GLY C 305 34.21 6.17 -18.24
C GLY C 305 34.35 7.03 -19.46
N LEU C 306 33.71 6.67 -20.59
CA LEU C 306 33.78 7.41 -21.87
C LEU C 306 33.33 8.86 -21.68
N ALA C 307 34.29 9.78 -21.84
CA ALA C 307 34.12 11.21 -21.65
C ALA C 307 34.11 11.94 -22.97
N ARG C 308 33.16 12.87 -23.14
CA ARG C 308 33.01 13.66 -24.37
C ARG C 308 34.19 14.62 -24.60
N GLU C 309 34.93 14.96 -23.53
CA GLU C 309 36.11 15.81 -23.64
C GLU C 309 37.28 15.02 -24.22
N GLY C 310 37.24 13.69 -24.02
CA GLY C 310 38.23 12.74 -24.49
C GLY C 310 38.78 11.83 -23.40
N ASN C 311 39.30 10.67 -23.82
CA ASN C 311 39.92 9.67 -22.96
C ASN C 311 41.32 9.36 -23.48
N HIS C 312 42.27 9.11 -22.55
CA HIS C 312 43.66 8.76 -22.87
C HIS C 312 44.25 7.85 -21.79
N LYS C 313 45.01 6.80 -22.24
CA LYS C 313 45.68 5.81 -21.38
C LYS C 313 46.79 6.52 -20.58
N PRO C 314 47.15 6.07 -19.34
CA PRO C 314 48.23 6.74 -18.62
C PRO C 314 49.64 6.41 -19.15
N ILE C 315 49.99 7.05 -20.28
CA ILE C 315 51.27 7.01 -21.01
C ILE C 315 51.52 8.39 -21.67
N ASP C 316 52.78 8.67 -22.10
CA ASP C 316 53.16 9.92 -22.76
C ASP C 316 53.00 9.76 -24.26
N TYR C 317 52.16 10.62 -24.88
CA TYR C 317 51.86 10.55 -26.32
C TYR C 317 52.80 11.43 -27.17
N LEU C 318 53.46 12.44 -26.55
CA LEU C 318 54.42 13.31 -27.23
C LEU C 318 55.87 12.76 -27.06
N ASN C 319 56.07 11.48 -27.48
CA ASN C 319 57.31 10.71 -27.43
C ASN C 319 57.12 9.41 -28.22
N ALA D 3 -13.36 25.12 -9.44
CA ALA D 3 -12.21 25.96 -9.08
C ALA D 3 -11.91 27.03 -10.14
N LYS D 4 -11.67 28.30 -9.69
CA LYS D 4 -11.40 29.49 -10.51
C LYS D 4 -10.43 29.28 -11.67
N SER D 5 -9.22 28.78 -11.37
CA SER D 5 -8.16 28.50 -12.33
C SER D 5 -8.52 27.40 -13.34
N ARG D 6 -9.62 26.65 -13.06
CA ARG D 6 -10.12 25.57 -13.94
C ARG D 6 -11.58 25.80 -14.42
N THR D 7 -12.07 27.07 -14.35
CA THR D 7 -13.43 27.49 -14.80
C THR D 7 -13.21 28.25 -16.10
N ILE D 8 -13.59 27.64 -17.24
CA ILE D 8 -13.31 28.12 -18.59
C ILE D 8 -14.54 28.33 -19.48
N GLY D 9 -14.46 29.37 -20.31
CA GLY D 9 -15.42 29.71 -21.35
C GLY D 9 -14.73 29.63 -22.69
N ILE D 10 -15.22 28.74 -23.59
CA ILE D 10 -14.61 28.47 -24.90
C ILE D 10 -15.18 29.33 -26.00
N ILE D 11 -14.31 30.08 -26.68
CA ILE D 11 -14.71 30.91 -27.82
C ILE D 11 -13.98 30.50 -29.08
N GLY D 12 -14.74 29.91 -30.01
CA GLY D 12 -14.24 29.54 -31.32
C GLY D 12 -14.29 30.74 -32.22
N ALA D 13 -13.13 31.21 -32.66
CA ALA D 13 -13.00 32.38 -33.51
C ALA D 13 -12.41 31.97 -34.87
N PRO D 14 -13.24 31.41 -35.80
CA PRO D 14 -12.72 30.96 -37.10
C PRO D 14 -12.49 32.11 -38.09
N PHE D 15 -11.44 32.90 -37.85
CA PHE D 15 -11.15 34.05 -38.71
C PHE D 15 -9.79 33.92 -39.40
N SER D 16 -9.70 34.36 -40.68
CA SER D 16 -8.46 34.24 -41.43
C SER D 16 -7.96 35.54 -42.11
N LYS D 17 -8.84 36.51 -42.36
CA LYS D 17 -8.56 37.74 -43.12
C LYS D 17 -7.47 38.68 -42.50
N GLY D 18 -6.87 38.25 -41.39
CA GLY D 18 -5.74 38.95 -40.76
C GLY D 18 -4.42 38.61 -41.45
N GLN D 19 -4.43 37.57 -42.34
CA GLN D 19 -3.28 37.13 -43.18
C GLN D 19 -3.75 36.53 -44.53
N PRO D 20 -2.88 36.37 -45.56
CA PRO D 20 -3.38 35.87 -46.85
C PRO D 20 -3.51 34.35 -46.97
N ARG D 21 -2.99 33.60 -46.01
CA ARG D 21 -3.02 32.14 -46.07
C ARG D 21 -4.32 31.59 -45.52
N GLY D 22 -4.99 30.77 -46.33
CA GLY D 22 -6.25 30.14 -45.99
C GLY D 22 -6.06 28.84 -45.23
N GLY D 23 -7.01 28.58 -44.33
CA GLY D 23 -7.07 27.38 -43.51
C GLY D 23 -7.08 27.60 -42.02
N VAL D 24 -6.47 28.73 -41.54
CA VAL D 24 -6.37 29.04 -40.11
C VAL D 24 -7.77 29.24 -39.46
N GLU D 25 -8.81 29.50 -40.28
CA GLU D 25 -10.18 29.62 -39.80
C GLU D 25 -10.72 28.24 -39.32
N GLU D 26 -10.05 27.14 -39.72
CA GLU D 26 -10.43 25.79 -39.29
C GLU D 26 -9.76 25.34 -37.97
N GLY D 27 -8.98 26.26 -37.38
CA GLY D 27 -8.29 26.11 -36.10
C GLY D 27 -9.19 25.67 -34.96
N PRO D 28 -10.38 26.30 -34.74
CA PRO D 28 -11.26 25.83 -33.65
C PRO D 28 -11.79 24.40 -33.86
N THR D 29 -12.12 24.06 -35.12
CA THR D 29 -12.66 22.77 -35.59
C THR D 29 -11.68 21.60 -35.31
N VAL D 30 -10.43 21.73 -35.72
CA VAL D 30 -9.39 20.72 -35.59
C VAL D 30 -8.95 20.57 -34.12
N LEU D 31 -8.91 21.69 -33.35
CA LEU D 31 -8.61 21.64 -31.91
C LEU D 31 -9.73 20.94 -31.13
N ARG D 32 -11.01 21.12 -31.57
CA ARG D 32 -12.18 20.47 -30.96
C ARG D 32 -12.20 18.96 -31.23
N LYS D 33 -11.99 18.55 -32.52
CA LYS D 33 -11.94 17.14 -32.97
C LYS D 33 -10.88 16.31 -32.23
N ALA D 34 -9.75 16.95 -31.81
CA ALA D 34 -8.68 16.29 -31.05
C ALA D 34 -9.04 16.06 -29.57
N GLY D 35 -10.27 16.41 -29.18
CA GLY D 35 -10.81 16.19 -27.83
C GLY D 35 -10.38 17.14 -26.74
N LEU D 36 -10.15 18.43 -27.08
CA LEU D 36 -9.73 19.49 -26.15
C LEU D 36 -10.72 19.66 -24.98
N LEU D 37 -12.03 19.74 -25.28
CA LEU D 37 -13.12 19.90 -24.30
C LEU D 37 -13.21 18.69 -23.38
N GLU D 38 -13.11 17.46 -23.97
CA GLU D 38 -13.15 16.16 -23.29
C GLU D 38 -11.93 15.94 -22.40
N LYS D 39 -10.73 16.37 -22.88
CA LYS D 39 -9.47 16.29 -22.14
C LYS D 39 -9.50 17.20 -20.91
N LEU D 40 -10.00 18.45 -21.07
CA LEU D 40 -10.10 19.45 -19.98
C LEU D 40 -11.04 19.00 -18.87
N LYS D 41 -12.20 18.43 -19.23
CA LYS D 41 -13.18 17.92 -18.27
C LYS D 41 -12.63 16.73 -17.45
N GLU D 42 -11.70 15.95 -18.06
CA GLU D 42 -11.00 14.83 -17.43
C GLU D 42 -9.91 15.32 -16.47
N GLN D 43 -9.53 16.60 -16.61
CA GLN D 43 -8.52 17.35 -15.87
C GLN D 43 -9.19 18.21 -14.76
N GLU D 44 -10.45 17.87 -14.39
CA GLU D 44 -11.29 18.51 -13.37
C GLU D 44 -11.66 19.96 -13.69
N CYS D 45 -11.94 20.24 -15.00
CA CYS D 45 -12.29 21.58 -15.49
C CYS D 45 -13.79 21.82 -15.71
N ASP D 46 -14.29 23.01 -15.30
CA ASP D 46 -15.65 23.49 -15.52
C ASP D 46 -15.58 24.17 -16.88
N VAL D 47 -16.07 23.47 -17.92
CA VAL D 47 -16.01 23.96 -19.30
C VAL D 47 -17.40 24.31 -19.83
N LYS D 48 -17.52 25.50 -20.42
CA LYS D 48 -18.72 25.98 -21.10
C LYS D 48 -18.32 26.44 -22.50
N ASP D 49 -18.81 25.72 -23.52
CA ASP D 49 -18.54 26.04 -24.91
C ASP D 49 -19.57 27.05 -25.44
N TYR D 50 -19.09 28.26 -25.80
CA TYR D 50 -19.91 29.35 -26.31
C TYR D 50 -20.10 29.25 -27.84
N GLY D 51 -19.56 28.15 -28.40
CA GLY D 51 -19.62 27.81 -29.82
C GLY D 51 -18.72 28.68 -30.68
N ASP D 52 -18.88 28.54 -32.01
CA ASP D 52 -18.11 29.31 -32.97
C ASP D 52 -18.80 30.62 -33.36
N LEU D 53 -18.08 31.76 -33.23
CA LEU D 53 -18.59 33.07 -33.65
C LEU D 53 -18.89 33.08 -35.15
N PRO D 54 -20.09 33.53 -35.55
CA PRO D 54 -20.37 33.62 -37.01
C PRO D 54 -19.73 34.88 -37.56
N PHE D 55 -18.70 34.75 -38.38
CA PHE D 55 -18.07 35.95 -38.91
C PHE D 55 -18.64 36.23 -40.28
N ALA D 56 -19.82 36.86 -40.29
CA ALA D 56 -20.56 37.22 -41.51
C ALA D 56 -19.67 37.91 -42.54
N ASP D 57 -19.94 37.63 -43.82
CA ASP D 57 -19.18 38.21 -44.92
C ASP D 57 -19.28 39.73 -44.98
N ILE D 58 -18.12 40.38 -45.09
CA ILE D 58 -18.01 41.82 -45.30
C ILE D 58 -17.37 41.94 -46.70
N PRO D 59 -18.17 41.79 -47.80
CA PRO D 59 -17.58 41.86 -49.14
C PRO D 59 -17.32 43.32 -49.51
N ASN D 60 -16.41 43.53 -50.47
CA ASN D 60 -16.01 44.88 -50.91
C ASN D 60 -15.43 45.70 -49.71
N ASP D 61 -14.53 45.03 -48.99
CA ASP D 61 -13.77 45.54 -47.86
C ASP D 61 -12.40 45.84 -48.45
N SER D 62 -12.33 46.99 -49.08
CA SER D 62 -11.15 47.42 -49.80
C SER D 62 -9.99 47.87 -48.87
N PRO D 63 -8.72 47.82 -49.37
CA PRO D 63 -7.59 48.21 -48.52
C PRO D 63 -7.48 49.69 -48.20
N PHE D 64 -7.05 49.96 -46.96
CA PHE D 64 -6.73 51.28 -46.43
C PHE D 64 -5.21 51.33 -46.57
N GLN D 65 -4.70 52.07 -47.57
CA GLN D 65 -3.28 52.14 -47.92
C GLN D 65 -2.84 50.72 -48.36
N ILE D 66 -1.88 50.09 -47.67
CA ILE D 66 -1.48 48.72 -48.02
C ILE D 66 -2.16 47.69 -47.07
N VAL D 67 -2.88 48.17 -46.04
CA VAL D 67 -3.57 47.33 -45.04
C VAL D 67 -4.79 46.62 -45.65
N LYS D 68 -4.70 45.28 -45.77
CA LYS D 68 -5.71 44.40 -46.35
C LYS D 68 -6.81 43.98 -45.39
N ASN D 69 -8.05 43.88 -45.91
CA ASN D 69 -9.29 43.48 -45.23
C ASN D 69 -9.50 44.15 -43.86
N PRO D 70 -9.41 45.52 -43.74
CA PRO D 70 -9.52 46.15 -42.41
C PRO D 70 -10.87 46.08 -41.69
N ARG D 71 -11.99 46.26 -42.42
CA ARG D 71 -13.35 46.24 -41.85
C ARG D 71 -13.68 44.87 -41.26
N SER D 72 -13.25 43.77 -41.96
CA SER D 72 -13.42 42.37 -41.61
C SER D 72 -12.71 42.01 -40.33
N VAL D 73 -11.44 42.44 -40.20
CA VAL D 73 -10.55 42.26 -39.04
C VAL D 73 -11.11 43.05 -37.87
N GLY D 74 -11.47 44.30 -38.15
CA GLY D 74 -12.03 45.21 -37.17
C GLY D 74 -13.34 44.73 -36.57
N LYS D 75 -14.25 44.19 -37.40
CA LYS D 75 -15.55 43.69 -36.96
C LYS D 75 -15.42 42.35 -36.25
N ALA D 76 -14.52 41.46 -36.72
CA ALA D 76 -14.25 40.17 -36.07
C ALA D 76 -13.69 40.43 -34.68
N SER D 77 -12.75 41.39 -34.54
CA SER D 77 -12.15 41.77 -33.26
C SER D 77 -13.17 42.45 -32.33
N GLU D 78 -14.06 43.27 -32.90
CA GLU D 78 -15.14 43.93 -32.16
C GLU D 78 -16.14 42.88 -31.62
N GLN D 79 -16.55 41.91 -32.48
CA GLN D 79 -17.45 40.82 -32.12
C GLN D 79 -16.80 39.98 -31.03
N LEU D 80 -15.50 39.67 -31.20
CA LEU D 80 -14.72 38.91 -30.21
C LEU D 80 -14.62 39.62 -28.88
N ALA D 81 -14.37 40.96 -28.89
CA ALA D 81 -14.27 41.75 -27.65
C ALA D 81 -15.54 41.67 -26.81
N GLY D 82 -16.71 41.72 -27.46
CA GLY D 82 -18.01 41.60 -26.81
C GLY D 82 -18.20 40.25 -26.15
N LYS D 83 -17.90 39.17 -26.89
CA LYS D 83 -18.02 37.79 -26.44
C LYS D 83 -17.01 37.43 -25.31
N VAL D 84 -15.78 38.00 -25.34
CA VAL D 84 -14.75 37.80 -24.30
C VAL D 84 -15.24 38.39 -22.96
N ALA D 85 -15.69 39.67 -22.96
CA ALA D 85 -16.20 40.36 -21.75
C ALA D 85 -17.42 39.67 -21.17
N GLU D 86 -18.22 39.06 -22.07
CA GLU D 86 -19.44 38.29 -21.75
C GLU D 86 -19.03 37.00 -21.00
N VAL D 87 -17.90 36.40 -21.39
CA VAL D 87 -17.34 35.20 -20.77
C VAL D 87 -16.67 35.59 -19.44
N LYS D 88 -15.92 36.70 -19.42
CA LYS D 88 -15.25 37.22 -18.21
C LYS D 88 -16.26 37.62 -17.12
N LYS D 89 -17.42 38.18 -17.49
CA LYS D 89 -18.50 38.59 -16.58
C LYS D 89 -19.12 37.37 -15.88
N ASN D 90 -19.22 36.25 -16.62
CA ASN D 90 -19.74 34.94 -16.20
C ASN D 90 -18.85 34.22 -15.17
N GLY D 91 -17.77 34.86 -14.75
CA GLY D 91 -16.81 34.34 -13.77
C GLY D 91 -15.84 33.30 -14.29
N ARG D 92 -15.79 33.12 -15.64
CA ARG D 92 -14.97 32.14 -16.35
C ARG D 92 -13.69 32.72 -17.00
N ILE D 93 -12.75 31.83 -17.39
CA ILE D 93 -11.49 32.20 -18.06
C ILE D 93 -11.77 32.09 -19.55
N SER D 94 -11.62 33.19 -20.29
CA SER D 94 -11.88 33.18 -21.74
C SER D 94 -10.78 32.42 -22.47
N LEU D 95 -11.18 31.43 -23.28
CA LEU D 95 -10.24 30.61 -24.06
C LEU D 95 -10.62 30.81 -25.51
N VAL D 96 -9.83 31.63 -26.21
CA VAL D 96 -10.06 31.95 -27.60
C VAL D 96 -9.27 31.03 -28.52
N LEU D 97 -9.98 30.29 -29.37
CA LEU D 97 -9.34 29.42 -30.34
C LEU D 97 -9.28 30.15 -31.67
N GLY D 98 -8.07 30.39 -32.15
CA GLY D 98 -7.87 31.07 -33.41
C GLY D 98 -7.86 30.13 -34.59
N GLY D 99 -7.84 30.66 -35.82
CA GLY D 99 -7.81 32.08 -36.15
C GLY D 99 -6.45 32.73 -36.09
N ASP D 100 -6.20 33.69 -36.98
CA ASP D 100 -4.95 34.44 -37.04
C ASP D 100 -4.81 35.37 -35.81
N HIS D 101 -3.58 35.85 -35.54
CA HIS D 101 -3.29 36.66 -34.36
C HIS D 101 -3.93 38.06 -34.31
N SER D 102 -4.48 38.61 -35.41
CA SER D 102 -5.12 39.95 -35.36
C SER D 102 -6.31 40.02 -34.38
N LEU D 103 -6.95 38.85 -34.14
CA LEU D 103 -8.08 38.64 -33.23
C LEU D 103 -7.74 39.01 -31.78
N ALA D 104 -6.43 39.20 -31.49
CA ALA D 104 -5.84 39.61 -30.22
C ALA D 104 -6.27 41.01 -29.84
N ILE D 105 -6.54 41.88 -30.85
CA ILE D 105 -7.07 43.23 -30.67
C ILE D 105 -8.42 43.07 -29.92
N GLY D 106 -9.28 42.18 -30.41
CA GLY D 106 -10.58 41.88 -29.82
C GLY D 106 -10.52 41.15 -28.50
N SER D 107 -9.70 40.09 -28.43
CA SER D 107 -9.52 39.27 -27.23
C SER D 107 -9.09 40.07 -25.98
N ILE D 108 -8.02 40.88 -26.11
CA ILE D 108 -7.45 41.64 -25.00
C ILE D 108 -8.33 42.89 -24.68
N SER D 109 -8.97 43.52 -25.69
CA SER D 109 -9.85 44.68 -25.43
C SER D 109 -11.08 44.27 -24.64
N GLY D 110 -11.61 43.10 -24.93
CA GLY D 110 -12.75 42.52 -24.23
C GLY D 110 -12.41 42.09 -22.82
N HIS D 111 -11.20 41.52 -22.64
CA HIS D 111 -10.69 41.09 -21.34
C HIS D 111 -10.45 42.33 -20.44
N ALA D 112 -9.74 43.36 -20.98
CA ALA D 112 -9.47 44.64 -20.30
C ALA D 112 -10.71 45.46 -20.01
N ARG D 113 -11.89 45.02 -20.52
CA ARG D 113 -13.16 45.69 -20.25
C ARG D 113 -13.63 45.30 -18.85
N VAL D 114 -13.42 44.02 -18.47
CA VAL D 114 -13.80 43.46 -17.16
C VAL D 114 -12.67 43.65 -16.12
N HIS D 115 -11.38 43.63 -16.56
CA HIS D 115 -10.23 43.81 -15.67
C HIS D 115 -9.23 44.73 -16.37
N PRO D 116 -9.27 46.06 -16.14
CA PRO D 116 -8.32 46.95 -16.81
C PRO D 116 -6.86 46.77 -16.38
N ASP D 117 -6.65 46.23 -15.16
CA ASP D 117 -5.34 46.02 -14.55
C ASP D 117 -4.60 44.75 -15.03
N LEU D 118 -5.08 44.14 -16.14
CA LEU D 118 -4.47 42.90 -16.63
C LEU D 118 -3.07 43.10 -17.20
N GLY D 119 -2.27 42.04 -17.07
CA GLY D 119 -0.92 41.96 -17.59
C GLY D 119 -0.87 40.97 -18.73
N VAL D 120 -0.10 41.28 -19.78
CA VAL D 120 0.02 40.45 -20.99
C VAL D 120 1.36 39.70 -21.06
N ILE D 121 1.32 38.41 -21.39
CA ILE D 121 2.51 37.58 -21.67
C ILE D 121 2.31 37.17 -23.12
N TRP D 122 3.13 37.71 -24.03
CA TRP D 122 3.00 37.41 -25.46
C TRP D 122 4.02 36.38 -25.88
N VAL D 123 3.56 35.13 -26.12
CA VAL D 123 4.45 34.05 -26.57
C VAL D 123 4.34 34.01 -28.09
N ASP D 124 5.45 34.38 -28.76
CA ASP D 124 5.49 34.47 -30.23
C ASP D 124 6.92 34.61 -30.74
N ALA D 125 7.13 34.14 -31.98
CA ALA D 125 8.38 34.26 -32.74
C ALA D 125 8.54 35.72 -33.17
N HIS D 126 7.43 36.50 -33.10
CA HIS D 126 7.27 37.89 -33.52
C HIS D 126 6.68 38.86 -32.46
N THR D 127 6.96 40.15 -32.62
CA THR D 127 6.44 41.19 -31.74
C THR D 127 4.99 41.54 -32.10
N ASP D 128 4.61 41.45 -33.40
CA ASP D 128 3.28 41.79 -33.92
C ASP D 128 2.89 43.24 -33.54
N ILE D 129 3.86 44.15 -33.67
CA ILE D 129 3.70 45.53 -33.26
C ILE D 129 3.89 46.54 -34.42
N ASN D 130 3.82 46.05 -35.67
CA ASN D 130 3.88 46.96 -36.82
C ASN D 130 2.62 47.82 -36.77
N THR D 131 2.77 49.12 -37.00
CA THR D 131 1.66 50.07 -37.06
C THR D 131 1.06 49.96 -38.47
N PRO D 132 -0.14 50.51 -38.79
CA PRO D 132 -0.61 50.45 -40.19
C PRO D 132 0.25 51.30 -41.15
N LEU D 133 1.30 51.99 -40.61
CA LEU D 133 2.25 52.83 -41.36
C LEU D 133 3.65 52.20 -41.51
N THR D 134 4.07 51.40 -40.53
CA THR D 134 5.39 50.75 -40.59
C THR D 134 5.32 49.37 -41.29
N THR D 135 4.11 48.79 -41.39
CA THR D 135 3.90 47.50 -42.04
C THR D 135 4.25 47.52 -43.55
N THR D 136 4.82 46.40 -44.04
CA THR D 136 5.28 46.18 -45.42
C THR D 136 4.41 45.12 -46.15
N SER D 137 3.65 44.35 -45.38
CA SER D 137 2.80 43.30 -45.90
C SER D 137 1.34 43.71 -45.98
N GLY D 138 0.91 44.50 -45.00
CA GLY D 138 -0.47 44.96 -44.85
C GLY D 138 -1.36 43.89 -44.27
N ASN D 139 -0.76 42.85 -43.63
CA ASN D 139 -1.50 41.73 -43.00
C ASN D 139 -1.63 42.09 -41.54
N LEU D 140 -2.87 42.33 -41.07
CA LEU D 140 -3.16 42.80 -39.72
C LEU D 140 -2.69 41.86 -38.58
N HIS D 141 -2.46 40.52 -38.82
CA HIS D 141 -1.96 39.61 -37.76
C HIS D 141 -0.54 39.98 -37.23
N GLY D 142 0.16 40.87 -37.92
CA GLY D 142 1.47 41.36 -37.53
C GLY D 142 1.43 42.78 -37.00
N GLN D 143 0.21 43.24 -36.62
CA GLN D 143 -0.14 44.57 -36.11
C GLN D 143 -0.98 44.63 -34.78
N PRO D 144 -1.45 43.50 -34.14
CA PRO D 144 -2.33 43.62 -32.96
C PRO D 144 -1.87 44.46 -31.77
N VAL D 145 -0.62 44.27 -31.29
CA VAL D 145 -0.05 44.99 -30.13
C VAL D 145 -0.04 46.51 -30.34
N SER D 146 0.26 46.99 -31.57
CA SER D 146 0.29 48.42 -31.90
C SER D 146 -1.05 49.12 -31.59
N PHE D 147 -2.17 48.44 -31.92
CA PHE D 147 -3.55 48.89 -31.72
C PHE D 147 -3.94 48.91 -30.24
N LEU D 148 -3.23 48.14 -29.40
CA LEU D 148 -3.52 48.01 -27.97
C LEU D 148 -2.68 48.90 -27.05
N LEU D 149 -1.44 49.27 -27.45
CA LEU D 149 -0.55 50.06 -26.60
C LEU D 149 -0.92 51.55 -26.49
N LYS D 150 -0.85 52.10 -25.25
CA LYS D 150 -1.21 53.50 -24.92
C LYS D 150 -0.23 54.55 -25.47
N GLU D 151 1.05 54.24 -25.47
CA GLU D 151 2.13 55.13 -25.92
C GLU D 151 2.18 55.35 -27.45
N LEU D 152 1.53 54.47 -28.23
CA LEU D 152 1.47 54.56 -29.69
C LEU D 152 0.26 55.39 -30.18
N LYS D 153 -0.34 56.18 -29.27
CA LYS D 153 -1.43 57.12 -29.54
C LYS D 153 -0.85 58.23 -30.45
N GLY D 154 -1.57 58.55 -31.51
CA GLY D 154 -1.16 59.53 -32.51
C GLY D 154 -0.35 58.92 -33.65
N LYS D 155 0.01 57.63 -33.54
CA LYS D 155 0.82 56.90 -34.52
C LYS D 155 0.00 55.87 -35.33
N ILE D 156 -1.26 55.56 -34.87
CA ILE D 156 -2.19 54.66 -35.56
C ILE D 156 -3.22 55.52 -36.33
N PRO D 157 -3.27 55.47 -37.69
CA PRO D 157 -4.25 56.29 -38.42
C PRO D 157 -5.68 55.73 -38.30
N ASP D 158 -6.69 56.49 -38.79
CA ASP D 158 -8.08 56.05 -38.74
C ASP D 158 -8.35 54.93 -39.78
N VAL D 159 -8.13 53.68 -39.34
CA VAL D 159 -8.29 52.47 -40.14
C VAL D 159 -9.77 52.03 -40.10
N PRO D 160 -10.43 51.80 -41.27
CA PRO D 160 -11.83 51.38 -41.26
C PRO D 160 -12.04 50.09 -40.49
N GLY D 161 -13.10 50.06 -39.67
CA GLY D 161 -13.46 48.93 -38.83
C GLY D 161 -12.90 48.93 -37.42
N PHE D 162 -12.03 49.92 -37.07
CA PHE D 162 -11.35 50.01 -35.76
C PHE D 162 -11.65 51.28 -34.92
N SER D 163 -12.69 52.07 -35.27
CA SER D 163 -13.02 53.27 -34.48
C SER D 163 -13.40 52.91 -33.03
N TRP D 164 -13.86 51.65 -32.83
CA TRP D 164 -14.26 51.06 -31.56
C TRP D 164 -13.08 50.83 -30.60
N VAL D 165 -11.84 50.79 -31.12
CA VAL D 165 -10.59 50.52 -30.38
C VAL D 165 -10.10 51.71 -29.52
N THR D 166 -9.86 51.44 -28.23
CA THR D 166 -9.25 52.37 -27.27
C THR D 166 -8.04 51.63 -26.66
N PRO D 167 -6.82 52.24 -26.69
CA PRO D 167 -5.62 51.58 -26.12
C PRO D 167 -5.78 51.26 -24.63
N CYS D 168 -5.78 49.97 -24.30
CA CYS D 168 -6.05 49.45 -22.96
C CYS D 168 -4.81 49.01 -22.16
N ILE D 169 -3.61 48.90 -22.76
CA ILE D 169 -2.42 48.47 -22.01
C ILE D 169 -1.19 49.35 -22.21
N SER D 170 -0.45 49.58 -21.12
CA SER D 170 0.79 50.36 -21.12
C SER D 170 1.95 49.45 -21.51
N ALA D 171 2.97 50.02 -22.16
CA ALA D 171 4.18 49.31 -22.59
C ALA D 171 4.87 48.50 -21.48
N LYS D 172 4.63 48.86 -20.19
CA LYS D 172 5.16 48.20 -18.99
C LYS D 172 4.27 47.02 -18.47
N ASP D 173 3.11 46.79 -19.11
CA ASP D 173 2.20 45.72 -18.71
C ASP D 173 2.14 44.53 -19.73
N ILE D 174 3.23 44.35 -20.51
CA ILE D 174 3.40 43.26 -21.51
C ILE D 174 4.83 42.65 -21.46
N VAL D 175 4.96 41.32 -21.69
CA VAL D 175 6.27 40.67 -21.74
C VAL D 175 6.27 39.73 -22.93
N TYR D 176 7.24 39.91 -23.83
CA TYR D 176 7.42 39.06 -25.01
C TYR D 176 8.35 37.90 -24.67
N ILE D 177 8.01 36.69 -25.16
CA ILE D 177 8.83 35.47 -24.99
C ILE D 177 8.91 34.70 -26.32
N GLY D 178 10.14 34.50 -26.81
CA GLY D 178 10.41 33.71 -28.00
C GLY D 178 10.71 34.44 -29.28
N LEU D 179 11.02 35.74 -29.19
CA LEU D 179 11.33 36.58 -30.35
C LEU D 179 12.57 36.10 -31.09
N ARG D 180 12.49 36.10 -32.44
CA ARG D 180 13.57 35.69 -33.35
C ARG D 180 13.32 36.22 -34.80
N ASP D 181 12.16 36.88 -35.03
CA ASP D 181 11.79 37.40 -36.35
C ASP D 181 11.06 38.76 -36.22
N VAL D 182 11.81 39.80 -35.82
CA VAL D 182 11.32 41.15 -35.58
C VAL D 182 11.71 42.12 -36.71
N ASP D 183 10.72 42.81 -37.33
CA ASP D 183 10.95 43.76 -38.43
C ASP D 183 11.68 45.04 -37.95
N PRO D 184 12.38 45.82 -38.84
CA PRO D 184 13.12 47.01 -38.38
C PRO D 184 12.29 48.07 -37.66
N GLY D 185 11.10 48.35 -38.18
CA GLY D 185 10.13 49.27 -37.58
C GLY D 185 9.70 48.77 -36.22
N GLU D 186 9.46 47.45 -36.12
CA GLU D 186 9.07 46.77 -34.88
C GLU D 186 10.19 46.84 -33.83
N HIS D 187 11.46 46.71 -34.25
CA HIS D 187 12.61 46.75 -33.33
C HIS D 187 12.82 48.15 -32.74
N TYR D 188 12.59 49.20 -33.55
CA TYR D 188 12.67 50.60 -33.12
C TYR D 188 11.59 50.86 -32.06
N ILE D 189 10.32 50.42 -32.32
CA ILE D 189 9.17 50.58 -31.42
C ILE D 189 9.46 49.86 -30.10
N LEU D 190 9.96 48.61 -30.18
CA LEU D 190 10.31 47.77 -29.04
C LEU D 190 11.37 48.39 -28.14
N LYS D 191 12.45 48.92 -28.73
CA LYS D 191 13.54 49.47 -27.92
C LYS D 191 13.26 50.85 -27.38
N THR D 192 12.71 51.77 -28.20
CA THR D 192 12.46 53.14 -27.75
C THR D 192 11.38 53.24 -26.67
N LEU D 193 10.40 52.33 -26.69
CA LEU D 193 9.35 52.35 -25.65
C LEU D 193 9.74 51.57 -24.39
N GLY D 194 10.89 50.90 -24.43
CA GLY D 194 11.43 50.11 -23.32
C GLY D 194 10.59 48.90 -22.91
N ILE D 195 9.94 48.23 -23.88
CA ILE D 195 9.10 47.04 -23.61
C ILE D 195 9.96 45.85 -23.18
N LYS D 196 9.55 45.16 -22.10
CA LYS D 196 10.22 43.97 -21.58
C LYS D 196 10.07 42.77 -22.56
N TYR D 197 11.21 42.15 -22.95
CA TYR D 197 11.24 41.03 -23.89
C TYR D 197 12.32 40.00 -23.59
N PHE D 198 12.02 38.75 -23.94
CA PHE D 198 12.92 37.64 -23.82
C PHE D 198 12.97 36.99 -25.19
N SER D 199 13.93 37.43 -26.02
CA SER D 199 14.11 36.85 -27.35
C SER D 199 14.80 35.49 -27.19
N MET D 200 14.97 34.74 -28.28
CA MET D 200 15.62 33.44 -28.26
C MET D 200 17.05 33.53 -27.74
N THR D 201 17.69 34.71 -27.87
CA THR D 201 19.03 35.07 -27.39
C THR D 201 19.00 35.10 -25.86
N GLU D 202 17.95 35.74 -25.28
CA GLU D 202 17.74 35.86 -23.82
C GLU D 202 17.36 34.54 -23.21
N VAL D 203 16.64 33.68 -23.98
CA VAL D 203 16.27 32.34 -23.47
C VAL D 203 17.54 31.46 -23.38
N ASP D 204 18.49 31.59 -24.34
CA ASP D 204 19.76 30.85 -24.39
C ASP D 204 20.74 31.26 -23.26
N ARG D 205 20.74 32.56 -22.90
CA ARG D 205 21.60 33.13 -21.86
C ARG D 205 21.11 32.74 -20.47
N LEU D 206 19.82 32.86 -20.23
CA LEU D 206 19.26 32.68 -18.90
C LEU D 206 18.68 31.30 -18.63
N GLY D 207 18.08 30.72 -19.65
CA GLY D 207 17.33 29.47 -19.55
C GLY D 207 15.88 29.82 -19.29
N ILE D 208 14.95 28.90 -19.59
CA ILE D 208 13.52 29.12 -19.38
C ILE D 208 13.15 29.40 -17.90
N GLY D 209 13.86 28.76 -16.96
CA GLY D 209 13.65 28.92 -15.53
C GLY D 209 13.69 30.36 -15.07
N LYS D 210 14.80 31.07 -15.40
CA LYS D 210 15.03 32.47 -15.05
C LYS D 210 14.14 33.44 -15.84
N VAL D 211 13.91 33.15 -17.14
CA VAL D 211 13.03 33.96 -18.00
C VAL D 211 11.67 34.12 -17.30
N MET D 212 11.03 33.00 -16.89
CA MET D 212 9.75 32.92 -16.19
C MET D 212 9.73 33.56 -14.82
N GLU D 213 10.85 33.46 -14.09
CA GLU D 213 11.03 34.02 -12.75
C GLU D 213 10.98 35.54 -12.82
N GLU D 214 11.78 36.15 -13.73
CA GLU D 214 11.86 37.57 -14.01
C GLU D 214 10.54 38.05 -14.66
N THR D 215 9.90 37.22 -15.54
CA THR D 215 8.63 37.53 -16.22
C THR D 215 7.51 37.75 -15.17
N LEU D 216 7.33 36.76 -14.26
CA LEU D 216 6.25 36.84 -13.27
C LEU D 216 6.51 37.91 -12.21
N SER D 217 7.78 38.18 -11.90
CA SER D 217 8.16 39.20 -10.92
C SER D 217 7.93 40.59 -11.50
N TYR D 218 8.13 40.73 -12.83
CA TYR D 218 7.98 41.99 -13.56
C TYR D 218 6.53 42.41 -13.64
N LEU D 219 5.64 41.44 -13.85
CA LEU D 219 4.22 41.71 -14.01
C LEU D 219 3.45 41.71 -12.70
N LEU D 220 3.85 40.89 -11.70
CA LEU D 220 3.10 40.81 -10.43
C LEU D 220 3.83 41.38 -9.20
N GLY D 221 5.01 41.96 -9.39
CA GLY D 221 5.84 42.54 -8.33
C GLY D 221 5.18 43.61 -7.49
N ARG D 222 4.76 44.71 -8.14
CA ARG D 222 4.07 45.86 -7.53
C ARG D 222 2.81 45.38 -6.78
N LYS D 223 2.00 44.53 -7.45
CA LYS D 223 0.78 43.91 -6.91
C LYS D 223 0.26 42.80 -7.85
N LYS D 224 -0.54 41.87 -7.29
CA LYS D 224 -1.19 40.79 -8.04
C LYS D 224 -2.20 41.40 -9.02
N ARG D 225 -2.41 40.73 -10.17
CA ARG D 225 -3.28 41.21 -11.23
C ARG D 225 -3.62 40.09 -12.21
N PRO D 226 -4.74 40.17 -12.97
CA PRO D 226 -5.03 39.12 -13.95
C PRO D 226 -3.98 39.02 -15.07
N ILE D 227 -3.76 37.79 -15.58
CA ILE D 227 -2.78 37.51 -16.61
C ILE D 227 -3.45 37.05 -17.91
N HIS D 228 -3.09 37.72 -19.00
CA HIS D 228 -3.53 37.36 -20.33
C HIS D 228 -2.35 36.72 -21.03
N LEU D 229 -2.54 35.50 -21.53
CA LEU D 229 -1.48 34.82 -22.28
C LEU D 229 -1.90 34.67 -23.75
N SER D 230 -1.30 35.47 -24.66
CA SER D 230 -1.61 35.33 -26.08
C SER D 230 -0.52 34.45 -26.67
N PHE D 231 -0.89 33.20 -26.98
CA PHE D 231 0.01 32.17 -27.48
C PHE D 231 -0.11 31.93 -28.97
N ASP D 232 0.96 32.23 -29.71
CA ASP D 232 1.06 31.98 -31.15
C ASP D 232 1.89 30.72 -31.25
N VAL D 233 1.35 29.65 -31.85
CA VAL D 233 2.03 28.36 -31.99
C VAL D 233 3.34 28.48 -32.79
N ASP D 234 3.56 29.60 -33.49
CA ASP D 234 4.82 29.79 -34.20
C ASP D 234 5.95 30.21 -33.22
N GLY D 235 5.60 30.49 -31.95
CA GLY D 235 6.56 30.79 -30.90
C GLY D 235 7.45 29.57 -30.67
N LEU D 236 6.81 28.39 -30.72
CA LEU D 236 7.47 27.11 -30.60
C LEU D 236 8.13 26.75 -31.92
N ASP D 237 9.17 25.93 -31.88
CA ASP D 237 9.92 25.50 -33.07
C ASP D 237 9.05 24.79 -34.13
N PRO D 238 9.30 24.99 -35.46
CA PRO D 238 8.51 24.27 -36.48
C PRO D 238 8.65 22.76 -36.48
N SER D 239 9.61 22.20 -35.70
CA SER D 239 9.77 20.75 -35.54
C SER D 239 8.66 20.21 -34.61
N PHE D 240 7.92 21.11 -33.93
CA PHE D 240 6.81 20.77 -33.03
C PHE D 240 5.50 21.27 -33.59
N THR D 241 5.49 22.52 -34.14
CA THR D 241 4.31 23.16 -34.72
C THR D 241 4.55 23.53 -36.21
N PRO D 242 4.57 22.54 -37.14
CA PRO D 242 4.77 22.88 -38.57
C PRO D 242 3.57 23.54 -39.25
N ALA D 243 2.33 23.14 -38.88
CA ALA D 243 1.10 23.66 -39.49
C ALA D 243 0.72 25.06 -38.94
N THR D 244 1.52 26.05 -39.34
CA THR D 244 1.42 27.47 -38.98
C THR D 244 1.86 28.30 -40.19
N GLY D 245 1.20 29.44 -40.40
CA GLY D 245 1.43 30.36 -41.51
C GLY D 245 2.80 31.00 -41.64
N THR D 246 3.38 31.46 -40.50
CA THR D 246 4.70 32.11 -40.49
C THR D 246 5.74 31.32 -39.66
N PRO D 247 6.24 30.14 -40.14
CA PRO D 247 7.24 29.39 -39.36
C PRO D 247 8.61 30.06 -39.30
N VAL D 248 9.31 29.95 -38.15
CA VAL D 248 10.67 30.49 -37.97
C VAL D 248 11.49 29.47 -37.18
N VAL D 249 12.65 29.07 -37.74
CA VAL D 249 13.59 28.11 -37.13
C VAL D 249 14.25 28.65 -35.86
N GLY D 250 14.68 27.74 -34.99
CA GLY D 250 15.35 28.04 -33.73
C GLY D 250 14.39 28.44 -32.64
N GLY D 251 13.21 27.86 -32.66
CA GLY D 251 12.16 28.19 -31.71
C GLY D 251 12.19 27.54 -30.36
N LEU D 252 11.28 27.98 -29.49
CA LEU D 252 11.13 27.40 -28.17
C LEU D 252 10.79 25.94 -28.33
N THR D 253 11.36 25.11 -27.47
CA THR D 253 11.15 23.66 -27.46
C THR D 253 9.76 23.35 -26.91
N TYR D 254 9.32 22.09 -27.11
CA TYR D 254 8.10 21.52 -26.56
C TYR D 254 8.11 21.67 -25.05
N ARG D 255 9.27 21.37 -24.41
CA ARG D 255 9.49 21.47 -22.96
C ARG D 255 9.45 22.89 -22.45
N GLU D 256 10.10 23.83 -23.19
CA GLU D 256 10.11 25.25 -22.82
C GLU D 256 8.68 25.79 -22.82
N GLY D 257 7.93 25.46 -23.88
CA GLY D 257 6.53 25.80 -24.03
C GLY D 257 5.67 25.30 -22.88
N LEU D 258 5.93 24.06 -22.41
CA LEU D 258 5.19 23.50 -21.27
C LEU D 258 5.58 24.19 -19.98
N TYR D 259 6.87 24.56 -19.84
CA TYR D 259 7.37 25.26 -18.65
C TYR D 259 6.70 26.61 -18.43
N ILE D 260 6.68 27.47 -19.48
CA ILE D 260 6.04 28.81 -19.46
C ILE D 260 4.57 28.67 -19.00
N THR D 261 3.78 27.76 -19.64
CA THR D 261 2.36 27.55 -19.32
C THR D 261 2.14 26.90 -17.95
N GLU D 262 3.00 25.96 -17.52
CA GLU D 262 2.92 25.33 -16.20
C GLU D 262 3.15 26.39 -15.08
N GLU D 263 4.10 27.33 -15.31
CA GLU D 263 4.39 28.42 -14.36
C GLU D 263 3.25 29.46 -14.32
N ILE D 264 2.61 29.75 -15.47
CA ILE D 264 1.47 30.67 -15.54
C ILE D 264 0.29 30.07 -14.74
N TYR D 265 0.02 28.75 -14.89
CA TYR D 265 -1.05 28.07 -14.13
C TYR D 265 -0.88 28.25 -12.62
N LYS D 266 0.36 28.03 -12.13
CA LYS D 266 0.74 28.07 -10.71
C LYS D 266 0.46 29.41 -10.02
N THR D 267 0.35 30.53 -10.79
CA THR D 267 0.03 31.86 -10.24
C THR D 267 -1.42 31.85 -9.73
N GLY D 268 -2.30 31.17 -10.46
CA GLY D 268 -3.73 31.09 -10.20
C GLY D 268 -4.44 32.31 -10.75
N LEU D 269 -3.68 33.19 -11.45
CA LEU D 269 -4.10 34.48 -12.01
C LEU D 269 -4.37 34.52 -13.51
N LEU D 270 -4.33 33.37 -14.22
CA LEU D 270 -4.65 33.29 -15.64
C LEU D 270 -6.13 33.63 -15.77
N SER D 271 -6.45 34.66 -16.57
CA SER D 271 -7.84 35.09 -16.75
C SER D 271 -8.24 35.02 -18.22
N GLY D 272 -7.26 34.99 -19.11
CA GLY D 272 -7.50 34.95 -20.53
C GLY D 272 -6.40 34.25 -21.29
N LEU D 273 -6.80 33.48 -22.32
CA LEU D 273 -5.87 32.71 -23.15
C LEU D 273 -6.29 32.72 -24.63
N ASP D 274 -5.30 32.75 -25.54
CA ASP D 274 -5.47 32.71 -27.00
C ASP D 274 -4.56 31.62 -27.58
N ILE D 275 -5.14 30.63 -28.29
CA ILE D 275 -4.37 29.55 -28.95
C ILE D 275 -4.41 29.93 -30.42
N MET D 276 -3.40 30.66 -30.88
CA MET D 276 -3.40 31.25 -32.20
C MET D 276 -2.53 30.63 -33.23
N GLU D 277 -2.92 30.88 -34.50
CA GLU D 277 -2.28 30.62 -35.79
C GLU D 277 -2.15 29.15 -36.18
N VAL D 278 -3.00 28.27 -35.62
CA VAL D 278 -3.05 26.85 -35.97
C VAL D 278 -3.80 26.75 -37.32
N ASN D 279 -3.05 26.44 -38.40
CA ASN D 279 -3.60 26.28 -39.74
C ASN D 279 -3.47 24.82 -40.23
N PRO D 280 -4.54 24.00 -40.09
CA PRO D 280 -4.48 22.60 -40.52
C PRO D 280 -4.11 22.33 -41.98
N SER D 281 -4.59 23.15 -42.91
CA SER D 281 -4.30 22.95 -44.33
C SER D 281 -2.90 23.39 -44.78
N LEU D 282 -2.04 23.81 -43.82
CA LEU D 282 -0.69 24.25 -44.15
C LEU D 282 0.44 23.24 -43.82
N GLY D 283 0.08 22.05 -43.36
CA GLY D 283 1.05 21.00 -43.07
C GLY D 283 1.51 20.36 -44.36
N LYS D 284 2.80 19.95 -44.42
CA LYS D 284 3.36 19.27 -45.60
C LYS D 284 2.86 17.84 -45.67
N THR D 285 2.53 17.25 -44.50
CA THR D 285 1.99 15.89 -44.36
C THR D 285 0.79 15.91 -43.39
N PRO D 286 -0.13 14.90 -43.41
CA PRO D 286 -1.20 14.85 -42.40
C PRO D 286 -0.65 14.77 -40.97
N GLU D 287 0.51 14.09 -40.78
CA GLU D 287 1.17 13.94 -39.49
C GLU D 287 1.63 15.31 -38.93
N GLU D 288 2.23 16.18 -39.79
CA GLU D 288 2.68 17.53 -39.42
C GLU D 288 1.53 18.35 -38.81
N VAL D 289 0.30 18.19 -39.38
CA VAL D 289 -0.97 18.80 -38.96
C VAL D 289 -1.35 18.32 -37.53
N THR D 290 -1.40 16.97 -37.31
CA THR D 290 -1.77 16.38 -36.02
C THR D 290 -0.73 16.73 -34.95
N ARG D 291 0.57 16.75 -35.34
CA ARG D 291 1.70 17.11 -34.49
C ARG D 291 1.48 18.52 -33.89
N THR D 292 1.11 19.51 -34.75
CA THR D 292 0.82 20.89 -34.35
C THR D 292 -0.37 20.96 -33.40
N VAL D 293 -1.48 20.31 -33.79
CA VAL D 293 -2.72 20.25 -33.02
C VAL D 293 -2.48 19.66 -31.63
N ASN D 294 -1.74 18.55 -31.55
CA ASN D 294 -1.40 17.89 -30.29
C ASN D 294 -0.54 18.76 -29.38
N THR D 295 0.45 19.47 -29.95
CA THR D 295 1.34 20.40 -29.22
C THR D 295 0.47 21.52 -28.61
N ALA D 296 -0.37 22.16 -29.44
CA ALA D 296 -1.29 23.21 -29.04
C ALA D 296 -2.25 22.73 -27.94
N VAL D 297 -2.80 21.48 -28.09
CA VAL D 297 -3.70 20.85 -27.11
C VAL D 297 -3.02 20.67 -25.76
N ALA D 298 -1.76 20.19 -25.77
CA ALA D 298 -0.90 19.97 -24.59
C ALA D 298 -0.54 21.28 -23.88
N ILE D 299 -0.29 22.35 -24.67
CA ILE D 299 0.02 23.72 -24.21
C ILE D 299 -1.21 24.23 -23.43
N THR D 300 -2.41 24.03 -23.99
CA THR D 300 -3.68 24.43 -23.39
C THR D 300 -3.92 23.73 -22.05
N LEU D 301 -3.69 22.42 -22.02
CA LEU D 301 -3.86 21.56 -20.83
C LEU D 301 -2.94 21.98 -19.66
N ALA D 302 -1.70 22.36 -19.97
CA ALA D 302 -0.73 22.84 -18.97
C ALA D 302 -1.15 24.18 -18.32
N CYS D 303 -1.90 25.01 -19.10
CA CYS D 303 -2.47 26.31 -18.68
C CYS D 303 -3.52 26.08 -17.61
N PHE D 304 -4.26 24.96 -17.69
CA PHE D 304 -5.36 24.70 -16.76
C PHE D 304 -5.13 23.56 -15.70
N GLY D 305 -3.87 23.31 -15.31
CA GLY D 305 -3.55 22.39 -14.22
C GLY D 305 -2.72 21.14 -14.42
N LEU D 306 -2.67 20.59 -15.63
CA LEU D 306 -1.94 19.36 -15.94
C LEU D 306 -0.44 19.52 -15.76
N ALA D 307 0.10 18.89 -14.70
CA ALA D 307 1.51 18.97 -14.34
C ALA D 307 2.25 17.74 -14.85
N ARG D 308 3.50 17.94 -15.35
CA ARG D 308 4.33 16.82 -15.81
C ARG D 308 4.74 15.92 -14.64
N GLU D 309 4.81 16.46 -13.40
CA GLU D 309 5.13 15.65 -12.22
C GLU D 309 3.97 14.70 -11.88
N GLY D 310 2.82 14.97 -12.46
CA GLY D 310 1.58 14.22 -12.29
C GLY D 310 0.58 15.02 -11.51
N ASN D 311 -0.64 14.51 -11.43
CA ASN D 311 -1.76 15.12 -10.71
C ASN D 311 -2.55 14.04 -9.96
N HIS D 312 -3.25 14.43 -8.89
CA HIS D 312 -4.12 13.53 -8.11
C HIS D 312 -5.22 14.32 -7.42
N LYS D 313 -6.34 13.64 -7.08
CA LYS D 313 -7.53 14.20 -6.42
C LYS D 313 -7.34 14.16 -4.91
N PRO D 314 -7.97 15.07 -4.11
CA PRO D 314 -7.80 15.00 -2.64
C PRO D 314 -8.51 13.83 -1.93
N ILE D 315 -8.13 12.59 -2.28
CA ILE D 315 -8.65 11.31 -1.77
C ILE D 315 -7.51 10.33 -1.51
N ASP D 316 -7.73 9.38 -0.59
CA ASP D 316 -6.74 8.36 -0.27
C ASP D 316 -6.71 7.26 -1.33
N TYR D 317 -5.68 7.30 -2.21
CA TYR D 317 -5.48 6.33 -3.30
C TYR D 317 -4.97 4.94 -2.82
N LEU D 318 -4.58 4.81 -1.54
CA LEU D 318 -4.15 3.52 -0.99
C LEU D 318 -5.32 2.89 -0.19
N ASN D 319 -6.57 3.33 -0.53
CA ASN D 319 -7.84 2.90 0.04
C ASN D 319 -8.92 2.91 -1.05
N ALA E 3 -23.35 -3.09 56.40
CA ALA E 3 -24.07 -2.45 55.29
C ALA E 3 -25.39 -3.16 54.96
N LYS E 4 -26.38 -2.41 54.47
CA LYS E 4 -27.72 -2.89 54.10
C LYS E 4 -27.68 -3.95 52.98
N SER E 5 -26.74 -3.80 52.01
CA SER E 5 -26.52 -4.75 50.94
C SER E 5 -25.92 -6.08 51.47
N ARG E 6 -25.47 -6.09 52.73
CA ARG E 6 -24.89 -7.26 53.39
C ARG E 6 -25.74 -7.75 54.59
N THR E 7 -26.85 -7.05 54.91
CA THR E 7 -27.75 -7.42 56.02
C THR E 7 -28.79 -8.42 55.49
N ILE E 8 -28.60 -9.71 55.84
CA ILE E 8 -29.41 -10.82 55.33
C ILE E 8 -30.30 -11.48 56.40
N GLY E 9 -31.36 -12.14 55.91
CA GLY E 9 -32.33 -12.90 56.68
C GLY E 9 -32.65 -14.17 55.93
N ILE E 10 -32.10 -15.31 56.42
CA ILE E 10 -32.25 -16.65 55.85
C ILE E 10 -33.64 -17.19 56.14
N ILE E 11 -34.28 -17.81 55.12
CA ILE E 11 -35.58 -18.47 55.22
C ILE E 11 -35.49 -19.75 54.41
N GLY E 12 -35.59 -20.89 55.08
CA GLY E 12 -35.58 -22.18 54.44
C GLY E 12 -36.98 -22.55 53.97
N ALA E 13 -37.07 -23.22 52.82
CA ALA E 13 -38.36 -23.64 52.27
C ALA E 13 -38.24 -25.09 51.79
N PRO E 14 -38.39 -26.06 52.73
CA PRO E 14 -38.27 -27.48 52.34
C PRO E 14 -39.54 -27.96 51.63
N PHE E 15 -39.82 -27.38 50.46
CA PHE E 15 -41.02 -27.69 49.70
C PHE E 15 -40.73 -28.27 48.30
N SER E 16 -41.37 -29.42 47.97
CA SER E 16 -41.18 -30.18 46.74
C SER E 16 -42.42 -30.45 45.88
N LYS E 17 -43.64 -30.34 46.45
CA LYS E 17 -44.92 -30.66 45.80
C LYS E 17 -45.28 -29.80 44.56
N GLY E 18 -44.45 -28.84 44.18
CA GLY E 18 -44.70 -28.04 42.99
C GLY E 18 -44.23 -28.73 41.71
N GLN E 19 -43.60 -29.91 41.87
CA GLN E 19 -43.07 -30.74 40.77
C GLN E 19 -43.12 -32.23 41.13
N PRO E 20 -42.89 -33.21 40.20
CA PRO E 20 -43.04 -34.62 40.59
C PRO E 20 -41.80 -35.29 41.23
N ARG E 21 -40.59 -34.78 40.95
CA ARG E 21 -39.33 -35.35 41.42
C ARG E 21 -39.05 -35.08 42.91
N GLY E 22 -38.95 -36.14 43.69
CA GLY E 22 -38.65 -36.06 45.12
C GLY E 22 -37.17 -35.82 45.37
N GLY E 23 -36.88 -34.86 46.25
CA GLY E 23 -35.52 -34.52 46.65
C GLY E 23 -35.23 -33.05 46.85
N VAL E 24 -35.85 -32.16 46.03
CA VAL E 24 -35.64 -30.70 46.04
C VAL E 24 -35.97 -30.07 47.43
N GLU E 25 -36.77 -30.76 48.27
CA GLU E 25 -37.13 -30.34 49.63
C GLU E 25 -35.93 -30.42 50.58
N GLU E 26 -34.92 -31.26 50.25
CA GLU E 26 -33.71 -31.44 51.05
C GLU E 26 -32.70 -30.33 50.76
N GLY E 27 -32.95 -29.57 49.70
CA GLY E 27 -32.14 -28.44 49.22
C GLY E 27 -31.61 -27.50 50.27
N PRO E 28 -32.47 -26.91 51.16
CA PRO E 28 -31.94 -26.01 52.20
C PRO E 28 -31.01 -26.71 53.20
N THR E 29 -31.30 -27.98 53.57
CA THR E 29 -30.48 -28.75 54.51
C THR E 29 -29.10 -28.96 53.91
N VAL E 30 -29.05 -29.37 52.64
CA VAL E 30 -27.81 -29.60 51.91
C VAL E 30 -27.06 -28.26 51.67
N LEU E 31 -27.82 -27.15 51.45
CA LEU E 31 -27.26 -25.80 51.28
C LEU E 31 -26.64 -25.26 52.59
N ARG E 32 -27.16 -25.70 53.76
CA ARG E 32 -26.68 -25.33 55.10
C ARG E 32 -25.42 -26.14 55.49
N LYS E 33 -25.38 -27.43 55.11
CA LYS E 33 -24.28 -28.39 55.35
C LYS E 33 -23.00 -27.98 54.60
N ALA E 34 -23.16 -27.11 53.59
CA ALA E 34 -22.07 -26.56 52.81
C ALA E 34 -21.40 -25.39 53.58
N GLY E 35 -22.10 -24.87 54.59
CA GLY E 35 -21.61 -23.78 55.44
C GLY E 35 -21.93 -22.40 54.91
N LEU E 36 -23.18 -22.20 54.42
CA LEU E 36 -23.60 -20.94 53.83
C LEU E 36 -23.62 -19.76 54.82
N LEU E 37 -24.24 -19.94 56.02
CA LEU E 37 -24.31 -18.87 57.03
C LEU E 37 -22.90 -18.39 57.36
N GLU E 38 -22.01 -19.38 57.69
CA GLU E 38 -20.59 -19.27 58.06
C GLU E 38 -19.80 -18.51 57.02
N LYS E 39 -19.89 -18.93 55.72
CA LYS E 39 -19.22 -18.28 54.58
C LYS E 39 -19.65 -16.82 54.40
N LEU E 40 -20.94 -16.52 54.63
CA LEU E 40 -21.44 -15.15 54.56
C LEU E 40 -21.01 -14.32 55.79
N LYS E 41 -20.93 -14.96 56.98
CA LYS E 41 -20.49 -14.28 58.21
C LYS E 41 -19.06 -13.71 58.08
N GLU E 42 -18.17 -14.49 57.45
CA GLU E 42 -16.77 -14.15 57.18
C GLU E 42 -16.66 -13.08 56.07
N GLN E 43 -17.78 -12.87 55.35
CA GLN E 43 -17.92 -11.94 54.21
C GLN E 43 -18.44 -10.56 54.66
N GLU E 44 -18.39 -10.26 55.97
CA GLU E 44 -18.83 -9.00 56.59
C GLU E 44 -20.38 -8.80 56.49
N CYS E 45 -21.12 -9.93 56.53
CA CYS E 45 -22.57 -9.94 56.45
C CYS E 45 -23.25 -10.16 57.81
N ASP E 46 -24.30 -9.37 58.11
CA ASP E 46 -25.11 -9.50 59.33
C ASP E 46 -26.15 -10.56 59.00
N VAL E 47 -25.87 -11.82 59.35
CA VAL E 47 -26.74 -12.95 58.99
C VAL E 47 -27.66 -13.41 60.16
N LYS E 48 -28.97 -13.57 59.86
CA LYS E 48 -29.97 -14.05 60.81
C LYS E 48 -30.77 -15.20 60.22
N ASP E 49 -30.76 -16.36 60.88
CA ASP E 49 -31.51 -17.51 60.44
C ASP E 49 -32.95 -17.46 60.98
N TYR E 50 -33.95 -17.25 60.10
CA TYR E 50 -35.37 -17.22 60.47
C TYR E 50 -35.97 -18.63 60.52
N GLY E 51 -35.12 -19.63 60.27
CA GLY E 51 -35.42 -21.06 60.31
C GLY E 51 -36.01 -21.66 59.05
N ASP E 52 -36.40 -22.95 59.15
CA ASP E 52 -37.05 -23.72 58.09
C ASP E 52 -38.55 -23.74 58.33
N LEU E 53 -39.33 -23.26 57.35
CA LEU E 53 -40.78 -23.16 57.45
C LEU E 53 -41.49 -24.49 57.71
N PRO E 54 -42.51 -24.50 58.60
CA PRO E 54 -43.25 -25.75 58.86
C PRO E 54 -44.35 -25.96 57.81
N PHE E 55 -44.05 -26.75 56.77
CA PHE E 55 -45.02 -27.05 55.72
C PHE E 55 -45.78 -28.34 56.08
N ALA E 56 -47.01 -28.18 56.58
CA ALA E 56 -47.86 -29.29 57.03
C ALA E 56 -48.40 -30.12 55.87
N ASP E 57 -48.35 -31.47 56.03
CA ASP E 57 -48.85 -32.41 55.02
C ASP E 57 -50.36 -32.25 54.88
N ILE E 58 -50.80 -31.89 53.66
CA ILE E 58 -52.22 -31.69 53.36
C ILE E 58 -52.79 -32.94 52.67
N PRO E 59 -53.58 -33.76 53.40
CA PRO E 59 -54.15 -34.98 52.80
C PRO E 59 -55.35 -34.66 51.90
N ASN E 60 -55.72 -35.61 51.03
CA ASN E 60 -56.84 -35.53 50.09
C ASN E 60 -56.74 -34.35 49.09
N ASP E 61 -55.50 -33.87 48.82
CA ASP E 61 -55.26 -32.75 47.90
C ASP E 61 -55.46 -33.17 46.43
N SER E 62 -56.75 -33.35 46.05
CA SER E 62 -57.20 -33.71 44.71
C SER E 62 -56.81 -32.60 43.70
N PRO E 63 -56.50 -32.95 42.43
CA PRO E 63 -56.04 -31.93 41.48
C PRO E 63 -57.10 -30.91 41.04
N PHE E 64 -56.64 -29.79 40.44
CA PHE E 64 -57.50 -28.80 39.83
C PHE E 64 -57.25 -28.95 38.34
N GLN E 65 -58.11 -29.72 37.66
CA GLN E 65 -58.02 -30.08 36.25
C GLN E 65 -56.74 -30.92 36.07
N ILE E 66 -55.66 -30.37 35.47
CA ILE E 66 -54.41 -31.10 35.27
C ILE E 66 -53.34 -30.67 36.30
N VAL E 67 -53.59 -29.55 37.01
CA VAL E 67 -52.74 -28.95 38.04
C VAL E 67 -52.71 -29.85 39.31
N LYS E 68 -51.50 -30.32 39.69
CA LYS E 68 -51.23 -31.23 40.81
C LYS E 68 -50.88 -30.54 42.11
N ASN E 69 -51.38 -31.09 43.25
CA ASN E 69 -51.18 -30.61 44.62
C ASN E 69 -51.48 -29.08 44.76
N PRO E 70 -52.63 -28.54 44.26
CA PRO E 70 -52.87 -27.09 44.33
C PRO E 70 -52.87 -26.48 45.74
N ARG E 71 -53.64 -27.03 46.68
CA ARG E 71 -53.75 -26.56 48.07
C ARG E 71 -52.40 -26.53 48.81
N SER E 72 -51.52 -27.48 48.49
CA SER E 72 -50.19 -27.63 49.09
C SER E 72 -49.23 -26.56 48.63
N VAL E 73 -49.29 -26.19 47.33
CA VAL E 73 -48.44 -25.19 46.69
C VAL E 73 -48.89 -23.79 47.07
N GLY E 74 -50.20 -23.58 47.16
CA GLY E 74 -50.81 -22.32 47.56
C GLY E 74 -50.52 -21.99 49.01
N LYS E 75 -50.60 -23.02 49.89
CA LYS E 75 -50.37 -22.89 51.33
C LYS E 75 -48.92 -22.56 51.65
N ALA E 76 -47.98 -23.24 50.97
CA ALA E 76 -46.54 -23.06 51.14
C ALA E 76 -46.11 -21.65 50.79
N SER E 77 -46.52 -21.15 49.60
CA SER E 77 -46.24 -19.80 49.14
C SER E 77 -46.92 -18.76 50.05
N GLU E 78 -48.13 -19.05 50.57
CA GLU E 78 -48.84 -18.15 51.49
C GLU E 78 -48.04 -17.98 52.76
N GLN E 79 -47.51 -19.12 53.29
CA GLN E 79 -46.66 -19.16 54.50
C GLN E 79 -45.38 -18.36 54.30
N LEU E 80 -44.69 -18.60 53.16
CA LEU E 80 -43.46 -17.90 52.76
C LEU E 80 -43.71 -16.41 52.60
N ALA E 81 -44.87 -16.01 52.03
CA ALA E 81 -45.23 -14.59 51.85
C ALA E 81 -45.27 -13.80 53.16
N GLY E 82 -45.69 -14.45 54.25
CA GLY E 82 -45.76 -13.82 55.57
C GLY E 82 -44.38 -13.64 56.18
N LYS E 83 -43.56 -14.72 56.13
CA LYS E 83 -42.19 -14.74 56.63
C LYS E 83 -41.28 -13.77 55.88
N VAL E 84 -41.35 -13.75 54.51
CA VAL E 84 -40.57 -12.82 53.67
C VAL E 84 -40.94 -11.38 54.03
N ALA E 85 -42.27 -11.11 54.18
CA ALA E 85 -42.83 -9.81 54.58
C ALA E 85 -42.30 -9.36 55.95
N GLU E 86 -42.20 -10.31 56.91
CA GLU E 86 -41.70 -10.07 58.28
C GLU E 86 -40.23 -9.66 58.22
N VAL E 87 -39.38 -10.47 57.51
CA VAL E 87 -37.94 -10.28 57.26
C VAL E 87 -37.64 -8.89 56.64
N LYS E 88 -38.50 -8.45 55.69
CA LYS E 88 -38.36 -7.16 55.00
C LYS E 88 -38.69 -5.97 55.92
N LYS E 89 -39.70 -6.13 56.81
CA LYS E 89 -40.06 -5.12 57.82
C LYS E 89 -38.94 -5.03 58.85
N ASN E 90 -38.18 -6.12 59.02
CA ASN E 90 -37.03 -6.18 59.93
C ASN E 90 -35.76 -5.52 59.30
N GLY E 91 -35.91 -5.01 58.08
CA GLY E 91 -34.84 -4.33 57.33
C GLY E 91 -33.73 -5.23 56.83
N ARG E 92 -34.06 -6.50 56.54
CA ARG E 92 -33.09 -7.49 56.06
C ARG E 92 -33.42 -7.94 54.65
N ILE E 93 -32.38 -8.28 53.85
CA ILE E 93 -32.55 -8.84 52.50
C ILE E 93 -33.06 -10.27 52.72
N SER E 94 -34.20 -10.62 52.09
CA SER E 94 -34.78 -11.95 52.23
C SER E 94 -34.04 -12.95 51.39
N LEU E 95 -33.65 -14.06 52.00
CA LEU E 95 -32.94 -15.12 51.29
C LEU E 95 -33.68 -16.43 51.47
N VAL E 96 -34.39 -16.82 50.41
CA VAL E 96 -35.17 -18.05 50.36
C VAL E 96 -34.31 -19.18 49.79
N LEU E 97 -34.23 -20.31 50.51
CA LEU E 97 -33.50 -21.49 50.07
C LEU E 97 -34.53 -22.56 49.73
N GLY E 98 -34.77 -22.74 48.43
CA GLY E 98 -35.71 -23.73 47.93
C GLY E 98 -35.11 -25.12 47.81
N GLY E 99 -35.91 -26.11 47.45
CA GLY E 99 -37.33 -25.95 47.12
C GLY E 99 -37.57 -25.68 45.66
N ASP E 100 -38.77 -26.02 45.18
CA ASP E 100 -39.14 -25.83 43.78
C ASP E 100 -39.54 -24.39 43.52
N HIS E 101 -39.39 -23.93 42.26
CA HIS E 101 -39.63 -22.55 41.84
C HIS E 101 -41.09 -22.04 41.99
N SER E 102 -42.02 -22.84 42.56
CA SER E 102 -43.41 -22.42 42.81
C SER E 102 -43.45 -21.47 43.99
N LEU E 103 -42.52 -21.67 44.96
CA LEU E 103 -42.37 -20.85 46.17
C LEU E 103 -42.12 -19.37 45.89
N ALA E 104 -41.77 -19.04 44.61
CA ALA E 104 -41.55 -17.67 44.12
C ALA E 104 -42.84 -16.85 44.15
N ILE E 105 -44.04 -17.51 44.11
CA ILE E 105 -45.35 -16.85 44.24
C ILE E 105 -45.37 -16.16 45.61
N GLY E 106 -44.92 -16.87 46.64
CA GLY E 106 -44.83 -16.37 48.00
C GLY E 106 -43.70 -15.41 48.26
N SER E 107 -42.49 -15.76 47.80
CA SER E 107 -41.29 -14.94 47.98
C SER E 107 -41.46 -13.53 47.42
N ILE E 108 -41.90 -13.39 46.15
CA ILE E 108 -42.11 -12.10 45.51
C ILE E 108 -43.31 -11.36 46.16
N SER E 109 -44.43 -12.07 46.46
CA SER E 109 -45.64 -11.46 47.04
C SER E 109 -45.41 -10.87 48.42
N GLY E 110 -44.64 -11.60 49.24
CA GLY E 110 -44.28 -11.15 50.58
C GLY E 110 -43.40 -9.92 50.53
N HIS E 111 -42.42 -9.94 49.62
CA HIS E 111 -41.47 -8.85 49.36
C HIS E 111 -42.23 -7.61 48.80
N ALA E 112 -43.20 -7.80 47.87
CA ALA E 112 -44.02 -6.74 47.28
C ALA E 112 -44.93 -6.02 48.29
N ARG E 113 -45.30 -6.70 49.39
CA ARG E 113 -46.12 -6.09 50.45
C ARG E 113 -45.35 -4.96 51.12
N VAL E 114 -44.04 -5.17 51.39
CA VAL E 114 -43.18 -4.15 52.00
C VAL E 114 -42.60 -3.21 50.93
N HIS E 115 -42.21 -3.76 49.77
CA HIS E 115 -41.62 -3.00 48.67
C HIS E 115 -42.37 -3.31 47.35
N PRO E 116 -43.44 -2.54 47.04
CA PRO E 116 -44.24 -2.83 45.83
C PRO E 116 -43.68 -2.31 44.51
N ASP E 117 -42.65 -1.46 44.58
CA ASP E 117 -42.02 -0.87 43.40
C ASP E 117 -40.85 -1.74 42.85
N LEU E 118 -40.73 -2.98 43.36
CA LEU E 118 -39.65 -3.92 43.03
C LEU E 118 -39.68 -4.42 41.58
N GLY E 119 -38.49 -4.65 41.04
CA GLY E 119 -38.27 -5.19 39.70
C GLY E 119 -37.69 -6.58 39.85
N VAL E 120 -38.07 -7.49 38.96
CA VAL E 120 -37.58 -8.87 39.07
C VAL E 120 -36.58 -9.25 37.95
N ILE E 121 -35.55 -9.99 38.33
CA ILE E 121 -34.57 -10.62 37.46
C ILE E 121 -34.78 -12.10 37.72
N TRP E 122 -35.28 -12.79 36.69
CA TRP E 122 -35.58 -14.21 36.71
C TRP E 122 -34.48 -14.93 35.90
N VAL E 123 -33.59 -15.64 36.61
CA VAL E 123 -32.49 -16.38 35.99
C VAL E 123 -32.99 -17.82 35.90
N ASP E 124 -33.15 -18.31 34.65
CA ASP E 124 -33.76 -19.62 34.38
C ASP E 124 -33.60 -20.03 32.91
N ALA E 125 -33.68 -21.32 32.63
CA ALA E 125 -33.69 -21.88 31.26
C ALA E 125 -35.14 -21.79 30.75
N HIS E 126 -36.06 -21.51 31.69
CA HIS E 126 -37.50 -21.49 31.54
C HIS E 126 -38.14 -20.16 31.96
N THR E 127 -39.29 -19.87 31.34
CA THR E 127 -40.08 -18.67 31.59
C THR E 127 -40.98 -18.82 32.81
N ASP E 128 -41.37 -20.07 33.16
CA ASP E 128 -42.26 -20.38 34.29
C ASP E 128 -43.56 -19.53 34.24
N ILE E 129 -43.99 -19.18 33.01
CA ILE E 129 -45.16 -18.34 32.72
C ILE E 129 -46.40 -19.14 32.26
N ASN E 130 -46.39 -20.48 32.43
CA ASN E 130 -47.57 -21.26 32.08
C ASN E 130 -48.71 -20.92 33.05
N THR E 131 -49.96 -21.00 32.58
CA THR E 131 -51.12 -20.74 33.44
C THR E 131 -51.69 -22.10 33.82
N PRO E 132 -52.61 -22.20 34.82
CA PRO E 132 -53.26 -23.51 35.07
C PRO E 132 -54.03 -24.02 33.84
N LEU E 133 -54.22 -23.16 32.82
CA LEU E 133 -54.88 -23.49 31.56
C LEU E 133 -53.91 -23.81 30.40
N THR E 134 -52.71 -23.17 30.34
CA THR E 134 -51.76 -23.46 29.25
C THR E 134 -50.85 -24.66 29.53
N THR E 135 -50.64 -25.01 30.83
CA THR E 135 -49.81 -26.13 31.26
C THR E 135 -50.25 -27.45 30.61
N THR E 136 -49.25 -28.28 30.29
CA THR E 136 -49.37 -29.59 29.67
C THR E 136 -49.02 -30.67 30.70
N SER E 137 -48.20 -30.28 31.69
CA SER E 137 -47.68 -31.15 32.75
C SER E 137 -48.51 -31.08 34.02
N GLY E 138 -48.98 -29.88 34.36
CA GLY E 138 -49.75 -29.62 35.58
C GLY E 138 -48.86 -29.42 36.80
N ASN E 139 -47.56 -29.16 36.57
CA ASN E 139 -46.56 -28.90 37.61
C ASN E 139 -46.52 -27.40 37.82
N LEU E 140 -46.87 -26.94 39.04
CA LEU E 140 -46.99 -25.53 39.42
C LEU E 140 -45.65 -24.77 39.51
N HIS E 141 -44.49 -25.45 39.51
CA HIS E 141 -43.17 -24.80 39.54
C HIS E 141 -42.82 -24.13 38.17
N GLY E 142 -43.66 -24.37 37.16
CA GLY E 142 -43.52 -23.82 35.81
C GLY E 142 -44.62 -22.84 35.49
N GLN E 143 -45.34 -22.41 36.54
CA GLN E 143 -46.47 -21.50 36.49
C GLN E 143 -46.35 -20.23 37.37
N PRO E 144 -45.31 -20.02 38.24
CA PRO E 144 -45.33 -18.87 39.16
C PRO E 144 -45.42 -17.48 38.55
N VAL E 145 -44.83 -17.24 37.39
CA VAL E 145 -44.86 -15.90 36.77
C VAL E 145 -46.29 -15.50 36.38
N SER E 146 -47.10 -16.46 35.90
CA SER E 146 -48.48 -16.19 35.52
C SER E 146 -49.38 -15.84 36.72
N PHE E 147 -49.06 -16.37 37.93
CA PHE E 147 -49.79 -16.08 39.16
C PHE E 147 -49.47 -14.67 39.69
N LEU E 148 -48.30 -14.14 39.29
CA LEU E 148 -47.78 -12.84 39.73
C LEU E 148 -48.03 -11.65 38.77
N LEU E 149 -48.34 -11.90 37.48
CA LEU E 149 -48.55 -10.80 36.52
C LEU E 149 -49.97 -10.23 36.53
N LYS E 150 -50.05 -8.89 36.57
CA LYS E 150 -51.30 -8.12 36.63
C LYS E 150 -52.07 -8.17 35.32
N GLU E 151 -51.31 -8.21 34.20
CA GLU E 151 -51.84 -8.30 32.83
C GLU E 151 -52.50 -9.66 32.59
N LEU E 152 -52.15 -10.67 33.42
CA LEU E 152 -52.69 -12.03 33.33
C LEU E 152 -53.83 -12.27 34.32
N LYS E 153 -54.52 -11.21 34.74
CA LYS E 153 -55.68 -11.21 35.63
C LYS E 153 -56.89 -11.60 34.74
N GLY E 154 -57.59 -12.66 35.14
CA GLY E 154 -58.71 -13.19 34.38
C GLY E 154 -58.32 -14.35 33.49
N LYS E 155 -57.01 -14.59 33.33
CA LYS E 155 -56.47 -15.70 32.55
C LYS E 155 -56.09 -16.84 33.52
N ILE E 156 -56.19 -16.56 34.84
CA ILE E 156 -55.94 -17.49 35.95
C ILE E 156 -57.28 -17.77 36.63
N PRO E 157 -57.75 -19.04 36.71
CA PRO E 157 -59.05 -19.30 37.37
C PRO E 157 -58.93 -19.44 38.89
N ASP E 158 -60.06 -19.68 39.58
CA ASP E 158 -60.07 -19.90 41.03
C ASP E 158 -59.49 -21.30 41.32
N VAL E 159 -58.17 -21.35 41.56
CA VAL E 159 -57.46 -22.60 41.86
C VAL E 159 -57.44 -22.80 43.40
N PRO E 160 -57.84 -23.99 43.93
CA PRO E 160 -57.84 -24.19 45.40
C PRO E 160 -56.48 -23.99 46.07
N GLY E 161 -56.46 -23.12 47.09
CA GLY E 161 -55.28 -22.78 47.85
C GLY E 161 -54.62 -21.46 47.47
N PHE E 162 -55.02 -20.87 46.35
CA PHE E 162 -54.45 -19.61 45.84
C PHE E 162 -55.45 -18.42 45.85
N SER E 163 -56.47 -18.45 46.72
CA SER E 163 -57.47 -17.38 46.84
C SER E 163 -56.88 -16.11 47.49
N TRP E 164 -55.74 -16.27 48.21
CA TRP E 164 -54.97 -15.23 48.90
C TRP E 164 -54.17 -14.39 47.91
N VAL E 165 -53.85 -14.96 46.71
CA VAL E 165 -53.06 -14.32 45.66
C VAL E 165 -53.72 -13.06 45.09
N THR E 166 -52.89 -12.04 44.81
CA THR E 166 -53.24 -10.77 44.16
C THR E 166 -51.99 -10.33 43.36
N PRO E 167 -51.96 -10.54 42.02
CA PRO E 167 -50.77 -10.16 41.22
C PRO E 167 -50.11 -8.85 41.64
N CYS E 168 -48.81 -8.90 41.94
CA CYS E 168 -48.07 -7.75 42.46
C CYS E 168 -47.05 -7.12 41.48
N ILE E 169 -46.84 -7.72 40.29
CA ILE E 169 -45.90 -7.18 39.30
C ILE E 169 -46.54 -7.04 37.91
N SER E 170 -46.06 -6.07 37.14
CA SER E 170 -46.49 -5.82 35.76
C SER E 170 -45.42 -6.41 34.81
N ALA E 171 -45.84 -6.79 33.59
CA ALA E 171 -44.98 -7.37 32.54
C ALA E 171 -43.67 -6.56 32.32
N LYS E 172 -43.70 -5.24 32.63
CA LYS E 172 -42.55 -4.34 32.50
C LYS E 172 -41.52 -4.53 33.62
N ASP E 173 -41.95 -4.92 34.82
CA ASP E 173 -41.12 -5.09 36.02
C ASP E 173 -40.43 -6.46 36.14
N ILE E 174 -40.08 -7.09 35.01
CA ILE E 174 -39.43 -8.41 34.98
C ILE E 174 -38.54 -8.58 33.76
N VAL E 175 -37.27 -8.99 33.99
CA VAL E 175 -36.30 -9.30 32.94
C VAL E 175 -35.87 -10.76 33.11
N TYR E 176 -35.92 -11.55 32.02
CA TYR E 176 -35.48 -12.95 32.01
C TYR E 176 -34.05 -13.06 31.53
N ILE E 177 -33.28 -14.00 32.11
CA ILE E 177 -31.90 -14.29 31.70
C ILE E 177 -31.65 -15.81 31.67
N GLY E 178 -31.23 -16.31 30.50
CA GLY E 178 -30.85 -17.71 30.31
C GLY E 178 -31.81 -18.66 29.63
N LEU E 179 -32.94 -18.15 29.12
CA LEU E 179 -34.00 -18.93 28.46
C LEU E 179 -33.50 -19.74 27.26
N ARG E 180 -33.87 -21.03 27.25
CA ARG E 180 -33.57 -21.97 26.17
C ARG E 180 -34.61 -23.09 26.07
N ASP E 181 -35.60 -23.13 27.00
CA ASP E 181 -36.65 -24.15 26.98
C ASP E 181 -38.02 -23.56 27.27
N VAL E 182 -38.55 -22.82 26.27
CA VAL E 182 -39.83 -22.11 26.34
C VAL E 182 -40.96 -22.85 25.59
N ASP E 183 -42.07 -23.18 26.29
CA ASP E 183 -43.23 -23.89 25.71
C ASP E 183 -44.00 -22.94 24.75
N PRO E 184 -44.81 -23.44 23.78
CA PRO E 184 -45.50 -22.54 22.85
C PRO E 184 -46.47 -21.55 23.51
N GLY E 185 -47.15 -21.99 24.57
CA GLY E 185 -48.06 -21.15 25.33
C GLY E 185 -47.30 -19.99 25.94
N GLU E 186 -46.17 -20.34 26.59
CA GLU E 186 -45.23 -19.43 27.24
C GLU E 186 -44.61 -18.46 26.25
N HIS E 187 -44.28 -18.94 25.03
CA HIS E 187 -43.71 -18.05 24.02
C HIS E 187 -44.74 -17.01 23.57
N TYR E 188 -46.02 -17.46 23.39
CA TYR E 188 -47.13 -16.57 23.05
C TYR E 188 -47.33 -15.54 24.16
N ILE E 189 -47.25 -15.96 25.45
CA ILE E 189 -47.40 -15.00 26.55
C ILE E 189 -46.23 -14.00 26.55
N LEU E 190 -44.98 -14.49 26.40
CA LEU E 190 -43.74 -13.68 26.38
C LEU E 190 -43.73 -12.53 25.37
N LYS E 191 -44.13 -12.81 24.11
CA LYS E 191 -44.12 -11.83 23.03
C LYS E 191 -45.33 -10.89 23.03
N THR E 192 -46.55 -11.38 23.33
CA THR E 192 -47.75 -10.52 23.35
C THR E 192 -47.74 -9.49 24.51
N LEU E 193 -47.17 -9.88 25.67
CA LEU E 193 -47.06 -8.97 26.82
C LEU E 193 -45.84 -8.03 26.69
N GLY E 194 -45.02 -8.30 25.67
CA GLY E 194 -43.82 -7.53 25.37
C GLY E 194 -42.80 -7.54 26.49
N ILE E 195 -42.73 -8.66 27.25
CA ILE E 195 -41.79 -8.87 28.37
C ILE E 195 -40.33 -8.82 27.85
N LYS E 196 -39.46 -8.11 28.59
CA LYS E 196 -38.04 -8.00 28.31
C LYS E 196 -37.35 -9.30 28.75
N TYR E 197 -36.57 -9.88 27.84
CA TYR E 197 -35.86 -11.14 28.03
C TYR E 197 -34.57 -11.15 27.26
N PHE E 198 -33.64 -11.97 27.77
CA PHE E 198 -32.34 -12.27 27.20
C PHE E 198 -32.25 -13.79 27.21
N SER E 199 -32.63 -14.41 26.08
CA SER E 199 -32.54 -15.85 25.90
C SER E 199 -31.06 -16.13 25.63
N MET E 200 -30.64 -17.41 25.66
CA MET E 200 -29.24 -17.77 25.37
C MET E 200 -28.69 -17.12 24.07
N THR E 201 -29.55 -16.93 23.06
CA THR E 201 -29.25 -16.32 21.75
C THR E 201 -28.73 -14.88 21.91
N GLU E 202 -29.39 -14.12 22.80
CA GLU E 202 -29.08 -12.73 23.17
C GLU E 202 -27.76 -12.71 23.93
N VAL E 203 -27.54 -13.67 24.82
CA VAL E 203 -26.30 -13.78 25.59
C VAL E 203 -25.10 -14.09 24.64
N ASP E 204 -25.32 -14.90 23.58
CA ASP E 204 -24.31 -15.28 22.57
C ASP E 204 -23.98 -14.07 21.68
N ARG E 205 -25.02 -13.32 21.29
CA ARG E 205 -24.95 -12.11 20.47
C ARG E 205 -24.19 -10.96 21.15
N LEU E 206 -24.61 -10.61 22.38
CA LEU E 206 -24.15 -9.45 23.15
C LEU E 206 -23.04 -9.69 24.15
N GLY E 207 -23.00 -10.87 24.75
CA GLY E 207 -22.06 -11.15 25.83
C GLY E 207 -22.74 -10.73 27.11
N ILE E 208 -22.50 -11.46 28.18
CA ILE E 208 -23.08 -11.24 29.51
C ILE E 208 -22.86 -9.82 30.06
N GLY E 209 -21.80 -9.13 29.60
CA GLY E 209 -21.46 -7.76 29.97
C GLY E 209 -22.52 -6.78 29.52
N LYS E 210 -22.85 -6.80 28.22
CA LYS E 210 -23.94 -5.99 27.62
C LYS E 210 -25.31 -6.50 28.13
N VAL E 211 -25.45 -7.83 28.38
CA VAL E 211 -26.68 -8.44 28.90
C VAL E 211 -27.06 -7.75 30.21
N MET E 212 -26.06 -7.63 31.12
CA MET E 212 -26.20 -6.99 32.44
C MET E 212 -26.38 -5.49 32.37
N GLU E 213 -25.65 -4.84 31.45
CA GLU E 213 -25.71 -3.40 31.19
C GLU E 213 -27.17 -2.97 30.89
N GLU E 214 -27.82 -3.68 29.94
CA GLU E 214 -29.20 -3.45 29.52
C GLU E 214 -30.26 -3.86 30.54
N THR E 215 -30.04 -4.97 31.27
CA THR E 215 -30.96 -5.49 32.29
C THR E 215 -31.15 -4.43 33.38
N LEU E 216 -30.03 -3.95 33.92
CA LEU E 216 -29.96 -2.97 34.99
C LEU E 216 -30.40 -1.59 34.52
N SER E 217 -30.16 -1.25 33.24
CA SER E 217 -30.59 0.04 32.69
C SER E 217 -32.13 0.03 32.51
N TYR E 218 -32.70 -1.01 31.88
CA TYR E 218 -34.14 -1.17 31.64
C TYR E 218 -34.93 -1.14 32.94
N LEU E 219 -34.46 -1.88 33.96
CA LEU E 219 -35.13 -1.95 35.26
C LEU E 219 -34.84 -0.77 36.21
N LEU E 220 -33.61 -0.23 36.23
CA LEU E 220 -33.26 0.84 37.19
C LEU E 220 -33.04 2.28 36.62
N GLY E 221 -33.24 2.46 35.31
CA GLY E 221 -33.01 3.73 34.61
C GLY E 221 -33.58 4.97 35.28
N ARG E 222 -34.92 5.16 35.15
CA ARG E 222 -35.73 6.25 35.68
C ARG E 222 -35.39 6.55 37.17
N LYS E 223 -35.64 5.56 38.07
CA LYS E 223 -35.40 5.66 39.51
C LYS E 223 -34.70 4.42 40.09
N LYS E 224 -34.05 4.58 41.26
CA LYS E 224 -33.42 3.49 42.00
C LYS E 224 -34.58 2.72 42.65
N ARG E 225 -34.61 1.40 42.49
CA ARG E 225 -35.71 0.60 43.04
C ARG E 225 -35.25 -0.77 43.55
N PRO E 226 -35.91 -1.36 44.58
CA PRO E 226 -35.48 -2.69 45.06
C PRO E 226 -35.48 -3.78 43.97
N ILE E 227 -34.49 -4.68 44.04
CA ILE E 227 -34.31 -5.79 43.10
C ILE E 227 -34.57 -7.11 43.80
N HIS E 228 -35.36 -7.97 43.16
CA HIS E 228 -35.61 -9.34 43.61
C HIS E 228 -35.01 -10.24 42.54
N LEU E 229 -34.01 -11.04 42.91
CA LEU E 229 -33.40 -11.99 42.00
C LEU E 229 -33.94 -13.41 42.33
N SER E 230 -34.68 -14.01 41.39
CA SER E 230 -35.20 -15.37 41.52
C SER E 230 -34.34 -16.26 40.59
N PHE E 231 -33.48 -17.09 41.19
CA PHE E 231 -32.46 -17.89 40.52
C PHE E 231 -32.73 -19.39 40.52
N ASP E 232 -33.11 -19.91 39.34
CA ASP E 232 -33.28 -21.33 39.13
C ASP E 232 -31.88 -21.81 38.72
N VAL E 233 -31.35 -22.79 39.46
CA VAL E 233 -30.01 -23.34 39.23
C VAL E 233 -29.88 -23.95 37.82
N ASP E 234 -31.04 -24.31 37.20
CA ASP E 234 -31.07 -24.83 35.82
C ASP E 234 -30.83 -23.71 34.77
N GLY E 235 -30.71 -22.47 35.22
CA GLY E 235 -30.36 -21.34 34.36
C GLY E 235 -28.95 -21.52 33.83
N LEU E 236 -28.09 -22.12 34.68
CA LEU E 236 -26.70 -22.48 34.37
C LEU E 236 -26.70 -23.86 33.71
N ASP E 237 -25.68 -24.11 32.87
CA ASP E 237 -25.49 -25.34 32.12
C ASP E 237 -25.37 -26.56 33.04
N PRO E 238 -25.95 -27.73 32.68
CA PRO E 238 -25.86 -28.92 33.54
C PRO E 238 -24.43 -29.35 33.92
N SER E 239 -23.40 -28.91 33.17
CA SER E 239 -22.00 -29.20 33.50
C SER E 239 -21.57 -28.55 34.84
N PHE E 240 -22.39 -27.58 35.34
CA PHE E 240 -22.16 -26.87 36.62
C PHE E 240 -23.18 -27.21 37.72
N THR E 241 -24.47 -27.42 37.33
CA THR E 241 -25.57 -27.75 38.23
C THR E 241 -26.36 -29.00 37.74
N PRO E 242 -25.76 -30.23 37.71
CA PRO E 242 -26.54 -31.39 37.23
C PRO E 242 -27.65 -31.87 38.17
N ALA E 243 -27.48 -31.71 39.48
CA ALA E 243 -28.48 -32.11 40.47
C ALA E 243 -29.63 -31.09 40.54
N THR E 244 -30.55 -31.19 39.55
CA THR E 244 -31.71 -30.33 39.32
C THR E 244 -32.78 -31.11 38.53
N GLY E 245 -34.04 -30.79 38.75
CA GLY E 245 -35.17 -31.47 38.12
C GLY E 245 -35.33 -31.38 36.62
N THR E 246 -35.13 -30.19 36.02
CA THR E 246 -35.34 -29.98 34.58
C THR E 246 -34.09 -29.40 33.91
N PRO E 247 -33.04 -30.22 33.65
CA PRO E 247 -31.82 -29.67 33.04
C PRO E 247 -31.92 -29.44 31.54
N VAL E 248 -31.27 -28.38 31.04
CA VAL E 248 -31.25 -27.97 29.63
C VAL E 248 -29.81 -27.61 29.22
N VAL E 249 -29.30 -28.27 28.17
CA VAL E 249 -27.94 -28.07 27.62
C VAL E 249 -27.83 -26.67 26.97
N GLY E 250 -26.59 -26.19 26.85
CA GLY E 250 -26.29 -24.88 26.26
C GLY E 250 -26.66 -23.72 27.19
N GLY E 251 -26.42 -23.92 28.49
CA GLY E 251 -26.76 -22.95 29.52
C GLY E 251 -25.71 -21.92 29.81
N LEU E 252 -25.98 -21.10 30.83
CA LEU E 252 -25.09 -20.03 31.30
C LEU E 252 -23.90 -20.70 31.98
N THR E 253 -22.67 -20.19 31.73
CA THR E 253 -21.51 -20.77 32.39
C THR E 253 -21.42 -20.30 33.87
N TYR E 254 -20.46 -20.88 34.61
CA TYR E 254 -20.15 -20.56 35.99
C TYR E 254 -19.73 -19.09 36.08
N ARG E 255 -18.84 -18.67 35.14
CA ARG E 255 -18.33 -17.31 35.00
C ARG E 255 -19.45 -16.28 34.77
N GLU E 256 -20.44 -16.63 33.89
CA GLU E 256 -21.60 -15.78 33.55
C GLU E 256 -22.52 -15.61 34.76
N GLY E 257 -22.79 -16.72 35.46
CA GLY E 257 -23.58 -16.73 36.68
C GLY E 257 -22.97 -15.83 37.75
N LEU E 258 -21.63 -15.91 37.93
CA LEU E 258 -20.88 -15.06 38.88
C LEU E 258 -20.88 -13.64 38.40
N TYR E 259 -20.76 -13.40 37.08
CA TYR E 259 -20.83 -12.03 36.57
C TYR E 259 -22.22 -11.37 36.77
N ILE E 260 -23.32 -12.15 36.65
CA ILE E 260 -24.70 -11.66 36.85
C ILE E 260 -24.87 -11.20 38.30
N THR E 261 -24.50 -12.07 39.25
CA THR E 261 -24.63 -11.87 40.70
C THR E 261 -23.66 -10.81 41.22
N GLU E 262 -22.51 -10.61 40.55
CA GLU E 262 -21.53 -9.56 40.92
C GLU E 262 -22.12 -8.18 40.58
N GLU E 263 -22.63 -8.00 39.34
CA GLU E 263 -23.22 -6.74 38.86
C GLU E 263 -24.46 -6.31 39.65
N ILE E 264 -25.21 -7.27 40.23
CA ILE E 264 -26.39 -6.99 41.02
C ILE E 264 -25.97 -6.49 42.41
N TYR E 265 -24.90 -7.07 42.99
CA TYR E 265 -24.37 -6.56 44.26
C TYR E 265 -23.91 -5.13 44.07
N LYS E 266 -23.17 -4.86 42.98
CA LYS E 266 -22.59 -3.58 42.60
C LYS E 266 -23.62 -2.42 42.44
N THR E 267 -24.94 -2.73 42.45
CA THR E 267 -26.01 -1.73 42.41
C THR E 267 -26.36 -1.34 43.85
N GLY E 268 -26.19 -2.28 44.78
CA GLY E 268 -26.52 -2.14 46.20
C GLY E 268 -28.02 -2.10 46.42
N LEU E 269 -28.79 -2.53 45.41
CA LEU E 269 -30.25 -2.49 45.39
C LEU E 269 -30.94 -3.87 45.49
N LEU E 270 -30.19 -4.93 45.83
CA LEU E 270 -30.78 -6.25 46.02
C LEU E 270 -31.55 -6.23 47.34
N SER E 271 -32.83 -6.62 47.30
CA SER E 271 -33.73 -6.67 48.46
C SER E 271 -34.26 -8.09 48.72
N GLY E 272 -34.34 -8.91 47.67
CA GLY E 272 -34.80 -10.28 47.77
C GLY E 272 -33.97 -11.26 46.96
N LEU E 273 -33.85 -12.50 47.45
CA LEU E 273 -33.11 -13.56 46.77
C LEU E 273 -33.74 -14.93 46.91
N ASP E 274 -33.81 -15.67 45.79
CA ASP E 274 -34.31 -17.04 45.69
C ASP E 274 -33.22 -17.93 45.06
N ILE E 275 -32.89 -19.05 45.73
CA ILE E 275 -31.95 -20.07 45.26
C ILE E 275 -32.83 -21.33 45.20
N MET E 276 -33.32 -21.64 43.98
CA MET E 276 -34.30 -22.71 43.77
C MET E 276 -33.84 -23.86 42.89
N GLU E 277 -34.58 -24.99 43.01
CA GLU E 277 -34.50 -26.23 42.23
C GLU E 277 -33.23 -27.10 42.45
N VAL E 278 -32.57 -26.99 43.63
CA VAL E 278 -31.41 -27.84 43.96
C VAL E 278 -31.93 -29.16 44.53
N ASN E 279 -31.87 -30.22 43.72
CA ASN E 279 -32.34 -31.56 44.12
C ASN E 279 -31.13 -32.49 44.32
N PRO E 280 -30.72 -32.76 45.59
CA PRO E 280 -29.56 -33.64 45.83
C PRO E 280 -29.76 -35.13 45.48
N SER E 281 -31.02 -35.57 45.27
CA SER E 281 -31.30 -36.96 44.90
C SER E 281 -31.14 -37.21 43.38
N LEU E 282 -30.81 -36.16 42.59
CA LEU E 282 -30.74 -36.24 41.13
C LEU E 282 -29.35 -36.21 40.49
N GLY E 283 -28.30 -36.20 41.30
CA GLY E 283 -26.94 -36.21 40.79
C GLY E 283 -26.47 -37.63 40.52
N LYS E 284 -26.00 -37.89 39.26
CA LYS E 284 -25.49 -39.19 38.80
C LYS E 284 -24.40 -39.78 39.69
N THR E 285 -23.52 -38.92 40.24
CA THR E 285 -22.40 -39.29 41.14
C THR E 285 -22.49 -38.39 42.38
N PRO E 286 -21.90 -38.75 43.56
CA PRO E 286 -21.94 -37.82 44.71
C PRO E 286 -21.22 -36.48 44.41
N GLU E 287 -20.30 -36.49 43.40
CA GLU E 287 -19.52 -35.34 42.96
C GLU E 287 -20.40 -34.33 42.22
N GLU E 288 -21.31 -34.81 41.34
CA GLU E 288 -22.24 -33.97 40.59
C GLU E 288 -23.16 -33.23 41.56
N VAL E 289 -23.48 -33.85 42.72
CA VAL E 289 -24.28 -33.30 43.80
C VAL E 289 -23.52 -32.11 44.45
N THR E 290 -22.24 -32.31 44.85
CA THR E 290 -21.46 -31.26 45.51
C THR E 290 -21.09 -30.13 44.56
N ARG E 291 -21.00 -30.42 43.26
CA ARG E 291 -20.70 -29.45 42.21
C ARG E 291 -21.89 -28.49 42.05
N THR E 292 -23.11 -29.00 42.29
CA THR E 292 -24.35 -28.21 42.20
C THR E 292 -24.45 -27.31 43.43
N VAL E 293 -24.26 -27.89 44.64
CA VAL E 293 -24.31 -27.23 45.94
C VAL E 293 -23.23 -26.14 46.05
N ASN E 294 -21.98 -26.45 45.61
CA ASN E 294 -20.85 -25.50 45.63
C ASN E 294 -21.11 -24.31 44.70
N THR E 295 -21.66 -24.57 43.49
CA THR E 295 -22.00 -23.54 42.51
C THR E 295 -23.11 -22.64 43.08
N ALA E 296 -24.14 -23.25 43.71
CA ALA E 296 -25.27 -22.54 44.37
C ALA E 296 -24.75 -21.63 45.49
N VAL E 297 -23.82 -22.12 46.31
CA VAL E 297 -23.14 -21.39 47.40
C VAL E 297 -22.35 -20.23 46.77
N ALA E 298 -21.49 -20.52 45.76
CA ALA E 298 -20.70 -19.50 45.06
C ALA E 298 -21.56 -18.38 44.45
N ILE E 299 -22.72 -18.74 43.85
CA ILE E 299 -23.70 -17.80 43.26
C ILE E 299 -24.25 -16.84 44.35
N THR E 300 -24.65 -17.40 45.50
CA THR E 300 -25.22 -16.65 46.63
C THR E 300 -24.21 -15.66 47.24
N LEU E 301 -22.95 -16.10 47.43
CA LEU E 301 -21.87 -15.31 48.00
C LEU E 301 -21.57 -14.08 47.17
N ALA E 302 -21.62 -14.21 45.82
CA ALA E 302 -21.37 -13.13 44.87
C ALA E 302 -22.45 -12.05 44.97
N CYS E 303 -23.72 -12.44 45.30
CA CYS E 303 -24.87 -11.53 45.49
C CYS E 303 -24.57 -10.53 46.60
N PHE E 304 -23.85 -10.98 47.66
CA PHE E 304 -23.59 -10.19 48.86
C PHE E 304 -22.15 -9.65 49.00
N GLY E 305 -21.47 -9.49 47.86
CA GLY E 305 -20.16 -8.85 47.82
C GLY E 305 -18.91 -9.59 47.46
N LEU E 306 -18.93 -10.93 47.40
CA LEU E 306 -17.72 -11.71 47.07
C LEU E 306 -17.34 -11.53 45.61
N ALA E 307 -16.21 -10.84 45.38
CA ALA E 307 -15.72 -10.51 44.05
C ALA E 307 -14.45 -11.27 43.66
N ARG E 308 -14.35 -11.64 42.38
CA ARG E 308 -13.22 -12.38 41.82
C ARG E 308 -11.92 -11.54 41.79
N GLU E 309 -12.02 -10.20 41.70
CA GLU E 309 -10.82 -9.36 41.75
C GLU E 309 -10.21 -9.37 43.16
N GLY E 310 -11.03 -9.74 44.14
CA GLY E 310 -10.67 -9.78 45.56
C GLY E 310 -11.48 -8.80 46.39
N ASN E 311 -11.34 -8.93 47.72
CA ASN E 311 -12.01 -8.09 48.73
C ASN E 311 -11.08 -7.89 49.91
N HIS E 312 -11.24 -6.78 50.62
CA HIS E 312 -10.48 -6.48 51.84
C HIS E 312 -11.33 -5.63 52.79
N LYS E 313 -10.91 -5.52 54.06
CA LYS E 313 -11.59 -4.73 55.11
C LYS E 313 -11.07 -3.28 55.08
N PRO E 314 -11.82 -2.27 55.58
CA PRO E 314 -11.30 -0.88 55.52
C PRO E 314 -10.21 -0.55 56.56
N ILE E 315 -8.99 -1.10 56.31
CA ILE E 315 -7.76 -0.93 57.10
C ILE E 315 -6.54 -0.81 56.15
N ASP E 316 -5.37 -0.41 56.69
CA ASP E 316 -4.12 -0.32 55.92
C ASP E 316 -3.40 -1.65 56.11
N TYR E 317 -3.46 -2.54 55.08
CA TYR E 317 -2.83 -3.86 55.09
C TYR E 317 -1.31 -3.75 55.04
N LEU E 318 -0.79 -2.65 54.49
CA LEU E 318 0.65 -2.37 54.39
C LEU E 318 1.25 -1.80 55.70
N ASN E 319 0.40 -1.54 56.72
CA ASN E 319 0.81 -1.04 58.03
C ASN E 319 0.64 -2.12 59.10
N ALA F 3 30.63 50.13 -40.46
CA ALA F 3 31.37 50.05 -39.19
C ALA F 3 32.54 49.07 -39.28
N LYS F 4 33.53 49.20 -38.37
CA LYS F 4 34.72 48.35 -38.31
C LYS F 4 34.40 46.86 -38.09
N SER F 5 33.27 46.55 -37.41
CA SER F 5 32.80 45.20 -37.13
C SER F 5 31.93 44.65 -38.29
N ARG F 6 31.63 45.52 -39.30
CA ARG F 6 30.83 45.14 -40.46
C ARG F 6 31.61 45.26 -41.78
N THR F 7 32.87 45.72 -41.73
CA THR F 7 33.76 45.87 -42.88
C THR F 7 34.43 44.51 -43.12
N ILE F 8 34.13 43.87 -44.27
CA ILE F 8 34.58 42.49 -44.57
C ILE F 8 35.35 42.35 -45.89
N GLY F 9 36.28 41.40 -45.90
CA GLY F 9 37.09 41.01 -47.06
C GLY F 9 36.96 39.52 -47.31
N ILE F 10 35.93 39.13 -48.10
CA ILE F 10 35.61 37.74 -48.45
C ILE F 10 36.72 37.08 -49.25
N ILE F 11 37.19 35.90 -48.82
CA ILE F 11 38.19 35.08 -49.51
C ILE F 11 37.55 33.71 -49.76
N GLY F 12 37.79 33.17 -50.94
CA GLY F 12 37.35 31.82 -51.30
C GLY F 12 38.55 30.90 -51.28
N ALA F 13 38.44 29.78 -50.55
CA ALA F 13 39.49 28.78 -50.45
C ALA F 13 38.96 27.42 -51.00
N PRO F 14 38.88 27.26 -52.34
CA PRO F 14 38.37 25.99 -52.88
C PRO F 14 39.40 24.86 -52.80
N PHE F 15 39.56 24.31 -51.59
CA PHE F 15 40.53 23.25 -51.29
C PHE F 15 39.92 22.04 -50.55
N SER F 16 40.31 20.80 -50.97
CA SER F 16 39.77 19.57 -50.38
C SER F 16 40.79 18.55 -49.84
N LYS F 17 42.03 18.53 -50.37
CA LYS F 17 43.10 17.55 -50.07
C LYS F 17 43.59 17.49 -48.58
N GLY F 18 42.89 18.13 -47.65
CA GLY F 18 43.21 18.06 -46.23
C GLY F 18 42.54 16.87 -45.54
N GLN F 19 41.60 16.24 -46.25
CA GLN F 19 40.83 15.06 -45.88
C GLN F 19 40.53 14.28 -47.18
N PRO F 20 40.07 13.00 -47.14
CA PRO F 20 39.93 12.27 -48.40
C PRO F 20 38.56 12.28 -49.07
N ARG F 21 37.62 13.12 -48.60
CA ARG F 21 36.28 13.15 -49.19
C ARG F 21 36.09 14.36 -50.09
N GLY F 22 36.01 14.12 -51.39
CA GLY F 22 35.82 15.16 -52.39
C GLY F 22 34.50 15.88 -52.25
N GLY F 23 34.45 17.10 -52.78
CA GLY F 23 33.25 17.93 -52.77
C GLY F 23 33.27 19.10 -51.81
N VAL F 24 34.18 19.09 -50.81
CA VAL F 24 34.31 20.16 -49.82
C VAL F 24 34.96 21.44 -50.47
N GLU F 25 35.68 21.27 -51.59
CA GLU F 25 36.31 22.36 -52.35
C GLU F 25 35.23 23.18 -53.11
N GLU F 26 33.97 22.69 -53.08
CA GLU F 26 32.81 23.34 -53.69
C GLU F 26 32.06 24.17 -52.66
N GLY F 27 32.49 24.08 -51.39
CA GLY F 27 31.95 24.85 -50.27
C GLY F 27 31.86 26.34 -50.53
N PRO F 28 32.91 27.05 -51.06
CA PRO F 28 32.77 28.50 -51.31
C PRO F 28 31.70 28.87 -52.34
N THR F 29 31.54 28.04 -53.39
CA THR F 29 30.57 28.20 -54.48
C THR F 29 29.12 28.18 -53.98
N VAL F 30 28.74 27.15 -53.18
CA VAL F 30 27.38 26.97 -52.65
C VAL F 30 26.95 28.11 -51.74
N LEU F 31 27.90 28.64 -50.95
CA LEU F 31 27.68 29.74 -50.00
C LEU F 31 27.46 31.04 -50.75
N ARG F 32 28.13 31.24 -51.90
CA ARG F 32 27.97 32.43 -52.76
C ARG F 32 26.60 32.36 -53.42
N LYS F 33 26.24 31.16 -53.96
CA LYS F 33 24.96 30.84 -54.60
C LYS F 33 23.77 31.14 -53.67
N ALA F 34 23.93 30.91 -52.35
CA ALA F 34 22.93 31.19 -51.31
C ALA F 34 22.64 32.70 -51.19
N GLY F 35 23.55 33.51 -51.72
CA GLY F 35 23.45 34.96 -51.72
C GLY F 35 23.98 35.59 -50.45
N LEU F 36 25.07 35.02 -49.89
CA LEU F 36 25.72 35.52 -48.67
C LEU F 36 26.20 36.96 -48.77
N LEU F 37 26.88 37.29 -49.86
CA LEU F 37 27.45 38.64 -50.07
C LEU F 37 26.36 39.70 -50.14
N GLU F 38 25.27 39.40 -50.85
CA GLU F 38 24.07 40.24 -50.99
C GLU F 38 23.36 40.35 -49.62
N LYS F 39 23.28 39.23 -48.85
CA LYS F 39 22.66 39.17 -47.52
C LYS F 39 23.44 39.97 -46.49
N LEU F 40 24.77 39.98 -46.63
CA LEU F 40 25.63 40.78 -45.77
C LEU F 40 25.49 42.27 -46.14
N LYS F 41 25.37 42.58 -47.47
CA LYS F 41 25.20 43.95 -47.98
C LYS F 41 23.91 44.63 -47.48
N GLU F 42 22.82 43.86 -47.30
CA GLU F 42 21.53 44.35 -46.79
C GLU F 42 21.60 44.61 -45.27
N GLN F 43 22.68 44.12 -44.63
CA GLN F 43 22.96 44.16 -43.19
C GLN F 43 23.95 45.28 -42.84
N GLU F 44 23.99 46.36 -43.66
CA GLU F 44 24.86 47.54 -43.49
C GLU F 44 26.38 47.23 -43.58
N CYS F 45 26.73 46.07 -44.18
CA CYS F 45 28.12 45.63 -44.32
C CYS F 45 28.80 46.20 -45.55
N ASP F 46 30.09 46.53 -45.41
CA ASP F 46 30.96 46.99 -46.48
C ASP F 46 31.63 45.71 -46.94
N VAL F 47 31.16 45.17 -48.07
CA VAL F 47 31.66 43.90 -48.59
C VAL F 47 32.53 44.08 -49.83
N LYS F 48 33.77 43.59 -49.75
CA LYS F 48 34.75 43.52 -50.83
C LYS F 48 35.10 42.05 -51.01
N ASP F 49 34.86 41.55 -52.22
CA ASP F 49 35.14 40.18 -52.61
C ASP F 49 36.57 40.09 -53.15
N TYR F 50 37.35 39.14 -52.64
CA TYR F 50 38.73 38.90 -53.09
C TYR F 50 38.80 37.66 -53.98
N GLY F 51 37.63 37.12 -54.29
CA GLY F 51 37.44 35.96 -55.16
C GLY F 51 37.83 34.65 -54.52
N ASP F 52 37.99 33.61 -55.38
CA ASP F 52 38.39 32.26 -54.99
C ASP F 52 39.87 32.05 -55.35
N LEU F 53 40.70 31.75 -54.33
CA LEU F 53 42.15 31.51 -54.50
C LEU F 53 42.40 30.35 -55.46
N PRO F 54 43.24 30.52 -56.49
CA PRO F 54 43.49 29.40 -57.40
C PRO F 54 44.50 28.41 -56.82
N PHE F 55 44.04 27.19 -56.53
CA PHE F 55 44.90 26.13 -56.00
C PHE F 55 45.23 25.11 -57.07
N ALA F 56 46.49 25.13 -57.54
CA ALA F 56 46.99 24.22 -58.57
C ALA F 56 47.26 22.85 -58.00
N ASP F 57 46.93 21.80 -58.77
CA ASP F 57 47.14 20.40 -58.39
C ASP F 57 48.63 20.12 -58.49
N ILE F 58 49.26 19.85 -57.32
CA ILE F 58 50.68 19.55 -57.24
C ILE F 58 50.90 18.05 -57.57
N PRO F 59 51.52 17.72 -58.73
CA PRO F 59 51.72 16.30 -59.08
C PRO F 59 52.92 15.70 -58.34
N ASN F 60 52.93 14.35 -58.22
CA ASN F 60 53.97 13.54 -57.56
C ASN F 60 54.18 13.93 -56.07
N ASP F 61 53.06 14.22 -55.38
CA ASP F 61 53.04 14.60 -53.96
C ASP F 61 52.88 13.34 -53.09
N SER F 62 54.00 12.58 -52.94
CA SER F 62 54.08 11.34 -52.15
C SER F 62 53.74 11.59 -50.67
N PRO F 63 53.10 10.62 -49.96
CA PRO F 63 52.74 10.88 -48.55
C PRO F 63 53.92 10.97 -47.60
N PHE F 64 53.79 11.80 -46.54
CA PHE F 64 54.81 11.94 -45.50
C PHE F 64 54.36 10.97 -44.41
N GLN F 65 54.90 9.72 -44.46
CA GLN F 65 54.54 8.58 -43.60
C GLN F 65 53.08 8.22 -43.89
N ILE F 66 52.13 8.66 -43.03
CA ILE F 66 50.69 8.43 -43.22
C ILE F 66 49.99 9.73 -43.68
N VAL F 67 50.65 10.90 -43.48
CA VAL F 67 50.19 12.24 -43.85
C VAL F 67 50.04 12.36 -45.37
N LYS F 68 48.77 12.39 -45.86
CA LYS F 68 48.39 12.44 -47.28
C LYS F 68 48.45 13.85 -47.88
N ASN F 69 49.00 13.97 -49.11
CA ASN F 69 49.20 15.20 -49.91
C ASN F 69 49.77 16.42 -49.10
N PRO F 70 50.93 16.30 -48.38
CA PRO F 70 51.39 17.45 -47.57
C PRO F 70 51.81 18.71 -48.34
N ARG F 71 52.39 18.57 -49.54
CA ARG F 71 52.84 19.73 -50.35
C ARG F 71 51.67 20.56 -50.87
N SER F 72 50.56 19.87 -51.22
CA SER F 72 49.32 20.47 -51.70
C SER F 72 48.62 21.26 -50.58
N VAL F 73 48.60 20.70 -49.35
CA VAL F 73 48.01 21.30 -48.15
C VAL F 73 48.83 22.50 -47.64
N GLY F 74 50.15 22.36 -47.63
CA GLY F 74 51.08 23.39 -47.19
C GLY F 74 51.03 24.66 -48.01
N LYS F 75 50.93 24.51 -49.35
CA LYS F 75 50.85 25.61 -50.32
C LYS F 75 49.47 26.25 -50.32
N ALA F 76 48.41 25.45 -50.09
CA ALA F 76 47.03 25.95 -50.03
C ALA F 76 46.90 26.97 -48.89
N SER F 77 47.53 26.66 -47.74
CA SER F 77 47.53 27.49 -46.54
C SER F 77 48.58 28.62 -46.63
N GLU F 78 49.59 28.49 -47.52
CA GLU F 78 50.59 29.55 -47.71
C GLU F 78 49.96 30.69 -48.53
N GLN F 79 49.13 30.32 -49.55
CA GLN F 79 48.41 31.23 -50.43
C GLN F 79 47.33 32.01 -49.65
N LEU F 80 46.70 31.34 -48.66
CA LEU F 80 45.65 31.92 -47.83
C LEU F 80 46.23 32.86 -46.77
N ALA F 81 47.42 32.53 -46.22
CA ALA F 81 48.13 33.37 -45.24
C ALA F 81 48.50 34.71 -45.86
N GLY F 82 48.92 34.71 -47.12
CA GLY F 82 49.27 35.93 -47.85
C GLY F 82 48.06 36.80 -48.14
N LYS F 83 46.91 36.16 -48.45
CA LYS F 83 45.64 36.83 -48.74
C LYS F 83 45.00 37.41 -47.48
N VAL F 84 44.92 36.62 -46.36
CA VAL F 84 44.38 37.05 -45.06
C VAL F 84 45.17 38.28 -44.53
N ALA F 85 46.52 38.26 -44.65
CA ALA F 85 47.41 39.35 -44.24
C ALA F 85 47.13 40.63 -45.05
N GLU F 86 46.82 40.48 -46.36
CA GLU F 86 46.48 41.56 -47.30
C GLU F 86 45.12 42.19 -46.92
N VAL F 87 44.12 41.36 -46.60
CA VAL F 87 42.77 41.78 -46.18
C VAL F 87 42.87 42.54 -44.84
N LYS F 88 43.67 42.01 -43.89
CA LYS F 88 43.90 42.60 -42.57
C LYS F 88 44.61 43.95 -42.60
N LYS F 89 45.48 44.16 -43.61
CA LYS F 89 46.17 45.44 -43.79
C LYS F 89 45.23 46.47 -44.40
N ASN F 90 44.18 46.01 -45.09
CA ASN F 90 43.18 46.86 -45.73
C ASN F 90 42.04 47.31 -44.79
N GLY F 91 42.19 47.02 -43.50
CA GLY F 91 41.23 47.37 -42.46
C GLY F 91 39.94 46.56 -42.54
N ARG F 92 39.99 45.38 -43.19
CA ARG F 92 38.83 44.51 -43.36
C ARG F 92 38.96 43.20 -42.59
N ILE F 93 37.84 42.74 -41.99
CA ILE F 93 37.76 41.44 -41.31
C ILE F 93 37.85 40.38 -42.40
N SER F 94 38.76 39.42 -42.28
CA SER F 94 38.82 38.37 -43.29
C SER F 94 37.71 37.34 -43.06
N LEU F 95 37.16 36.82 -44.15
CA LEU F 95 36.12 35.79 -44.11
C LEU F 95 36.51 34.70 -45.08
N VAL F 96 37.06 33.60 -44.53
CA VAL F 96 37.51 32.44 -45.29
C VAL F 96 36.37 31.46 -45.47
N LEU F 97 36.05 31.15 -46.74
CA LEU F 97 35.03 30.17 -47.05
C LEU F 97 35.75 28.87 -47.43
N GLY F 98 35.49 27.84 -46.64
CA GLY F 98 36.06 26.51 -46.84
C GLY F 98 35.17 25.63 -47.70
N GLY F 99 35.69 24.50 -48.19
CA GLY F 99 37.06 24.05 -47.92
C GLY F 99 37.22 23.36 -46.58
N ASP F 100 38.15 22.39 -46.51
CA ASP F 100 38.41 21.65 -45.27
C ASP F 100 39.20 22.51 -44.25
N HIS F 101 39.20 22.07 -42.97
CA HIS F 101 39.79 22.80 -41.85
C HIS F 101 41.34 22.83 -41.78
N SER F 102 42.07 22.26 -42.78
CA SER F 102 43.53 22.34 -42.77
C SER F 102 43.99 23.77 -43.12
N LEU F 103 43.13 24.52 -43.85
CA LEU F 103 43.31 25.91 -44.28
C LEU F 103 43.41 26.89 -43.10
N ALA F 104 43.04 26.43 -41.88
CA ALA F 104 43.13 27.18 -40.61
C ALA F 104 44.60 27.49 -40.25
N ILE F 105 45.55 26.73 -40.82
CA ILE F 105 46.99 26.92 -40.63
C ILE F 105 47.37 28.27 -41.26
N GLY F 106 46.93 28.49 -42.49
CA GLY F 106 47.19 29.73 -43.21
C GLY F 106 46.31 30.87 -42.77
N SER F 107 45.05 30.57 -42.41
CA SER F 107 44.11 31.58 -41.97
C SER F 107 44.58 32.31 -40.68
N ILE F 108 44.87 31.55 -39.61
CA ILE F 108 45.33 32.12 -38.33
C ILE F 108 46.74 32.77 -38.47
N SER F 109 47.70 32.11 -39.17
CA SER F 109 49.06 32.63 -39.37
C SER F 109 49.06 34.00 -40.08
N GLY F 110 48.33 34.07 -41.20
CA GLY F 110 48.18 35.27 -42.01
C GLY F 110 47.61 36.43 -41.23
N HIS F 111 46.64 36.13 -40.37
CA HIS F 111 45.94 37.06 -39.48
C HIS F 111 46.92 37.58 -38.39
N ALA F 112 47.71 36.66 -37.78
CA ALA F 112 48.69 36.93 -36.73
C ALA F 112 49.88 37.80 -37.16
N ARG F 113 50.17 37.85 -38.48
CA ARG F 113 51.24 38.69 -39.04
C ARG F 113 50.94 40.18 -38.78
N VAL F 114 49.69 40.62 -39.10
CA VAL F 114 49.22 41.99 -38.88
C VAL F 114 48.82 42.16 -37.42
N HIS F 115 48.18 41.13 -36.82
CA HIS F 115 47.73 41.19 -35.43
C HIS F 115 48.31 40.04 -34.57
N PRO F 116 49.55 40.20 -34.01
CA PRO F 116 50.15 39.13 -33.21
C PRO F 116 49.49 38.80 -31.87
N ASP F 117 48.72 39.74 -31.28
CA ASP F 117 48.04 39.61 -29.98
C ASP F 117 46.66 38.89 -30.02
N LEU F 118 46.34 38.18 -31.12
CA LEU F 118 45.03 37.54 -31.30
C LEU F 118 44.73 36.32 -30.42
N GLY F 119 43.46 36.23 -30.07
CA GLY F 119 42.87 35.11 -29.34
C GLY F 119 42.14 34.26 -30.37
N VAL F 120 42.02 32.95 -30.08
CA VAL F 120 41.34 32.02 -31.00
C VAL F 120 40.14 31.36 -30.36
N ILE F 121 38.96 31.47 -31.02
CA ILE F 121 37.74 30.78 -30.60
C ILE F 121 37.55 29.72 -31.65
N TRP F 122 37.58 28.44 -31.23
CA TRP F 122 37.47 27.28 -32.10
C TRP F 122 36.19 26.48 -31.81
N VAL F 123 35.15 26.67 -32.64
CA VAL F 123 33.88 25.97 -32.53
C VAL F 123 33.99 24.74 -33.42
N ASP F 124 33.91 23.53 -32.82
CA ASP F 124 34.09 22.25 -33.52
C ASP F 124 33.76 21.09 -32.58
N ALA F 125 33.45 19.91 -33.14
CA ALA F 125 33.26 18.70 -32.36
C ALA F 125 34.65 18.11 -32.04
N HIS F 126 35.68 18.59 -32.77
CA HIS F 126 37.05 18.11 -32.67
C HIS F 126 38.07 19.17 -32.26
N THR F 127 39.15 18.73 -31.56
CA THR F 127 40.26 19.56 -31.09
C THR F 127 41.21 19.93 -32.24
N ASP F 128 41.27 19.07 -33.29
CA ASP F 128 42.14 19.23 -34.47
C ASP F 128 43.61 19.54 -34.04
N ILE F 129 44.13 18.76 -33.09
CA ILE F 129 45.44 18.98 -32.47
C ILE F 129 46.40 17.76 -32.58
N ASN F 130 46.11 16.85 -33.52
CA ASN F 130 46.96 15.71 -33.80
C ASN F 130 48.19 16.20 -34.54
N THR F 131 49.36 15.70 -34.16
CA THR F 131 50.63 16.06 -34.80
C THR F 131 50.80 15.12 -36.01
N PRO F 132 51.72 15.37 -36.98
CA PRO F 132 51.88 14.41 -38.10
C PRO F 132 52.35 13.01 -37.63
N LEU F 133 52.60 12.87 -36.32
CA LEU F 133 53.03 11.65 -35.65
C LEU F 133 51.91 10.99 -34.82
N THR F 134 51.07 11.79 -34.09
CA THR F 134 49.97 11.23 -33.29
C THR F 134 48.78 10.72 -34.16
N THR F 135 48.62 11.25 -35.40
CA THR F 135 47.55 10.84 -36.32
C THR F 135 47.61 9.35 -36.67
N THR F 136 46.43 8.76 -36.89
CA THR F 136 46.28 7.34 -37.24
C THR F 136 45.76 7.21 -38.68
N SER F 137 44.88 8.15 -39.08
CA SER F 137 44.26 8.27 -40.42
C SER F 137 45.14 9.02 -41.43
N GLY F 138 45.94 9.97 -40.94
CA GLY F 138 46.85 10.77 -41.76
C GLY F 138 46.25 11.96 -42.49
N ASN F 139 45.10 12.46 -42.02
CA ASN F 139 44.40 13.60 -42.63
C ASN F 139 44.82 14.91 -41.98
N LEU F 140 45.19 15.89 -42.81
CA LEU F 140 45.68 17.19 -42.35
C LEU F 140 44.59 18.12 -41.77
N HIS F 141 43.29 17.81 -41.97
CA HIS F 141 42.18 18.61 -41.43
C HIS F 141 42.00 18.39 -39.89
N GLY F 142 42.67 17.39 -39.34
CA GLY F 142 42.68 17.06 -37.92
C GLY F 142 43.99 17.44 -37.23
N GLN F 143 44.84 18.18 -37.95
CA GLN F 143 46.17 18.61 -37.53
C GLN F 143 46.39 20.15 -37.37
N PRO F 144 45.48 21.05 -37.88
CA PRO F 144 45.77 22.50 -37.85
C PRO F 144 46.32 23.12 -36.58
N VAL F 145 45.74 22.82 -35.41
CA VAL F 145 46.15 23.47 -34.17
C VAL F 145 47.60 23.08 -33.76
N SER F 146 48.07 21.84 -34.09
CA SER F 146 49.45 21.41 -33.78
C SER F 146 50.52 22.23 -34.53
N PHE F 147 50.18 22.72 -35.74
CA PHE F 147 51.08 23.56 -36.56
C PHE F 147 51.18 25.01 -36.06
N LEU F 148 50.13 25.54 -35.39
CA LEU F 148 50.07 26.92 -34.89
C LEU F 148 50.59 27.12 -33.45
N LEU F 149 50.56 26.04 -32.63
CA LEU F 149 50.98 26.07 -31.23
C LEU F 149 52.50 26.13 -31.04
N LYS F 150 52.95 27.01 -30.12
CA LYS F 150 54.35 27.25 -29.76
C LYS F 150 54.94 26.22 -28.77
N GLU F 151 54.07 25.60 -27.94
CA GLU F 151 54.47 24.60 -26.94
C GLU F 151 54.66 23.24 -27.59
N LEU F 152 54.10 23.08 -28.80
CA LEU F 152 54.21 21.86 -29.59
C LEU F 152 55.38 21.96 -30.58
N LYS F 153 56.10 23.11 -30.55
CA LYS F 153 57.25 23.36 -31.40
C LYS F 153 58.38 22.46 -30.91
N GLY F 154 58.80 21.55 -31.78
CA GLY F 154 59.81 20.54 -31.49
C GLY F 154 59.17 19.16 -31.36
N LYS F 155 57.91 19.03 -31.82
CA LYS F 155 57.11 17.81 -31.82
C LYS F 155 56.52 17.68 -33.24
N ILE F 156 56.66 18.75 -34.03
CA ILE F 156 56.22 18.84 -35.42
C ILE F 156 57.48 18.62 -36.28
N PRO F 157 57.56 17.52 -37.06
CA PRO F 157 58.78 17.29 -37.86
C PRO F 157 58.85 18.17 -39.11
N ASP F 158 59.91 18.04 -39.90
CA ASP F 158 60.04 18.82 -41.12
C ASP F 158 59.17 18.18 -42.23
N VAL F 159 57.93 18.69 -42.36
CA VAL F 159 56.91 18.23 -43.31
C VAL F 159 57.03 19.01 -44.66
N PRO F 160 56.94 18.34 -45.84
CA PRO F 160 57.08 19.07 -47.11
C PRO F 160 55.91 20.02 -47.43
N GLY F 161 56.24 21.30 -47.60
CA GLY F 161 55.29 22.35 -47.91
C GLY F 161 54.95 23.25 -46.73
N PHE F 162 55.39 22.88 -45.52
CA PHE F 162 55.16 23.59 -44.26
C PHE F 162 56.43 24.24 -43.68
N SER F 163 57.44 24.42 -44.53
CA SER F 163 58.71 25.07 -44.19
C SER F 163 58.48 26.54 -43.79
N TRP F 164 57.47 27.17 -44.45
CA TRP F 164 57.03 28.55 -44.23
C TRP F 164 56.45 28.80 -42.83
N VAL F 165 55.79 27.77 -42.25
CA VAL F 165 55.09 27.79 -40.96
C VAL F 165 56.02 28.15 -39.80
N THR F 166 55.55 29.09 -38.98
CA THR F 166 56.13 29.56 -37.73
C THR F 166 54.94 29.57 -36.74
N PRO F 167 55.04 28.90 -35.56
CA PRO F 167 53.90 28.91 -34.62
C PRO F 167 53.59 30.32 -34.13
N CYS F 168 52.30 30.68 -34.09
CA CYS F 168 51.85 32.03 -33.74
C CYS F 168 51.04 32.12 -32.43
N ILE F 169 50.49 31.01 -31.94
CA ILE F 169 49.70 31.02 -30.71
C ILE F 169 50.27 30.11 -29.60
N SER F 170 50.13 30.56 -28.35
CA SER F 170 50.47 29.79 -27.16
C SER F 170 49.17 29.10 -26.74
N ALA F 171 49.26 27.90 -26.15
CA ALA F 171 48.14 27.07 -25.68
C ALA F 171 47.06 27.86 -24.92
N LYS F 172 47.47 28.94 -24.24
CA LYS F 172 46.62 29.81 -23.44
C LYS F 172 45.89 30.91 -24.24
N ASP F 173 46.06 30.94 -25.58
CA ASP F 173 45.41 31.93 -26.45
C ASP F 173 44.29 31.34 -27.30
N ILE F 174 43.87 30.10 -26.99
CA ILE F 174 42.81 29.38 -27.72
C ILE F 174 41.76 28.79 -26.75
N VAL F 175 40.46 28.89 -27.12
CA VAL F 175 39.35 28.29 -26.37
C VAL F 175 38.52 27.45 -27.34
N TYR F 176 38.24 26.20 -26.97
CA TYR F 176 37.43 25.27 -27.75
C TYR F 176 36.01 25.22 -27.23
N ILE F 177 35.02 25.08 -28.14
CA ILE F 177 33.59 24.96 -27.81
C ILE F 177 32.93 23.92 -28.74
N GLY F 178 32.33 22.89 -28.12
CA GLY F 178 31.59 21.86 -28.83
C GLY F 178 32.17 20.46 -28.92
N LEU F 179 33.37 20.22 -28.35
CA LEU F 179 34.11 18.95 -28.40
C LEU F 179 33.34 17.78 -27.81
N ARG F 180 33.23 16.70 -28.58
CA ARG F 180 32.54 15.48 -28.19
C ARG F 180 33.12 14.26 -28.89
N ASP F 181 34.24 14.45 -29.63
CA ASP F 181 34.92 13.37 -30.36
C ASP F 181 36.44 13.66 -30.42
N VAL F 182 37.11 13.44 -29.27
CA VAL F 182 38.53 13.72 -29.08
C VAL F 182 39.38 12.42 -28.94
N ASP F 183 40.25 12.17 -29.95
CA ASP F 183 41.19 11.03 -30.04
C ASP F 183 42.12 10.93 -28.81
N PRO F 184 42.59 9.71 -28.38
CA PRO F 184 43.46 9.63 -27.18
C PRO F 184 44.68 10.56 -27.16
N GLY F 185 45.42 10.61 -28.27
CA GLY F 185 46.57 11.49 -28.43
C GLY F 185 46.23 12.95 -28.24
N GLU F 186 45.10 13.39 -28.83
CA GLU F 186 44.58 14.76 -28.72
C GLU F 186 44.21 15.11 -27.27
N HIS F 187 43.58 14.16 -26.55
CA HIS F 187 43.17 14.38 -25.16
C HIS F 187 44.37 14.56 -24.23
N TYR F 188 45.47 13.80 -24.47
CA TYR F 188 46.70 13.93 -23.70
C TYR F 188 47.23 15.36 -23.88
N ILE F 189 47.38 15.81 -25.16
CA ILE F 189 47.86 17.14 -25.56
C ILE F 189 47.03 18.26 -24.87
N LEU F 190 45.70 18.16 -24.94
CA LEU F 190 44.73 19.09 -24.33
C LEU F 190 44.90 19.33 -22.80
N LYS F 191 45.23 18.28 -22.03
CA LYS F 191 45.35 18.37 -20.57
C LYS F 191 46.77 18.73 -20.10
N THR F 192 47.79 18.27 -20.84
CA THR F 192 49.20 18.53 -20.54
C THR F 192 49.58 19.98 -20.87
N LEU F 193 48.84 20.59 -21.81
CA LEU F 193 49.03 21.98 -22.22
C LEU F 193 48.02 22.92 -21.55
N GLY F 194 47.18 22.33 -20.70
CA GLY F 194 46.14 23.00 -19.91
C GLY F 194 45.25 24.00 -20.63
N ILE F 195 45.04 23.79 -21.96
CA ILE F 195 44.20 24.63 -22.87
C ILE F 195 42.78 24.77 -22.30
N LYS F 196 42.20 25.98 -22.39
CA LYS F 196 40.83 26.23 -21.95
C LYS F 196 39.87 25.58 -22.95
N TYR F 197 38.87 24.85 -22.43
CA TYR F 197 37.92 24.16 -23.29
C TYR F 197 36.55 24.00 -22.70
N PHE F 198 35.55 24.03 -23.60
CA PHE F 198 34.18 23.81 -23.25
C PHE F 198 33.63 22.70 -24.12
N SER F 199 33.87 21.46 -23.66
CA SER F 199 33.35 20.28 -24.34
C SER F 199 31.84 20.28 -24.10
N MET F 200 31.08 19.48 -24.84
CA MET F 200 29.63 19.38 -24.68
C MET F 200 29.22 19.21 -23.20
N THR F 201 30.03 18.46 -22.42
CA THR F 201 29.81 18.19 -20.99
C THR F 201 29.69 19.48 -20.19
N GLU F 202 30.56 20.46 -20.48
CA GLU F 202 30.60 21.79 -19.86
C GLU F 202 29.42 22.66 -20.34
N VAL F 203 29.09 22.59 -21.66
CA VAL F 203 27.95 23.28 -22.29
C VAL F 203 26.66 22.83 -21.60
N ASP F 204 26.52 21.50 -21.34
CA ASP F 204 25.37 20.88 -20.67
C ASP F 204 25.24 21.38 -19.22
N ARG F 205 26.35 21.30 -18.46
CA ARG F 205 26.52 21.69 -17.05
C ARG F 205 26.18 23.17 -16.79
N LEU F 206 26.83 24.06 -17.56
CA LEU F 206 26.74 25.51 -17.41
C LEU F 206 25.65 26.18 -18.21
N GLY F 207 25.44 25.73 -19.45
CA GLY F 207 24.51 26.33 -20.40
C GLY F 207 25.34 27.19 -21.33
N ILE F 208 24.82 27.55 -22.51
CA ILE F 208 25.61 28.36 -23.47
C ILE F 208 25.88 29.80 -22.98
N GLY F 209 25.03 30.32 -22.10
CA GLY F 209 25.15 31.64 -21.49
C GLY F 209 26.47 31.81 -20.77
N LYS F 210 26.68 31.02 -19.70
CA LYS F 210 27.90 31.00 -18.87
C LYS F 210 29.13 30.61 -19.71
N VAL F 211 28.97 29.63 -20.65
CA VAL F 211 30.05 29.18 -21.51
C VAL F 211 30.67 30.37 -22.26
N MET F 212 29.82 31.23 -22.87
CA MET F 212 30.25 32.43 -23.59
C MET F 212 30.83 33.48 -22.67
N GLU F 213 30.18 33.69 -21.52
CA GLU F 213 30.60 34.58 -20.44
C GLU F 213 32.05 34.23 -20.02
N GLU F 214 32.32 32.94 -19.73
CA GLU F 214 33.63 32.39 -19.36
C GLU F 214 34.66 32.45 -20.49
N THR F 215 34.23 32.21 -21.74
CA THR F 215 35.11 32.22 -22.93
C THR F 215 35.68 33.62 -23.20
N LEU F 216 34.80 34.63 -23.23
CA LEU F 216 35.16 36.01 -23.49
C LEU F 216 35.94 36.67 -22.33
N SER F 217 35.73 36.20 -21.08
CA SER F 217 36.45 36.70 -19.90
C SER F 217 37.88 36.19 -19.90
N TYR F 218 38.07 34.88 -20.19
CA TYR F 218 39.37 34.21 -20.27
C TYR F 218 40.25 34.87 -21.34
N LEU F 219 39.66 35.23 -22.49
CA LEU F 219 40.42 35.84 -23.59
C LEU F 219 40.60 37.36 -23.49
N LEU F 220 39.52 38.11 -23.18
CA LEU F 220 39.49 39.57 -23.13
C LEU F 220 39.30 40.17 -21.73
N GLY F 221 39.93 39.56 -20.73
CA GLY F 221 39.87 40.02 -19.34
C GLY F 221 40.92 41.06 -19.03
N ARG F 222 42.17 40.79 -19.45
CA ARG F 222 43.35 41.64 -19.26
C ARG F 222 43.22 42.98 -20.03
N LYS F 223 42.75 42.89 -21.30
CA LYS F 223 42.55 43.99 -22.25
C LYS F 223 41.90 43.44 -23.54
N LYS F 224 41.21 44.33 -24.30
CA LYS F 224 40.54 44.03 -25.58
C LYS F 224 41.58 43.50 -26.58
N ARG F 225 41.33 42.30 -27.13
CA ARG F 225 42.27 41.70 -28.08
C ARG F 225 41.55 41.15 -29.32
N PRO F 226 42.17 41.21 -30.52
CA PRO F 226 41.47 40.75 -31.74
C PRO F 226 41.07 39.27 -31.69
N ILE F 227 39.78 39.01 -31.97
CA ILE F 227 39.19 37.68 -31.94
C ILE F 227 39.25 37.01 -33.32
N HIS F 228 39.71 35.74 -33.35
CA HIS F 228 39.68 34.95 -34.55
C HIS F 228 38.75 33.78 -34.26
N LEU F 229 37.64 33.71 -35.01
CA LEU F 229 36.68 32.61 -34.87
C LEU F 229 36.90 31.61 -36.00
N SER F 230 37.29 30.39 -35.63
CA SER F 230 37.46 29.30 -36.59
C SER F 230 36.27 28.35 -36.29
N PHE F 231 35.29 28.34 -37.21
CA PHE F 231 34.06 27.57 -37.06
C PHE F 231 33.95 26.45 -38.07
N ASP F 232 33.97 25.21 -37.57
CA ASP F 232 33.75 23.99 -38.34
C ASP F 232 32.27 23.69 -38.12
N VAL F 233 31.53 23.45 -39.22
CA VAL F 233 30.07 23.17 -39.20
C VAL F 233 29.70 21.96 -38.33
N ASP F 234 30.57 20.93 -38.27
CA ASP F 234 30.36 19.72 -37.46
C ASP F 234 30.32 19.99 -35.94
N GLY F 235 30.61 21.22 -35.51
CA GLY F 235 30.47 21.65 -34.12
C GLY F 235 28.99 21.67 -33.74
N LEU F 236 28.12 21.91 -34.75
CA LEU F 236 26.66 21.88 -34.64
C LEU F 236 26.13 20.47 -34.89
N ASP F 237 24.94 20.20 -34.34
CA ASP F 237 24.30 18.88 -34.48
C ASP F 237 24.05 18.51 -35.95
N PRO F 238 24.31 17.24 -36.33
CA PRO F 238 24.05 16.82 -37.71
C PRO F 238 22.61 17.02 -38.21
N SER F 239 21.66 17.30 -37.28
CA SER F 239 20.26 17.60 -37.60
C SER F 239 20.13 19.01 -38.21
N PHE F 240 21.21 19.82 -38.09
CA PHE F 240 21.33 21.19 -38.58
C PHE F 240 22.36 21.33 -39.71
N THR F 241 23.51 20.64 -39.58
CA THR F 241 24.59 20.65 -40.58
C THR F 241 24.93 19.22 -41.09
N PRO F 242 23.99 18.47 -41.74
CA PRO F 242 24.33 17.11 -42.19
C PRO F 242 25.41 17.00 -43.28
N ALA F 243 25.48 17.97 -44.23
CA ALA F 243 26.45 17.96 -45.33
C ALA F 243 27.90 18.31 -44.90
N THR F 244 28.50 17.42 -44.11
CA THR F 244 29.86 17.54 -43.55
C THR F 244 30.59 16.19 -43.60
N GLY F 245 31.91 16.26 -43.65
CA GLY F 245 32.82 15.11 -43.70
C GLY F 245 32.83 14.21 -42.49
N THR F 246 32.85 14.80 -41.27
CA THR F 246 32.91 14.04 -40.01
C THR F 246 31.75 14.40 -39.06
N PRO F 247 30.51 13.89 -39.29
CA PRO F 247 29.41 14.23 -38.37
C PRO F 247 29.44 13.45 -37.07
N VAL F 248 29.16 14.13 -35.95
CA VAL F 248 29.14 13.58 -34.59
C VAL F 248 27.82 14.00 -33.91
N VAL F 249 27.04 13.01 -33.42
CA VAL F 249 25.75 13.23 -32.72
C VAL F 249 25.93 13.94 -31.37
N GLY F 250 24.83 14.48 -30.84
CA GLY F 250 24.79 15.20 -29.56
C GLY F 250 25.49 16.56 -29.62
N GLY F 251 25.35 17.23 -30.76
CA GLY F 251 25.98 18.51 -31.05
C GLY F 251 25.30 19.76 -30.56
N LEU F 252 25.96 20.90 -30.78
CA LEU F 252 25.44 22.23 -30.43
C LEU F 252 24.20 22.49 -31.24
N THR F 253 23.21 23.16 -30.65
CA THR F 253 21.97 23.45 -31.36
C THR F 253 22.16 24.64 -32.30
N TYR F 254 21.15 24.86 -33.17
CA TYR F 254 21.09 25.98 -34.10
C TYR F 254 21.05 27.28 -33.25
N ARG F 255 20.35 27.23 -32.10
CA ARG F 255 20.18 28.32 -31.14
C ARG F 255 21.49 28.67 -30.44
N GLU F 256 22.24 27.65 -29.98
CA GLU F 256 23.52 27.79 -29.31
C GLU F 256 24.54 28.41 -30.24
N GLY F 257 24.56 27.91 -31.47
CA GLY F 257 25.43 28.39 -32.53
C GLY F 257 25.28 29.86 -32.82
N LEU F 258 24.02 30.34 -32.84
CA LEU F 258 23.65 31.74 -33.06
C LEU F 258 23.96 32.57 -31.83
N TYR F 259 23.85 31.98 -30.65
CA TYR F 259 24.19 32.71 -29.42
C TYR F 259 25.70 32.95 -29.31
N ILE F 260 26.52 31.99 -29.80
CA ILE F 260 27.98 32.09 -29.78
C ILE F 260 28.41 33.26 -30.69
N THR F 261 27.89 33.28 -31.91
CA THR F 261 28.21 34.25 -32.95
C THR F 261 27.65 35.64 -32.60
N GLU F 262 26.49 35.69 -31.92
CA GLU F 262 25.87 36.95 -31.47
C GLU F 262 26.76 37.67 -30.44
N GLU F 263 27.16 36.95 -29.39
CA GLU F 263 28.02 37.49 -28.32
C GLU F 263 29.39 37.89 -28.81
N ILE F 264 29.94 37.18 -29.82
CA ILE F 264 31.24 37.48 -30.43
C ILE F 264 31.13 38.80 -31.20
N TYR F 265 30.05 38.98 -32.00
CA TYR F 265 29.80 40.24 -32.73
C TYR F 265 29.73 41.41 -31.75
N LYS F 266 28.93 41.23 -30.67
CA LYS F 266 28.68 42.19 -29.59
C LYS F 266 29.95 42.78 -28.96
N THR F 267 31.08 42.02 -28.92
CA THR F 267 32.36 42.49 -28.36
C THR F 267 32.99 43.55 -29.26
N GLY F 268 32.71 43.45 -30.55
CA GLY F 268 33.23 44.33 -31.59
C GLY F 268 34.71 44.05 -31.85
N LEU F 269 35.19 42.86 -31.44
CA LEU F 269 36.60 42.52 -31.54
C LEU F 269 36.94 41.42 -32.59
N LEU F 270 35.92 40.88 -33.32
CA LEU F 270 36.12 39.90 -34.39
C LEU F 270 36.95 40.56 -35.51
N SER F 271 38.05 39.90 -35.90
CA SER F 271 39.00 40.40 -36.91
C SER F 271 39.23 39.38 -38.01
N GLY F 272 38.91 38.13 -37.70
CA GLY F 272 39.08 37.01 -38.60
C GLY F 272 38.00 35.98 -38.36
N LEU F 273 37.47 35.42 -39.46
CA LEU F 273 36.43 34.41 -39.41
C LEU F 273 36.64 33.32 -40.46
N ASP F 274 36.42 32.05 -40.05
CA ASP F 274 36.52 30.87 -40.92
C ASP F 274 35.20 30.10 -40.88
N ILE F 275 34.69 29.73 -42.07
CA ILE F 275 33.47 28.93 -42.23
C ILE F 275 33.91 27.67 -43.00
N MET F 276 34.15 26.58 -42.24
CA MET F 276 34.73 25.35 -42.77
C MET F 276 33.86 24.07 -42.74
N GLU F 277 34.26 23.09 -43.59
CA GLU F 277 33.77 21.72 -43.74
C GLU F 277 32.35 21.56 -44.33
N VAL F 278 31.88 22.52 -45.16
CA VAL F 278 30.59 22.35 -45.84
C VAL F 278 30.87 21.57 -47.14
N ASN F 279 30.45 20.29 -47.18
CA ASN F 279 30.64 19.43 -48.34
C ASN F 279 29.26 19.14 -48.96
N PRO F 280 28.86 19.92 -50.01
CA PRO F 280 27.55 19.71 -50.65
C PRO F 280 27.31 18.30 -51.18
N SER F 281 28.39 17.60 -51.58
CA SER F 281 28.31 16.25 -52.15
C SER F 281 28.03 15.15 -51.09
N LEU F 282 27.99 15.51 -49.80
CA LEU F 282 27.78 14.55 -48.72
C LEU F 282 26.37 14.55 -48.10
N GLY F 283 25.49 15.42 -48.60
CA GLY F 283 24.10 15.45 -48.13
C GLY F 283 23.34 14.24 -48.64
N LYS F 284 22.55 13.60 -47.76
CA LYS F 284 21.75 12.40 -48.09
C LYS F 284 20.63 12.70 -49.09
N THR F 285 19.94 13.83 -48.89
CA THR F 285 18.87 14.38 -49.75
C THR F 285 19.36 15.77 -50.27
N PRO F 286 18.78 16.36 -51.34
CA PRO F 286 19.20 17.71 -51.76
C PRO F 286 18.83 18.76 -50.70
N GLU F 287 17.82 18.44 -49.86
CA GLU F 287 17.28 19.22 -48.73
C GLU F 287 18.31 19.28 -47.58
N GLU F 288 19.08 18.19 -47.36
CA GLU F 288 20.14 18.10 -46.34
C GLU F 288 21.25 19.13 -46.65
N VAL F 289 21.49 19.37 -47.96
CA VAL F 289 22.48 20.33 -48.46
C VAL F 289 22.02 21.76 -48.17
N THR F 290 20.77 22.12 -48.54
CA THR F 290 20.23 23.47 -48.32
C THR F 290 20.20 23.85 -46.83
N ARG F 291 19.86 22.87 -45.96
CA ARG F 291 19.82 23.01 -44.52
C ARG F 291 21.19 23.43 -43.99
N THR F 292 22.25 22.70 -44.40
CA THR F 292 23.66 22.93 -44.01
C THR F 292 24.16 24.29 -44.42
N VAL F 293 23.98 24.67 -45.71
CA VAL F 293 24.40 25.96 -46.27
C VAL F 293 23.59 27.10 -45.63
N ASN F 294 22.27 26.91 -45.42
CA ASN F 294 21.42 27.91 -44.79
C ASN F 294 21.77 28.15 -43.30
N THR F 295 22.22 27.08 -42.60
CA THR F 295 22.66 27.14 -41.20
C THR F 295 23.96 27.95 -41.15
N ALA F 296 24.94 27.57 -42.02
CA ALA F 296 26.24 28.24 -42.18
C ALA F 296 26.07 29.73 -42.54
N VAL F 297 25.08 30.07 -43.38
CA VAL F 297 24.80 31.46 -43.80
C VAL F 297 24.33 32.24 -42.59
N ALA F 298 23.32 31.70 -41.86
CA ALA F 298 22.74 32.28 -40.65
C ALA F 298 23.81 32.53 -39.57
N ILE F 299 24.75 31.58 -39.42
CA ILE F 299 25.90 31.66 -38.48
C ILE F 299 26.76 32.89 -38.82
N THR F 300 27.10 33.07 -40.11
CA THR F 300 27.91 34.18 -40.63
C THR F 300 27.21 35.54 -40.47
N LEU F 301 25.90 35.62 -40.78
CA LEU F 301 25.14 36.88 -40.63
C LEU F 301 25.11 37.39 -39.20
N ALA F 302 25.03 36.46 -38.23
CA ALA F 302 25.05 36.76 -36.80
C ALA F 302 26.45 37.24 -36.37
N CYS F 303 27.52 36.77 -37.07
CA CYS F 303 28.93 37.20 -36.86
C CYS F 303 29.08 38.67 -37.27
N PHE F 304 28.21 39.16 -38.17
CA PHE F 304 28.30 40.53 -38.69
C PHE F 304 27.07 41.43 -38.41
N GLY F 305 26.34 41.16 -37.31
CA GLY F 305 25.26 42.04 -36.89
C GLY F 305 23.87 41.52 -36.61
N LEU F 306 23.38 40.63 -37.47
CA LEU F 306 22.01 40.09 -37.40
C LEU F 306 21.68 39.42 -36.07
N ALA F 307 20.87 40.11 -35.24
CA ALA F 307 20.43 39.66 -33.92
C ALA F 307 19.00 39.12 -34.02
N ARG F 308 18.65 38.13 -33.16
CA ARG F 308 17.31 37.54 -33.15
C ARG F 308 16.27 38.47 -32.54
N GLU F 309 16.70 39.45 -31.71
CA GLU F 309 15.79 40.43 -31.11
C GLU F 309 15.33 41.47 -32.15
N GLY F 310 16.07 41.54 -33.26
CA GLY F 310 15.82 42.44 -34.39
C GLY F 310 16.88 43.51 -34.56
N ASN F 311 16.85 44.19 -35.72
CA ASN F 311 17.78 45.28 -36.06
C ASN F 311 17.01 46.49 -36.59
N HIS F 312 17.56 47.71 -36.45
CA HIS F 312 16.99 48.94 -37.00
C HIS F 312 18.07 49.96 -37.33
N LYS F 313 17.82 50.83 -38.31
CA LYS F 313 18.78 51.87 -38.75
C LYS F 313 18.73 53.11 -37.82
N PRO F 314 19.75 54.01 -37.77
CA PRO F 314 19.64 55.20 -36.88
C PRO F 314 18.71 56.31 -37.43
N ILE F 315 17.42 55.94 -37.60
CA ILE F 315 16.31 56.77 -38.09
C ILE F 315 15.10 56.55 -37.21
N ASP F 316 14.27 57.59 -37.02
CA ASP F 316 13.04 57.53 -36.23
C ASP F 316 11.96 56.92 -37.13
N TYR F 317 11.77 55.58 -37.03
CA TYR F 317 10.79 54.81 -37.81
C TYR F 317 9.33 55.26 -37.65
N LEU F 318 8.99 55.88 -36.50
CA LEU F 318 7.64 56.35 -36.19
C LEU F 318 7.28 57.73 -36.83
N ASN F 319 8.23 58.35 -37.57
CA ASN F 319 8.07 59.61 -38.28
C ASN F 319 7.69 59.39 -39.75
#